data_6HJM
#
_entry.id   6HJM
#
_cell.length_a   119.783
_cell.length_b   139.599
_cell.length_c   179.416
_cell.angle_alpha   90.00
_cell.angle_beta   90.00
_cell.angle_gamma   90.00
#
_symmetry.space_group_name_H-M   'P 21 21 21'
#
loop_
_entity.id
_entity.type
_entity.pdbx_description
1 polymer MglB
2 water water
#
_entity_poly.entity_id   1
_entity_poly.type   'polypeptide(L)'
_entity_poly.pdbx_seq_one_letter_code
;MGSSHHHHHHSSGLVPRGSHMASMTGGQQMGRGSGTQLVMYEEEFTKINAVCDRLTKDANAKVVFLVDKNGQLISSAGQT
QNIDTTSLASLTAGNVAAMGGLAKLIGENEFPNQFHEGAKDSLYMTIVGSRVVLVVIFDNRTSLGLVRLRIKKASDELTK
IFESLVKKTDSPGAGSPFAEISDDDIDNLFSE
;
_entity_poly.pdbx_strand_id   A,B,E,F,C,D,G,H,I,J,M,N,Q,R,K,L,O,P,S,T
#
# COMPACT_ATOMS: atom_id res chain seq x y z
N VAL A 39 -21.23 19.60 28.60
CA VAL A 39 -21.69 18.22 28.44
C VAL A 39 -21.22 17.61 27.10
N MET A 40 -20.16 18.16 26.49
CA MET A 40 -19.65 17.68 25.21
C MET A 40 -18.32 16.93 25.32
N TYR A 41 -18.39 15.61 25.07
CA TYR A 41 -17.26 14.68 25.04
C TYR A 41 -17.47 13.70 23.87
N GLU A 42 -16.90 13.90 22.66
CA GLU A 42 -15.97 14.90 22.10
C GLU A 42 -14.55 14.71 22.60
N GLU A 43 -14.28 15.07 23.86
CA GLU A 43 -12.97 14.89 24.47
C GLU A 43 -12.74 13.41 24.71
N GLU A 44 -13.77 12.67 25.16
CA GLU A 44 -13.63 11.24 25.47
C GLU A 44 -13.43 10.40 24.21
N PHE A 45 -14.05 10.82 23.08
CA PHE A 45 -13.90 10.14 21.80
C PHE A 45 -12.51 10.29 21.18
N THR A 46 -11.83 11.43 21.42
CA THR A 46 -10.47 11.69 20.95
C THR A 46 -9.47 10.79 21.71
N LYS A 47 -9.76 10.52 23.00
CA LYS A 47 -8.97 9.65 23.88
C LYS A 47 -9.03 8.21 23.39
N ILE A 48 -10.21 7.79 22.89
CA ILE A 48 -10.47 6.45 22.34
C ILE A 48 -9.60 6.22 21.09
N ASN A 49 -9.58 7.19 20.15
CA ASN A 49 -8.78 7.15 18.92
C ASN A 49 -7.28 7.12 19.22
N ALA A 50 -6.86 7.84 20.29
CA ALA A 50 -5.48 7.91 20.76
C ALA A 50 -5.00 6.54 21.25
N VAL A 51 -5.89 5.78 21.93
CA VAL A 51 -5.63 4.43 22.45
C VAL A 51 -5.40 3.49 21.25
N CYS A 52 -6.26 3.58 20.22
CA CYS A 52 -6.19 2.79 18.99
C CYS A 52 -4.93 3.08 18.18
N ASP A 53 -4.53 4.36 18.10
CA ASP A 53 -3.33 4.81 17.38
C ASP A 53 -2.06 4.31 18.07
N ARG A 54 -2.03 4.39 19.41
CA ARG A 54 -0.91 3.93 20.23
C ARG A 54 -0.77 2.41 20.15
N LEU A 55 -1.91 1.69 20.15
CA LEU A 55 -1.96 0.23 20.04
C LEU A 55 -1.40 -0.28 18.73
N THR A 56 -1.72 0.40 17.60
CA THR A 56 -1.24 0.03 16.27
C THR A 56 0.28 0.15 16.20
N LYS A 57 0.84 1.22 16.78
CA LYS A 57 2.28 1.49 16.78
C LYS A 57 3.04 0.60 17.77
N ASP A 58 2.60 0.59 19.05
CA ASP A 58 3.25 -0.18 20.12
C ASP A 58 3.17 -1.70 19.94
N ALA A 59 1.98 -2.26 19.64
CA ALA A 59 1.81 -3.69 19.41
C ALA A 59 2.29 -4.12 18.02
N ASN A 60 2.74 -3.15 17.20
CA ASN A 60 3.20 -3.32 15.81
C ASN A 60 2.14 -4.00 14.94
N ALA A 61 0.87 -3.62 15.18
CA ALA A 61 -0.30 -4.14 14.49
C ALA A 61 -0.42 -3.51 13.10
N LYS A 62 -1.06 -4.24 12.18
CA LYS A 62 -1.31 -3.82 10.81
C LYS A 62 -2.44 -2.78 10.85
N VAL A 63 -3.57 -3.14 11.52
CA VAL A 63 -4.77 -2.33 11.65
C VAL A 63 -5.54 -2.68 12.96
N VAL A 64 -6.14 -1.67 13.60
CA VAL A 64 -6.89 -1.78 14.86
C VAL A 64 -8.29 -1.18 14.69
N PHE A 65 -9.33 -1.87 15.19
CA PHE A 65 -10.73 -1.44 15.11
C PHE A 65 -11.41 -1.52 16.48
N LEU A 66 -12.35 -0.62 16.71
CA LEU A 66 -13.18 -0.60 17.91
C LEU A 66 -14.62 -0.64 17.44
N VAL A 67 -15.29 -1.76 17.68
CA VAL A 67 -16.65 -2.04 17.22
C VAL A 67 -17.62 -2.19 18.40
N ASP A 68 -18.82 -1.59 18.31
CA ASP A 68 -19.86 -1.74 19.31
C ASP A 68 -20.57 -3.05 19.00
N LYS A 69 -21.10 -3.72 20.04
CA LYS A 69 -21.81 -5.00 19.88
C LYS A 69 -23.04 -4.93 18.95
N ASN A 70 -23.56 -3.72 18.70
CA ASN A 70 -24.68 -3.47 17.80
C ASN A 70 -24.26 -3.38 16.31
N GLY A 71 -22.94 -3.46 16.05
CA GLY A 71 -22.37 -3.42 14.70
C GLY A 71 -21.79 -2.09 14.26
N GLN A 72 -21.88 -1.06 15.12
CA GLN A 72 -21.38 0.26 14.79
C GLN A 72 -19.88 0.36 15.02
N LEU A 73 -19.15 0.91 14.03
CA LEU A 73 -17.73 1.13 14.13
C LEU A 73 -17.55 2.42 14.95
N ILE A 74 -16.81 2.33 16.05
CA ILE A 74 -16.53 3.45 16.95
C ILE A 74 -15.25 4.16 16.51
N SER A 75 -14.17 3.39 16.34
CA SER A 75 -12.87 3.91 15.94
C SER A 75 -12.08 2.91 15.11
N SER A 76 -11.09 3.41 14.35
CA SER A 76 -10.19 2.62 13.51
C SER A 76 -8.85 3.33 13.36
N ALA A 77 -7.76 2.55 13.39
CA ALA A 77 -6.40 3.05 13.25
C ALA A 77 -5.54 2.08 12.44
N GLY A 78 -4.52 2.61 11.77
CA GLY A 78 -3.59 1.83 10.98
C GLY A 78 -3.90 1.80 9.49
N GLN A 79 -3.53 0.69 8.84
CA GLN A 79 -3.73 0.47 7.41
C GLN A 79 -5.19 0.13 7.08
N THR A 80 -6.11 1.10 7.29
CA THR A 80 -7.55 1.00 7.07
C THR A 80 -7.94 1.06 5.59
N GLN A 81 -7.02 1.57 4.73
CA GLN A 81 -7.19 1.63 3.29
C GLN A 81 -7.17 0.18 2.80
N ASN A 82 -7.96 -0.12 1.78
CA ASN A 82 -8.18 -1.44 1.16
C ASN A 82 -8.95 -2.45 2.08
N ILE A 83 -9.53 -1.96 3.20
CA ILE A 83 -10.34 -2.79 4.09
C ILE A 83 -11.67 -2.14 4.34
N ASP A 84 -12.77 -2.89 4.11
CA ASP A 84 -14.13 -2.38 4.32
C ASP A 84 -14.42 -2.38 5.82
N THR A 85 -14.22 -1.22 6.45
CA THR A 85 -14.42 -0.98 7.88
C THR A 85 -15.84 -1.27 8.36
N THR A 86 -16.84 -0.82 7.58
CA THR A 86 -18.26 -0.99 7.87
C THR A 86 -18.64 -2.48 7.86
N SER A 87 -18.20 -3.23 6.83
CA SER A 87 -18.47 -4.66 6.69
C SER A 87 -17.77 -5.48 7.76
N LEU A 88 -16.56 -5.08 8.16
CA LEU A 88 -15.76 -5.73 9.20
C LEU A 88 -16.47 -5.60 10.55
N ALA A 89 -17.01 -4.39 10.86
CA ALA A 89 -17.74 -4.10 12.10
C ALA A 89 -19.01 -4.92 12.21
N SER A 90 -19.73 -5.08 11.08
CA SER A 90 -20.97 -5.86 10.96
C SER A 90 -20.72 -7.35 11.21
N LEU A 91 -19.64 -7.91 10.62
CA LEU A 91 -19.28 -9.32 10.77
C LEU A 91 -18.72 -9.63 12.16
N THR A 92 -18.06 -8.65 12.79
CA THR A 92 -17.52 -8.77 14.16
C THR A 92 -18.69 -8.91 15.13
N ALA A 93 -19.71 -8.04 15.00
CA ALA A 93 -20.93 -8.06 15.80
C ALA A 93 -21.70 -9.36 15.68
N GLY A 94 -21.79 -9.89 14.47
CA GLY A 94 -22.47 -11.15 14.18
C GLY A 94 -21.78 -12.33 14.83
N ASN A 95 -20.44 -12.32 14.85
CA ASN A 95 -19.61 -13.36 15.47
C ASN A 95 -19.71 -13.30 17.00
N VAL A 96 -19.56 -12.09 17.58
CA VAL A 96 -19.59 -11.86 19.02
C VAL A 96 -20.99 -12.21 19.60
N ALA A 97 -22.08 -11.87 18.87
CA ALA A 97 -23.45 -12.19 19.28
C ALA A 97 -23.69 -13.69 19.29
N ALA A 98 -23.21 -14.41 18.26
CA ALA A 98 -23.33 -15.87 18.16
C ALA A 98 -22.53 -16.55 19.28
N MET A 99 -21.32 -15.99 19.58
CA MET A 99 -20.44 -16.47 20.63
C MET A 99 -21.04 -16.24 22.02
N GLY A 100 -21.72 -15.12 22.19
CA GLY A 100 -22.37 -14.73 23.44
C GLY A 100 -23.49 -15.69 23.82
N GLY A 101 -24.29 -16.07 22.82
CA GLY A 101 -25.39 -17.01 22.98
C GLY A 101 -24.90 -18.42 23.22
N LEU A 102 -23.77 -18.76 22.61
CA LEU A 102 -23.11 -20.06 22.74
C LEU A 102 -22.50 -20.21 24.14
N ALA A 103 -21.89 -19.13 24.68
CA ALA A 103 -21.30 -19.09 26.04
C ALA A 103 -22.41 -19.31 27.08
N LYS A 104 -23.57 -18.63 26.91
CA LYS A 104 -24.74 -18.75 27.79
C LYS A 104 -25.34 -20.15 27.79
N LEU A 105 -25.27 -20.85 26.64
CA LEU A 105 -25.77 -22.21 26.47
C LEU A 105 -24.95 -23.23 27.27
N ILE A 106 -23.64 -22.99 27.42
CA ILE A 106 -22.73 -23.88 28.15
C ILE A 106 -22.57 -23.44 29.63
N GLY A 107 -23.41 -22.50 30.07
CA GLY A 107 -23.44 -21.98 31.43
C GLY A 107 -22.18 -21.22 31.79
N GLU A 108 -21.67 -20.44 30.82
CA GLU A 108 -20.45 -19.67 30.95
C GLU A 108 -20.72 -18.21 30.60
N ASN A 109 -19.94 -17.29 31.20
CA ASN A 109 -20.03 -15.87 30.90
C ASN A 109 -19.33 -15.67 29.55
N GLU A 110 -19.65 -14.59 28.85
CA GLU A 110 -19.08 -14.26 27.54
C GLU A 110 -17.55 -14.44 27.53
N PHE A 111 -17.03 -15.10 26.46
CA PHE A 111 -15.58 -15.33 26.25
C PHE A 111 -14.86 -13.97 26.03
N PRO A 112 -14.00 -13.53 26.99
CA PRO A 112 -13.39 -12.19 26.86
C PRO A 112 -12.41 -11.99 25.70
N ASN A 113 -11.61 -13.03 25.39
CA ASN A 113 -10.59 -12.97 24.35
C ASN A 113 -10.77 -14.06 23.31
N GLN A 114 -10.64 -13.67 22.03
CA GLN A 114 -10.79 -14.56 20.89
C GLN A 114 -9.58 -14.40 19.97
N PHE A 115 -8.81 -15.49 19.74
CA PHE A 115 -7.64 -15.50 18.86
C PHE A 115 -7.86 -16.36 17.63
N HIS A 116 -7.64 -15.80 16.43
CA HIS A 116 -7.79 -16.50 15.16
C HIS A 116 -6.49 -16.38 14.37
N GLU A 117 -5.77 -17.49 14.24
CA GLU A 117 -4.47 -17.57 13.56
C GLU A 117 -4.65 -17.84 12.05
N GLY A 118 -3.93 -17.07 11.23
CA GLY A 118 -3.95 -17.19 9.78
C GLY A 118 -2.59 -17.58 9.22
N ALA A 119 -2.46 -17.57 7.89
CA ALA A 119 -1.21 -17.93 7.21
C ALA A 119 -0.15 -16.81 7.21
N LYS A 120 -0.58 -15.56 6.92
CA LYS A 120 0.27 -14.38 6.89
C LYS A 120 -0.08 -13.43 8.03
N ASP A 121 -1.40 -13.19 8.24
CA ASP A 121 -1.91 -12.29 9.29
C ASP A 121 -2.84 -13.01 10.26
N SER A 122 -2.79 -12.61 11.54
CA SER A 122 -3.64 -13.14 12.61
C SER A 122 -4.59 -12.07 13.15
N LEU A 123 -5.65 -12.49 13.85
CA LEU A 123 -6.68 -11.63 14.40
C LEU A 123 -6.90 -11.85 15.90
N TYR A 124 -7.05 -10.75 16.65
CA TYR A 124 -7.33 -10.79 18.10
C TYR A 124 -8.53 -9.93 18.44
N MET A 125 -9.46 -10.49 19.23
CA MET A 125 -10.67 -9.78 19.66
C MET A 125 -10.80 -9.80 21.17
N THR A 126 -11.06 -8.62 21.76
CA THR A 126 -11.22 -8.47 23.20
C THR A 126 -12.48 -7.67 23.53
N ILE A 127 -13.35 -8.23 24.38
CA ILE A 127 -14.58 -7.56 24.83
C ILE A 127 -14.22 -6.60 25.97
N VAL A 128 -14.51 -5.31 25.77
CA VAL A 128 -14.25 -4.22 26.69
C VAL A 128 -15.57 -3.77 27.33
N GLY A 129 -15.73 -4.10 28.62
CA GLY A 129 -16.90 -3.75 29.44
C GLY A 129 -18.25 -4.27 28.97
N SER A 130 -18.24 -5.46 28.31
CA SER A 130 -19.42 -6.17 27.77
C SER A 130 -20.38 -5.29 26.93
N ARG A 131 -19.81 -4.41 26.08
CA ARG A 131 -20.54 -3.50 25.20
C ARG A 131 -19.74 -3.20 23.93
N VAL A 132 -18.40 -3.19 24.03
CA VAL A 132 -17.47 -2.85 22.97
C VAL A 132 -16.49 -4.01 22.70
N VAL A 133 -16.06 -4.15 21.42
CA VAL A 133 -15.12 -5.16 20.94
C VAL A 133 -13.90 -4.48 20.32
N LEU A 134 -12.70 -4.82 20.82
CA LEU A 134 -11.43 -4.32 20.32
C LEU A 134 -10.82 -5.36 19.39
N VAL A 135 -10.77 -5.05 18.09
CA VAL A 135 -10.25 -5.93 17.03
C VAL A 135 -8.83 -5.49 16.63
N VAL A 136 -7.87 -6.42 16.71
CA VAL A 136 -6.47 -6.17 16.37
C VAL A 136 -6.01 -7.18 15.29
N ILE A 137 -5.59 -6.66 14.13
CA ILE A 137 -5.06 -7.45 13.01
C ILE A 137 -3.56 -7.17 12.92
N PHE A 138 -2.75 -8.24 12.93
CA PHE A 138 -1.30 -8.14 12.93
C PHE A 138 -0.65 -9.26 12.12
N ASP A 139 0.59 -9.01 11.65
CA ASP A 139 1.39 -9.96 10.90
C ASP A 139 1.88 -11.04 11.86
N ASN A 140 1.89 -12.31 11.41
CA ASN A 140 2.32 -13.48 12.19
C ASN A 140 3.74 -13.41 12.73
N ARG A 141 4.59 -12.59 12.09
CA ARG A 141 5.99 -12.38 12.46
C ARG A 141 6.13 -11.62 13.80
N THR A 142 5.07 -10.87 14.21
CA THR A 142 5.02 -10.13 15.47
C THR A 142 4.74 -11.10 16.62
N SER A 143 5.42 -10.90 17.77
CA SER A 143 5.29 -11.71 18.97
C SER A 143 3.86 -11.67 19.52
N LEU A 144 3.29 -12.86 19.79
CA LEU A 144 1.94 -13.03 20.34
C LEU A 144 1.86 -12.47 21.76
N GLY A 145 2.95 -12.61 22.52
CA GLY A 145 3.05 -12.11 23.88
C GLY A 145 3.04 -10.59 23.92
N LEU A 146 3.67 -9.95 22.91
CA LEU A 146 3.75 -8.50 22.77
C LEU A 146 2.37 -7.90 22.48
N VAL A 147 1.65 -8.45 21.46
CA VAL A 147 0.32 -7.98 21.08
C VAL A 147 -0.67 -8.10 22.25
N ARG A 148 -0.68 -9.26 22.96
CA ARG A 148 -1.53 -9.54 24.11
C ARG A 148 -1.29 -8.59 25.29
N LEU A 149 -0.03 -8.25 25.57
CA LEU A 149 0.36 -7.34 26.65
C LEU A 149 -0.13 -5.91 26.36
N ARG A 150 -0.01 -5.47 25.10
CA ARG A 150 -0.43 -4.15 24.67
C ARG A 150 -1.96 -4.04 24.60
N ILE A 151 -2.66 -5.12 24.18
CA ILE A 151 -4.13 -5.19 24.10
C ILE A 151 -4.72 -5.03 25.51
N LYS A 152 -4.11 -5.68 26.52
CA LYS A 152 -4.53 -5.61 27.93
C LYS A 152 -4.46 -4.17 28.44
N LYS A 153 -3.35 -3.46 28.13
CA LYS A 153 -3.14 -2.06 28.50
C LYS A 153 -4.16 -1.14 27.83
N ALA A 154 -4.46 -1.40 26.54
CA ALA A 154 -5.44 -0.68 25.74
C ALA A 154 -6.86 -0.89 26.27
N SER A 155 -7.22 -2.16 26.60
CA SER A 155 -8.52 -2.56 27.14
C SER A 155 -8.78 -1.89 28.49
N ASP A 156 -7.76 -1.86 29.38
CA ASP A 156 -7.83 -1.23 30.69
C ASP A 156 -8.02 0.29 30.57
N GLU A 157 -7.34 0.91 29.60
CA GLU A 157 -7.44 2.34 29.28
C GLU A 157 -8.84 2.66 28.75
N LEU A 158 -9.38 1.79 27.87
CA LEU A 158 -10.71 1.94 27.29
C LEU A 158 -11.82 1.77 28.32
N THR A 159 -11.70 0.76 29.21
CA THR A 159 -12.67 0.49 30.29
C THR A 159 -12.85 1.73 31.18
N LYS A 160 -11.74 2.41 31.54
CA LYS A 160 -11.75 3.63 32.36
C LYS A 160 -12.45 4.80 31.63
N ILE A 161 -12.32 4.87 30.28
CA ILE A 161 -12.93 5.91 29.45
C ILE A 161 -14.45 5.68 29.38
N PHE A 162 -14.87 4.44 29.08
CA PHE A 162 -16.29 4.05 28.96
C PHE A 162 -17.06 4.11 30.28
N GLU A 163 -16.37 3.97 31.43
CA GLU A 163 -16.97 4.05 32.75
C GLU A 163 -17.27 5.50 33.15
N SER A 164 -16.53 6.47 32.57
CA SER A 164 -16.72 7.91 32.81
C SER A 164 -17.91 8.42 31.98
N LEU A 165 -18.38 7.61 31.00
CA LEU A 165 -19.51 7.91 30.12
C LEU A 165 -20.85 7.43 30.72
N VAL A 166 -20.91 7.37 32.07
CA VAL A 166 -22.03 6.97 32.95
C VAL A 166 -22.88 5.84 32.37
N TYR B 41 -26.15 -49.84 10.36
CA TYR B 41 -26.48 -48.83 9.36
C TYR B 41 -25.41 -47.72 9.32
N GLU B 42 -24.69 -47.64 8.18
CA GLU B 42 -23.59 -46.70 7.86
C GLU B 42 -22.36 -46.90 8.75
N GLU B 43 -21.38 -47.59 8.19
CA GLU B 43 -20.11 -47.93 8.81
C GLU B 43 -19.29 -46.67 8.98
N GLU B 44 -19.39 -45.71 8.03
CA GLU B 44 -18.63 -44.47 8.07
C GLU B 44 -19.11 -43.53 9.17
N PHE B 45 -20.41 -43.57 9.50
CA PHE B 45 -20.99 -42.76 10.58
C PHE B 45 -20.52 -43.18 11.99
N THR B 46 -20.28 -44.49 12.18
CA THR B 46 -19.79 -45.06 13.45
C THR B 46 -18.36 -44.60 13.69
N LYS B 47 -17.56 -44.49 12.60
CA LYS B 47 -16.16 -44.04 12.61
C LYS B 47 -16.09 -42.58 13.04
N ILE B 48 -17.06 -41.75 12.61
CA ILE B 48 -17.16 -40.32 12.94
C ILE B 48 -17.38 -40.14 14.47
N ASN B 49 -18.33 -40.90 15.05
CA ASN B 49 -18.65 -40.88 16.48
C ASN B 49 -17.46 -41.35 17.32
N ALA B 50 -16.71 -42.35 16.80
CA ALA B 50 -15.52 -42.92 17.43
C ALA B 50 -14.40 -41.88 17.54
N VAL B 51 -14.25 -41.01 16.51
CA VAL B 51 -13.26 -39.93 16.47
C VAL B 51 -13.61 -38.91 17.56
N CYS B 52 -14.90 -38.54 17.67
CA CYS B 52 -15.42 -37.58 18.67
C CYS B 52 -15.26 -38.10 20.10
N ASP B 53 -15.50 -39.40 20.32
CA ASP B 53 -15.36 -40.07 21.61
C ASP B 53 -13.90 -40.12 22.05
N ARG B 54 -12.99 -40.45 21.11
CA ARG B 54 -11.55 -40.52 21.35
C ARG B 54 -11.01 -39.14 21.66
N LEU B 55 -11.49 -38.10 20.95
CA LEU B 55 -11.09 -36.71 21.13
C LEU B 55 -11.46 -36.18 22.53
N THR B 56 -12.66 -36.50 23.02
CA THR B 56 -13.13 -36.07 24.35
C THR B 56 -12.24 -36.66 25.45
N LYS B 57 -11.86 -37.94 25.31
CA LYS B 57 -11.01 -38.66 26.27
C LYS B 57 -9.54 -38.24 26.18
N ASP B 58 -8.94 -38.31 24.97
CA ASP B 58 -7.53 -37.99 24.73
C ASP B 58 -7.17 -36.53 24.96
N ALA B 59 -7.94 -35.59 24.39
CA ALA B 59 -7.70 -34.15 24.58
C ALA B 59 -8.20 -33.64 25.95
N ASN B 60 -8.82 -34.54 26.75
CA ASN B 60 -9.39 -34.29 28.08
C ASN B 60 -10.43 -33.16 28.03
N ALA B 61 -11.23 -33.16 26.96
CA ALA B 61 -12.27 -32.18 26.69
C ALA B 61 -13.52 -32.44 27.55
N LYS B 62 -14.28 -31.38 27.82
CA LYS B 62 -15.54 -31.43 28.57
C LYS B 62 -16.63 -32.01 27.64
N VAL B 63 -16.77 -31.43 26.44
CA VAL B 63 -17.76 -31.82 25.42
C VAL B 63 -17.23 -31.51 24.01
N VAL B 64 -17.54 -32.39 23.04
CA VAL B 64 -17.13 -32.29 21.63
C VAL B 64 -18.37 -32.39 20.72
N PHE B 65 -18.48 -31.49 19.74
CA PHE B 65 -19.57 -31.44 18.77
C PHE B 65 -19.04 -31.40 17.34
N LEU B 66 -19.79 -32.00 16.41
CA LEU B 66 -19.49 -31.98 14.99
C LEU B 66 -20.72 -31.37 14.32
N VAL B 67 -20.58 -30.15 13.79
CA VAL B 67 -21.66 -29.36 13.21
C VAL B 67 -21.40 -29.10 11.73
N ASP B 68 -22.43 -29.23 10.88
CA ASP B 68 -22.34 -28.90 9.46
C ASP B 68 -22.50 -27.38 9.35
N LYS B 69 -21.86 -26.75 8.35
CA LYS B 69 -21.93 -25.29 8.14
C LYS B 69 -23.36 -24.77 7.92
N ASN B 70 -24.31 -25.66 7.56
CA ASN B 70 -25.72 -25.34 7.37
C ASN B 70 -26.53 -25.34 8.67
N GLY B 71 -25.86 -25.68 9.79
CA GLY B 71 -26.46 -25.68 11.11
C GLY B 71 -26.93 -27.02 11.65
N GLN B 72 -26.72 -28.11 10.87
CA GLN B 72 -27.13 -29.45 11.28
C GLN B 72 -26.07 -30.11 12.17
N LEU B 73 -26.50 -30.70 13.29
CA LEU B 73 -25.61 -31.41 14.20
C LEU B 73 -25.36 -32.81 13.62
N ILE B 74 -24.09 -33.16 13.40
CA ILE B 74 -23.70 -34.46 12.84
C ILE B 74 -23.44 -35.46 13.97
N SER B 75 -22.59 -35.10 14.95
CA SER B 75 -22.19 -35.94 16.07
C SER B 75 -21.90 -35.11 17.32
N SER B 76 -21.94 -35.75 18.49
CA SER B 76 -21.67 -35.15 19.80
C SER B 76 -21.15 -36.20 20.78
N ALA B 77 -20.17 -35.82 21.61
CA ALA B 77 -19.55 -36.69 22.62
C ALA B 77 -19.23 -35.89 23.89
N GLY B 78 -19.23 -36.56 25.04
CA GLY B 78 -18.94 -35.93 26.32
C GLY B 78 -20.15 -35.50 27.11
N GLN B 79 -20.00 -34.44 27.92
CA GLN B 79 -21.04 -33.86 28.79
C GLN B 79 -22.07 -33.05 27.98
N THR B 80 -22.85 -33.74 27.13
CA THR B 80 -23.88 -33.17 26.26
C THR B 80 -25.21 -32.88 26.97
N GLN B 81 -25.38 -33.42 28.20
CA GLN B 81 -26.62 -33.39 29.01
C GLN B 81 -27.37 -32.05 29.14
N ASN B 82 -26.86 -31.03 29.86
CA ASN B 82 -27.64 -29.80 30.04
C ASN B 82 -27.34 -28.75 28.96
N ILE B 83 -26.95 -29.20 27.74
CA ILE B 83 -26.66 -28.33 26.61
C ILE B 83 -27.65 -28.64 25.46
N ASP B 84 -28.32 -27.58 24.95
CA ASP B 84 -29.24 -27.65 23.82
C ASP B 84 -28.37 -27.79 22.56
N THR B 85 -28.20 -29.05 22.09
CA THR B 85 -27.35 -29.41 20.95
C THR B 85 -27.80 -28.74 19.65
N THR B 86 -29.13 -28.64 19.42
CA THR B 86 -29.71 -28.01 18.23
C THR B 86 -29.42 -26.51 18.17
N SER B 87 -29.59 -25.80 19.31
CA SER B 87 -29.29 -24.37 19.43
C SER B 87 -27.81 -24.09 19.29
N LEU B 88 -26.95 -24.99 19.84
CA LEU B 88 -25.50 -24.87 19.78
C LEU B 88 -25.01 -24.95 18.34
N ALA B 89 -25.57 -25.90 17.58
CA ALA B 89 -25.25 -26.13 16.17
C ALA B 89 -25.63 -24.92 15.30
N SER B 90 -26.79 -24.30 15.58
CA SER B 90 -27.31 -23.12 14.89
C SER B 90 -26.43 -21.88 15.12
N LEU B 91 -26.00 -21.66 16.39
CA LEU B 91 -25.13 -20.54 16.78
C LEU B 91 -23.70 -20.72 16.26
N THR B 92 -23.23 -21.99 16.15
CA THR B 92 -21.91 -22.32 15.61
C THR B 92 -21.86 -21.91 14.14
N ALA B 93 -22.89 -22.29 13.35
CA ALA B 93 -23.03 -21.98 11.94
C ALA B 93 -23.03 -20.47 11.68
N GLY B 94 -23.75 -19.72 12.52
CA GLY B 94 -23.84 -18.26 12.45
C GLY B 94 -22.51 -17.57 12.71
N ASN B 95 -21.76 -18.11 13.68
CA ASN B 95 -20.43 -17.61 14.06
C ASN B 95 -19.39 -17.92 12.98
N VAL B 96 -19.37 -19.17 12.46
CA VAL B 96 -18.43 -19.63 11.43
C VAL B 96 -18.63 -18.84 10.12
N ALA B 97 -19.89 -18.54 9.76
CA ALA B 97 -20.21 -17.74 8.58
C ALA B 97 -19.68 -16.30 8.72
N ALA B 98 -19.84 -15.70 9.91
CA ALA B 98 -19.36 -14.35 10.22
C ALA B 98 -17.83 -14.32 10.22
N MET B 99 -17.19 -15.39 10.73
CA MET B 99 -15.74 -15.55 10.78
C MET B 99 -15.15 -15.76 9.39
N GLY B 100 -15.87 -16.48 8.53
CA GLY B 100 -15.48 -16.74 7.16
C GLY B 100 -15.41 -15.48 6.32
N GLY B 101 -16.40 -14.62 6.51
CA GLY B 101 -16.50 -13.32 5.84
C GLY B 101 -15.47 -12.34 6.34
N LEU B 102 -15.12 -12.45 7.62
CA LEU B 102 -14.12 -11.63 8.30
C LEU B 102 -12.71 -11.98 7.80
N ALA B 103 -12.44 -13.29 7.59
CA ALA B 103 -11.17 -13.81 7.04
C ALA B 103 -10.98 -13.29 5.62
N LYS B 104 -12.04 -13.35 4.78
CA LYS B 104 -12.03 -12.88 3.39
C LYS B 104 -11.78 -11.39 3.29
N LEU B 105 -12.27 -10.62 4.28
CA LEU B 105 -12.12 -9.16 4.35
C LEU B 105 -10.67 -8.75 4.59
N ILE B 106 -9.90 -9.56 5.36
CA ILE B 106 -8.49 -9.32 5.71
C ILE B 106 -7.53 -9.98 4.68
N GLY B 107 -8.10 -10.50 3.59
CA GLY B 107 -7.34 -11.15 2.52
C GLY B 107 -6.71 -12.45 2.96
N GLU B 108 -7.43 -13.20 3.77
CA GLU B 108 -6.97 -14.47 4.33
C GLU B 108 -7.98 -15.57 4.03
N ASN B 109 -7.50 -16.81 3.90
CA ASN B 109 -8.37 -17.96 3.69
C ASN B 109 -9.07 -18.24 5.02
N GLU B 110 -10.23 -18.94 5.00
CA GLU B 110 -11.00 -19.28 6.21
C GLU B 110 -10.05 -19.78 7.31
N PHE B 111 -10.14 -19.19 8.53
CA PHE B 111 -9.29 -19.55 9.64
C PHE B 111 -9.53 -21.03 9.98
N PRO B 112 -8.50 -21.91 9.83
CA PRO B 112 -8.72 -23.34 10.15
C PRO B 112 -9.05 -23.58 11.60
N ASN B 113 -8.45 -22.80 12.52
CA ASN B 113 -8.64 -22.92 13.96
C ASN B 113 -9.03 -21.60 14.61
N GLN B 114 -10.15 -21.59 15.35
CA GLN B 114 -10.69 -20.43 16.06
C GLN B 114 -10.74 -20.70 17.54
N PHE B 115 -10.04 -19.87 18.33
CA PHE B 115 -9.93 -20.04 19.77
C PHE B 115 -10.64 -18.93 20.53
N HIS B 116 -11.51 -19.31 21.48
CA HIS B 116 -12.25 -18.37 22.32
C HIS B 116 -11.98 -18.73 23.77
N GLU B 117 -11.23 -17.86 24.47
CA GLU B 117 -10.81 -18.06 25.86
C GLU B 117 -11.86 -17.51 26.83
N GLY B 118 -12.17 -18.29 27.85
CA GLY B 118 -13.10 -17.93 28.91
C GLY B 118 -12.42 -17.89 30.27
N ALA B 119 -13.22 -17.73 31.33
CA ALA B 119 -12.73 -17.67 32.71
C ALA B 119 -12.42 -19.04 33.30
N LYS B 120 -13.33 -20.01 33.10
CA LYS B 120 -13.21 -21.39 33.60
C LYS B 120 -13.02 -22.37 32.44
N ASP B 121 -13.81 -22.20 31.37
CA ASP B 121 -13.77 -23.05 30.18
C ASP B 121 -13.47 -22.27 28.92
N SER B 122 -12.74 -22.90 27.99
CA SER B 122 -12.39 -22.33 26.71
C SER B 122 -13.02 -23.14 25.57
N LEU B 123 -13.11 -22.53 24.38
CA LEU B 123 -13.73 -23.12 23.22
C LEU B 123 -12.79 -23.11 22.03
N TYR B 124 -12.79 -24.21 21.27
CA TYR B 124 -11.98 -24.37 20.07
C TYR B 124 -12.83 -24.84 18.91
N MET B 125 -12.67 -24.19 17.77
CA MET B 125 -13.39 -24.54 16.55
C MET B 125 -12.44 -24.80 15.41
N THR B 126 -12.62 -25.94 14.73
CA THR B 126 -11.77 -26.36 13.63
C THR B 126 -12.61 -26.73 12.43
N ILE B 127 -12.30 -26.12 11.28
CA ILE B 127 -13.02 -26.39 10.05
C ILE B 127 -12.41 -27.60 9.36
N VAL B 128 -13.24 -28.64 9.14
CA VAL B 128 -12.86 -29.91 8.50
C VAL B 128 -13.42 -29.94 7.08
N GLY B 129 -12.53 -29.82 6.09
CA GLY B 129 -12.86 -29.88 4.67
C GLY B 129 -13.78 -28.80 4.14
N SER B 130 -13.76 -27.60 4.79
CA SER B 130 -14.57 -26.41 4.45
C SER B 130 -16.09 -26.71 4.26
N ARG B 131 -16.66 -27.59 5.11
CA ARG B 131 -18.07 -28.00 5.10
C ARG B 131 -18.56 -28.37 6.50
N VAL B 132 -17.64 -28.88 7.35
CA VAL B 132 -17.92 -29.36 8.70
C VAL B 132 -17.07 -28.58 9.73
N VAL B 133 -17.63 -28.36 10.94
CA VAL B 133 -17.00 -27.64 12.05
C VAL B 133 -16.92 -28.57 13.26
N LEU B 134 -15.71 -28.73 13.79
CA LEU B 134 -15.43 -29.52 14.98
C LEU B 134 -15.32 -28.56 16.16
N VAL B 135 -16.28 -28.63 17.09
CA VAL B 135 -16.35 -27.76 18.28
C VAL B 135 -15.87 -28.54 19.49
N VAL B 136 -14.84 -28.02 20.17
CA VAL B 136 -14.24 -28.64 21.35
C VAL B 136 -14.30 -27.65 22.54
N ILE B 137 -14.99 -28.04 23.60
CA ILE B 137 -15.11 -27.25 24.83
C ILE B 137 -14.30 -27.98 25.90
N PHE B 138 -13.39 -27.25 26.57
CA PHE B 138 -12.47 -27.81 27.55
C PHE B 138 -12.19 -26.83 28.69
N ASP B 139 -11.79 -27.38 29.85
CA ASP B 139 -11.43 -26.60 31.03
C ASP B 139 -10.07 -25.93 30.80
N ASN B 140 -9.91 -24.68 31.29
CA ASN B 140 -8.67 -23.89 31.15
C ASN B 140 -7.42 -24.55 31.77
N ARG B 141 -7.62 -25.52 32.67
CA ARG B 141 -6.55 -26.29 33.32
C ARG B 141 -5.87 -27.27 32.36
N THR B 142 -6.52 -27.62 31.24
CA THR B 142 -5.94 -28.51 30.24
C THR B 142 -4.98 -27.72 29.34
N SER B 143 -3.86 -28.37 28.95
CA SER B 143 -2.81 -27.80 28.10
C SER B 143 -3.37 -27.44 26.72
N LEU B 144 -3.13 -26.20 26.27
CA LEU B 144 -3.56 -25.66 24.98
C LEU B 144 -2.88 -26.40 23.81
N GLY B 145 -1.61 -26.76 24.02
CA GLY B 145 -0.81 -27.52 23.06
C GLY B 145 -1.31 -28.93 22.86
N LEU B 146 -1.80 -29.55 23.96
CA LEU B 146 -2.35 -30.91 23.96
C LEU B 146 -3.67 -30.96 23.18
N VAL B 147 -4.62 -30.05 23.48
CA VAL B 147 -5.93 -29.98 22.80
C VAL B 147 -5.73 -29.77 21.29
N ARG B 148 -4.85 -28.81 20.89
CA ARG B 148 -4.53 -28.48 19.50
C ARG B 148 -3.95 -29.67 18.72
N LEU B 149 -3.05 -30.44 19.35
CA LEU B 149 -2.40 -31.60 18.75
C LEU B 149 -3.43 -32.73 18.49
N ARG B 150 -4.35 -32.94 19.45
CA ARG B 150 -5.39 -33.96 19.34
C ARG B 150 -6.47 -33.57 18.34
N ILE B 151 -6.82 -32.27 18.27
CA ILE B 151 -7.81 -31.72 17.35
C ILE B 151 -7.33 -31.93 15.89
N LYS B 152 -6.03 -31.68 15.64
CA LYS B 152 -5.38 -31.85 14.33
C LYS B 152 -5.49 -33.31 13.87
N LYS B 153 -5.23 -34.26 14.78
CA LYS B 153 -5.30 -35.71 14.52
C LYS B 153 -6.74 -36.13 14.22
N ALA B 154 -7.71 -35.56 14.96
CA ALA B 154 -9.14 -35.81 14.80
C ALA B 154 -9.63 -35.27 13.45
N SER B 155 -9.22 -34.03 13.10
CA SER B 155 -9.56 -33.35 11.85
C SER B 155 -9.04 -34.12 10.64
N ASP B 156 -7.78 -34.62 10.69
CA ASP B 156 -7.16 -35.42 9.64
C ASP B 156 -7.89 -36.75 9.46
N GLU B 157 -8.31 -37.39 10.57
CA GLU B 157 -9.07 -38.64 10.59
C GLU B 157 -10.44 -38.41 9.97
N LEU B 158 -11.10 -37.28 10.32
CA LEU B 158 -12.42 -36.92 9.80
C LEU B 158 -12.40 -36.59 8.30
N THR B 159 -11.36 -35.84 7.83
CA THR B 159 -11.17 -35.48 6.42
C THR B 159 -11.11 -36.74 5.54
N LYS B 160 -10.37 -37.78 5.99
CA LYS B 160 -10.24 -39.07 5.29
C LYS B 160 -11.57 -39.82 5.21
N ILE B 161 -12.43 -39.69 6.25
CA ILE B 161 -13.76 -40.32 6.32
C ILE B 161 -14.73 -39.62 5.34
N PHE B 162 -14.78 -38.28 5.38
CA PHE B 162 -15.64 -37.46 4.53
C PHE B 162 -15.29 -37.54 3.04
N GLU B 163 -14.01 -37.81 2.71
CA GLU B 163 -13.53 -37.94 1.33
C GLU B 163 -13.94 -39.29 0.71
N SER B 164 -14.17 -40.31 1.56
CA SER B 164 -14.61 -41.65 1.13
C SER B 164 -16.12 -41.66 0.86
N LEU B 165 -16.84 -40.60 1.31
CA LEU B 165 -18.28 -40.43 1.14
C LEU B 165 -18.65 -39.95 -0.30
N VAL B 166 -17.64 -39.67 -1.15
CA VAL B 166 -17.76 -39.19 -2.55
C VAL B 166 -18.37 -37.79 -2.57
N GLU C 43 10.35 57.89 14.06
CA GLU C 43 11.11 59.08 13.73
C GLU C 43 10.33 59.90 12.70
N GLU C 44 9.18 60.43 13.19
CA GLU C 44 8.15 61.24 12.52
C GLU C 44 7.71 60.60 11.18
N PHE C 45 7.17 59.36 11.25
CA PHE C 45 6.81 58.72 10.00
C PHE C 45 5.40 59.09 9.49
N THR C 46 5.50 60.27 8.87
CA THR C 46 4.48 60.94 8.09
C THR C 46 4.26 60.12 6.82
N LYS C 47 5.33 59.48 6.27
CA LYS C 47 5.29 58.62 5.09
C LYS C 47 4.44 57.39 5.35
N ILE C 48 4.52 56.82 6.58
CA ILE C 48 3.75 55.65 7.02
C ILE C 48 2.24 55.96 7.02
N ASN C 49 1.85 57.11 7.62
CA ASN C 49 0.47 57.58 7.70
C ASN C 49 -0.09 57.87 6.31
N ALA C 50 0.76 58.40 5.41
CA ALA C 50 0.43 58.74 4.02
C ALA C 50 0.08 57.49 3.22
N VAL C 51 0.79 56.37 3.49
CA VAL C 51 0.56 55.06 2.85
C VAL C 51 -0.82 54.55 3.28
N CYS C 52 -1.15 54.64 4.60
CA CYS C 52 -2.43 54.21 5.18
C CYS C 52 -3.60 55.02 4.65
N ASP C 53 -3.41 56.36 4.50
CA ASP C 53 -4.42 57.28 3.97
C ASP C 53 -4.72 57.00 2.50
N ARG C 54 -3.65 56.78 1.69
CA ARG C 54 -3.76 56.48 0.27
C ARG C 54 -4.45 55.13 0.06
N LEU C 55 -4.12 54.13 0.93
CA LEU C 55 -4.70 52.79 0.88
C LEU C 55 -6.21 52.80 1.14
N THR C 56 -6.67 53.60 2.11
CA THR C 56 -8.10 53.72 2.45
C THR C 56 -8.89 54.28 1.27
N LYS C 57 -8.33 55.30 0.60
CA LYS C 57 -8.95 55.96 -0.55
C LYS C 57 -8.89 55.12 -1.83
N ASP C 58 -7.68 54.67 -2.21
CA ASP C 58 -7.44 53.90 -3.43
C ASP C 58 -8.08 52.51 -3.43
N ALA C 59 -7.90 51.72 -2.35
CA ALA C 59 -8.50 50.38 -2.23
C ALA C 59 -10.00 50.46 -1.86
N ASN C 60 -10.52 51.69 -1.64
CA ASN C 60 -11.90 51.99 -1.26
C ASN C 60 -12.28 51.25 0.04
N ALA C 61 -11.33 51.19 0.98
CA ALA C 61 -11.45 50.54 2.28
C ALA C 61 -12.27 51.39 3.24
N LYS C 62 -12.92 50.73 4.21
CA LYS C 62 -13.72 51.37 5.25
C LYS C 62 -12.77 51.98 6.29
N VAL C 63 -11.80 51.16 6.77
CA VAL C 63 -10.80 51.54 7.78
C VAL C 63 -9.50 50.71 7.60
N VAL C 64 -8.34 51.35 7.82
CA VAL C 64 -7.00 50.74 7.70
C VAL C 64 -6.22 50.95 9.01
N PHE C 65 -5.55 49.90 9.50
CA PHE C 65 -4.75 49.93 10.71
C PHE C 65 -3.37 49.34 10.48
N LEU C 66 -2.36 49.86 11.20
CA LEU C 66 -1.00 49.35 11.17
C LEU C 66 -0.66 49.00 12.61
N VAL C 67 -0.54 47.70 12.89
CA VAL C 67 -0.31 47.15 14.23
C VAL C 67 1.03 46.43 14.32
N ASP C 68 1.78 46.65 15.41
CA ASP C 68 3.03 45.95 15.66
C ASP C 68 2.66 44.59 16.26
N LYS C 69 3.47 43.53 16.00
CA LYS C 69 3.22 42.18 16.51
C LYS C 69 3.15 42.10 18.05
N ASN C 70 3.67 43.13 18.75
CA ASN C 70 3.62 43.23 20.21
C ASN C 70 2.32 43.81 20.74
N GLY C 71 1.41 44.19 19.84
CA GLY C 71 0.10 44.73 20.17
C GLY C 71 -0.05 46.24 20.13
N GLN C 72 1.03 46.96 19.78
CA GLN C 72 1.01 48.42 19.72
C GLN C 72 0.47 48.92 18.38
N LEU C 73 -0.45 49.89 18.43
CA LEU C 73 -1.00 50.50 17.23
C LEU C 73 0.01 51.56 16.74
N ILE C 74 0.45 51.43 15.48
CA ILE C 74 1.42 52.34 14.86
C ILE C 74 0.70 53.48 14.15
N SER C 75 -0.26 53.14 13.26
CA SER C 75 -1.03 54.10 12.48
C SER C 75 -2.45 53.59 12.21
N SER C 76 -3.37 54.53 11.90
CA SER C 76 -4.77 54.24 11.57
C SER C 76 -5.34 55.30 10.64
N ALA C 77 -6.16 54.88 9.66
CA ALA C 77 -6.79 55.75 8.67
C ALA C 77 -8.21 55.27 8.35
N GLY C 78 -9.09 56.20 7.99
CA GLY C 78 -10.48 55.90 7.65
C GLY C 78 -11.47 56.11 8.77
N GLN C 79 -12.55 55.30 8.76
CA GLN C 79 -13.64 55.34 9.75
C GLN C 79 -13.25 54.69 11.08
N THR C 80 -12.28 55.32 11.79
CA THR C 80 -11.73 54.88 13.08
C THR C 80 -12.66 55.17 14.27
N GLN C 81 -13.67 56.04 14.05
CA GLN C 81 -14.68 56.42 15.03
C GLN C 81 -15.50 55.14 15.26
N ASN C 82 -15.97 54.97 16.49
CA ASN C 82 -16.75 53.83 17.02
C ASN C 82 -15.98 52.49 17.07
N ILE C 83 -14.66 52.50 16.77
CA ILE C 83 -13.80 51.32 16.87
C ILE C 83 -12.71 51.59 17.92
N ASP C 84 -12.61 50.71 18.93
CA ASP C 84 -11.59 50.76 19.98
C ASP C 84 -10.29 50.27 19.32
N THR C 85 -9.44 51.24 18.91
CA THR C 85 -8.18 51.01 18.20
C THR C 85 -7.19 50.17 19.03
N THR C 86 -7.13 50.42 20.36
CA THR C 86 -6.26 49.71 21.29
C THR C 86 -6.65 48.23 21.42
N SER C 87 -7.95 47.95 21.56
CA SER C 87 -8.48 46.59 21.66
C SER C 87 -8.31 45.82 20.36
N LEU C 88 -8.46 46.52 19.20
CA LEU C 88 -8.30 45.95 17.87
C LEU C 88 -6.85 45.49 17.67
N ALA C 89 -5.89 46.33 18.07
CA ALA C 89 -4.46 46.08 17.96
C ALA C 89 -4.04 44.86 18.80
N SER C 90 -4.61 44.73 20.02
CA SER C 90 -4.36 43.65 20.95
C SER C 90 -4.88 42.30 20.42
N LEU C 91 -6.10 42.29 19.85
CA LEU C 91 -6.72 41.10 19.27
C LEU C 91 -6.04 40.68 17.96
N THR C 92 -5.51 41.64 17.19
CA THR C 92 -4.76 41.40 15.95
C THR C 92 -3.48 40.62 16.30
N ALA C 93 -2.72 41.10 17.31
CA ALA C 93 -1.48 40.50 17.80
C ALA C 93 -1.69 39.04 18.27
N GLY C 94 -2.80 38.80 18.99
CA GLY C 94 -3.17 37.49 19.49
C GLY C 94 -3.49 36.51 18.39
N ASN C 95 -4.16 37.00 17.34
CA ASN C 95 -4.53 36.22 16.16
C ASN C 95 -3.31 35.89 15.29
N VAL C 96 -2.46 36.90 15.02
CA VAL C 96 -1.26 36.75 14.20
C VAL C 96 -0.26 35.76 14.85
N ALA C 97 -0.13 35.80 16.19
CA ALA C 97 0.73 34.88 16.93
C ALA C 97 0.24 33.44 16.83
N ALA C 98 -1.10 33.25 16.94
CA ALA C 98 -1.75 31.93 16.82
C ALA C 98 -1.61 31.40 15.39
N MET C 99 -1.73 32.30 14.38
CA MET C 99 -1.58 31.98 12.97
C MET C 99 -0.13 31.63 12.60
N GLY C 100 0.82 32.30 13.24
CA GLY C 100 2.25 32.07 13.04
C GLY C 100 2.67 30.70 13.49
N GLY C 101 2.15 30.28 14.64
CA GLY C 101 2.41 28.97 15.23
C GLY C 101 1.74 27.86 14.45
N LEU C 102 0.57 28.17 13.85
CA LEU C 102 -0.22 27.26 13.04
C LEU C 102 0.47 27.00 11.71
N ALA C 103 1.06 28.05 11.10
CA ALA C 103 1.83 27.98 9.85
C ALA C 103 3.05 27.08 10.04
N LYS C 104 3.79 27.28 11.16
CA LYS C 104 4.98 26.51 11.53
C LYS C 104 4.67 25.03 11.74
N LEU C 105 3.47 24.73 12.27
CA LEU C 105 2.98 23.38 12.55
C LEU C 105 2.75 22.58 11.27
N ILE C 106 2.31 23.25 10.19
CA ILE C 106 2.02 22.63 8.89
C ILE C 106 3.25 22.70 7.94
N GLY C 107 4.39 23.10 8.49
CA GLY C 107 5.64 23.20 7.76
C GLY C 107 5.62 24.26 6.68
N GLU C 108 5.02 25.40 7.02
CA GLU C 108 4.88 26.53 6.12
C GLU C 108 5.41 27.79 6.80
N ASN C 109 5.92 28.75 6.01
CA ASN C 109 6.40 30.03 6.53
C ASN C 109 5.16 30.83 6.90
N GLU C 110 5.30 31.85 7.80
CA GLU C 110 4.18 32.70 8.23
C GLU C 110 3.36 33.14 7.01
N PHE C 111 2.00 32.96 7.07
CA PHE C 111 1.12 33.32 5.96
C PHE C 111 1.21 34.84 5.74
N PRO C 112 1.72 35.29 4.56
CA PRO C 112 1.85 36.75 4.34
C PRO C 112 0.52 37.47 4.30
N ASN C 113 -0.53 36.83 3.75
CA ASN C 113 -1.87 37.40 3.63
C ASN C 113 -2.94 36.51 4.25
N GLN C 114 -3.77 37.08 5.12
CA GLN C 114 -4.85 36.41 5.83
C GLN C 114 -6.17 37.09 5.51
N PHE C 115 -7.11 36.33 4.93
CA PHE C 115 -8.42 36.85 4.53
C PHE C 115 -9.55 36.25 5.36
N HIS C 116 -10.40 37.13 5.93
CA HIS C 116 -11.55 36.74 6.74
C HIS C 116 -12.79 37.38 6.14
N GLU C 117 -13.65 36.55 5.55
CA GLU C 117 -14.87 36.98 4.89
C GLU C 117 -16.04 37.09 5.86
N GLY C 118 -16.78 38.20 5.77
CA GLY C 118 -17.97 38.45 6.57
C GLY C 118 -19.21 38.57 5.72
N ALA C 119 -20.34 38.96 6.34
CA ALA C 119 -21.62 39.11 5.66
C ALA C 119 -21.73 40.43 4.88
N LYS C 120 -21.32 41.55 5.49
CA LYS C 120 -21.37 42.89 4.89
C LYS C 120 -19.95 43.40 4.66
N ASP C 121 -19.05 43.22 5.65
CA ASP C 121 -17.65 43.67 5.58
C ASP C 121 -16.68 42.52 5.73
N SER C 122 -15.55 42.60 5.01
CA SER C 122 -14.47 41.60 5.05
C SER C 122 -13.20 42.22 5.63
N LEU C 123 -12.28 41.36 6.08
CA LEU C 123 -11.04 41.76 6.71
C LEU C 123 -9.84 41.14 6.01
N TYR C 124 -8.78 41.93 5.83
CA TYR C 124 -7.53 41.50 5.22
C TYR C 124 -6.35 41.87 6.10
N MET C 125 -5.45 40.91 6.33
CA MET C 125 -4.26 41.13 7.13
C MET C 125 -3.01 40.76 6.36
N THR C 126 -2.02 41.67 6.35
CA THR C 126 -0.78 41.47 5.63
C THR C 126 0.41 41.75 6.53
N ILE C 127 1.32 40.78 6.62
CA ILE C 127 2.52 40.91 7.44
C ILE C 127 3.60 41.64 6.65
N VAL C 128 4.06 42.78 7.19
CA VAL C 128 5.08 43.64 6.59
C VAL C 128 6.40 43.49 7.36
N GLY C 129 7.38 42.82 6.73
CA GLY C 129 8.71 42.59 7.27
C GLY C 129 8.80 41.75 8.54
N SER C 130 7.81 40.83 8.74
CA SER C 130 7.70 39.91 9.87
C SER C 130 7.84 40.59 11.26
N ARG C 131 7.25 41.80 11.41
CA ARG C 131 7.27 42.61 12.64
C ARG C 131 6.02 43.48 12.76
N VAL C 132 5.45 43.89 11.61
CA VAL C 132 4.28 44.77 11.50
C VAL C 132 3.15 44.07 10.73
N VAL C 133 1.89 44.36 11.10
CA VAL C 133 0.66 43.81 10.50
C VAL C 133 -0.19 44.96 9.95
N LEU C 134 -0.54 44.89 8.67
CA LEU C 134 -1.39 45.86 7.99
C LEU C 134 -2.81 45.26 7.94
N VAL C 135 -3.74 45.88 8.69
CA VAL C 135 -5.15 45.45 8.77
C VAL C 135 -6.01 46.34 7.89
N VAL C 136 -6.75 45.74 6.94
CA VAL C 136 -7.62 46.44 6.01
C VAL C 136 -9.05 45.89 6.12
N ILE C 137 -10.00 46.75 6.49
CA ILE C 137 -11.42 46.40 6.61
C ILE C 137 -12.14 47.11 5.47
N PHE C 138 -12.91 46.35 4.67
CA PHE C 138 -13.60 46.85 3.49
C PHE C 138 -14.96 46.19 3.30
N ASP C 139 -15.86 46.88 2.57
CA ASP C 139 -17.19 46.37 2.24
C ASP C 139 -17.05 45.28 1.17
N ASN C 140 -17.86 44.20 1.28
CA ASN C 140 -17.86 43.06 0.36
C ASN C 140 -18.14 43.42 -1.10
N ARG C 141 -18.79 44.58 -1.35
CA ARG C 141 -19.12 45.10 -2.68
C ARG C 141 -17.86 45.53 -3.47
N THR C 142 -16.76 45.86 -2.76
CA THR C 142 -15.48 46.26 -3.35
C THR C 142 -14.78 45.02 -3.90
N SER C 143 -14.13 45.16 -5.10
CA SER C 143 -13.42 44.09 -5.78
C SER C 143 -12.27 43.54 -4.92
N LEU C 144 -12.22 42.21 -4.75
CA LEU C 144 -11.20 41.51 -3.97
C LEU C 144 -9.82 41.66 -4.62
N GLY C 145 -9.79 41.68 -5.96
CA GLY C 145 -8.58 41.85 -6.75
C GLY C 145 -8.01 43.24 -6.62
N LEU C 146 -8.89 44.26 -6.49
CA LEU C 146 -8.51 45.67 -6.33
C LEU C 146 -7.86 45.89 -4.96
N VAL C 147 -8.50 45.42 -3.87
CA VAL C 147 -7.98 45.56 -2.49
C VAL C 147 -6.61 44.90 -2.36
N ARG C 148 -6.47 43.65 -2.88
CA ARG C 148 -5.23 42.86 -2.86
C ARG C 148 -4.07 43.54 -3.60
N LEU C 149 -4.36 44.15 -4.76
CA LEU C 149 -3.37 44.84 -5.59
C LEU C 149 -2.85 46.10 -4.88
N ARG C 150 -3.74 46.84 -4.21
CA ARG C 150 -3.41 48.05 -3.47
C ARG C 150 -2.65 47.74 -2.19
N ILE C 151 -3.04 46.64 -1.49
CA ILE C 151 -2.40 46.18 -0.25
C ILE C 151 -0.93 45.81 -0.52
N LYS C 152 -0.67 45.12 -1.65
CA LYS C 152 0.67 44.71 -2.09
C LYS C 152 1.56 45.94 -2.31
N LYS C 153 1.03 46.99 -2.97
CA LYS C 153 1.72 48.24 -3.24
C LYS C 153 2.03 48.98 -1.92
N ALA C 154 1.06 48.96 -0.97
CA ALA C 154 1.19 49.58 0.35
C ALA C 154 2.25 48.86 1.19
N SER C 155 2.23 47.50 1.17
CA SER C 155 3.16 46.64 1.89
C SER C 155 4.60 46.85 1.40
N ASP C 156 4.80 46.93 0.07
CA ASP C 156 6.09 47.17 -0.57
C ASP C 156 6.64 48.55 -0.20
N GLU C 157 5.74 49.57 -0.16
CA GLU C 157 6.07 50.94 0.22
C GLU C 157 6.48 50.99 1.69
N LEU C 158 5.74 50.27 2.56
CA LEU C 158 6.02 50.19 3.99
C LEU C 158 7.33 49.48 4.31
N THR C 159 7.61 48.35 3.60
CA THR C 159 8.85 47.57 3.77
C THR C 159 10.09 48.44 3.51
N LYS C 160 10.05 49.29 2.46
CA LYS C 160 11.13 50.22 2.10
C LYS C 160 11.34 51.30 3.17
N ILE C 161 10.25 51.73 3.85
CA ILE C 161 10.28 52.73 4.92
C ILE C 161 10.91 52.13 6.19
N PHE C 162 10.43 50.93 6.60
CA PHE C 162 10.93 50.23 7.79
C PHE C 162 12.39 49.75 7.67
N GLU C 163 12.88 49.52 6.43
CA GLU C 163 14.26 49.10 6.16
C GLU C 163 15.25 50.28 6.28
N SER C 164 14.75 51.53 6.12
CA SER C 164 15.54 52.75 6.27
C SER C 164 15.71 53.10 7.76
N LEU C 165 14.92 52.44 8.64
CA LEU C 165 14.95 52.62 10.09
C LEU C 165 15.95 51.64 10.73
N MET D 40 -23.64 5.92 27.26
CA MET D 40 -22.89 5.65 26.04
C MET D 40 -23.80 5.68 24.81
N TYR D 41 -24.02 6.88 24.25
CA TYR D 41 -24.88 7.07 23.08
C TYR D 41 -24.30 7.98 22.01
N GLU D 42 -24.40 7.52 20.73
CA GLU D 42 -24.01 8.18 19.47
C GLU D 42 -22.47 8.35 19.30
N GLU D 43 -21.80 7.70 18.28
CA GLU D 43 -22.24 6.92 17.09
C GLU D 43 -22.56 7.88 15.90
N GLU D 44 -22.92 9.12 16.27
CA GLU D 44 -23.01 10.29 15.41
C GLU D 44 -21.55 10.76 15.21
N PHE D 45 -20.61 10.34 16.11
CA PHE D 45 -19.17 10.64 15.99
C PHE D 45 -18.52 9.92 14.80
N THR D 46 -19.01 8.71 14.43
CA THR D 46 -18.53 7.93 13.28
C THR D 46 -18.91 8.66 11.97
N LYS D 47 -20.11 9.29 11.96
CA LYS D 47 -20.63 10.07 10.83
C LYS D 47 -19.78 11.31 10.59
N ILE D 48 -19.28 11.94 11.68
CA ILE D 48 -18.40 13.12 11.65
C ILE D 48 -17.06 12.77 10.98
N ASN D 49 -16.43 11.64 11.37
CA ASN D 49 -15.17 11.16 10.80
C ASN D 49 -15.34 10.82 9.31
N ALA D 50 -16.52 10.26 8.93
CA ALA D 50 -16.86 9.91 7.56
C ALA D 50 -16.92 11.16 6.67
N VAL D 51 -17.43 12.29 7.20
CA VAL D 51 -17.52 13.59 6.51
C VAL D 51 -16.09 14.09 6.24
N CYS D 52 -15.21 14.01 7.27
CA CYS D 52 -13.80 14.44 7.21
C CYS D 52 -12.99 13.60 6.22
N ASP D 53 -13.24 12.27 6.18
CA ASP D 53 -12.58 11.34 5.27
C ASP D 53 -12.99 11.59 3.82
N ARG D 54 -14.29 11.83 3.58
CA ARG D 54 -14.85 12.13 2.26
C ARG D 54 -14.32 13.48 1.76
N LEU D 55 -14.22 14.48 2.66
CA LEU D 55 -13.71 15.82 2.35
C LEU D 55 -12.25 15.80 1.91
N THR D 56 -11.40 14.99 2.57
CA THR D 56 -9.97 14.86 2.24
C THR D 56 -9.80 14.28 0.83
N LYS D 57 -10.61 13.26 0.48
CA LYS D 57 -10.57 12.60 -0.82
C LYS D 57 -11.20 13.45 -1.93
N ASP D 58 -12.44 13.91 -1.74
CA ASP D 58 -13.20 14.68 -2.73
C ASP D 58 -12.60 16.06 -3.02
N ALA D 59 -12.27 16.84 -1.98
CA ALA D 59 -11.67 18.18 -2.15
C ALA D 59 -10.17 18.10 -2.48
N ASN D 60 -9.61 16.86 -2.52
CA ASN D 60 -8.20 16.54 -2.77
C ASN D 60 -7.28 17.28 -1.79
N ALA D 61 -7.73 17.34 -0.52
CA ALA D 61 -7.04 18.00 0.58
C ALA D 61 -5.89 17.15 1.09
N LYS D 62 -4.88 17.79 1.67
CA LYS D 62 -3.71 17.14 2.25
C LYS D 62 -4.13 16.54 3.59
N VAL D 63 -4.76 17.36 4.45
CA VAL D 63 -5.21 16.99 5.79
C VAL D 63 -6.44 17.85 6.22
N VAL D 64 -7.38 17.25 6.95
CA VAL D 64 -8.63 17.88 7.42
C VAL D 64 -8.75 17.67 8.94
N PHE D 65 -9.12 18.75 9.67
CA PHE D 65 -9.30 18.74 11.13
C PHE D 65 -10.64 19.34 11.52
N LEU D 66 -11.21 18.85 12.61
CA LEU D 66 -12.44 19.36 13.20
C LEU D 66 -12.10 19.71 14.64
N VAL D 67 -12.10 21.01 14.96
CA VAL D 67 -11.70 21.55 16.26
C VAL D 67 -12.86 22.27 16.94
N ASP D 68 -13.05 22.04 18.25
CA ASP D 68 -14.07 22.73 19.04
C ASP D 68 -13.47 24.08 19.42
N LYS D 69 -14.32 25.12 19.58
CA LYS D 69 -13.87 26.47 19.95
C LYS D 69 -13.12 26.53 21.31
N ASN D 70 -13.27 25.48 22.15
CA ASN D 70 -12.59 25.38 23.43
C ASN D 70 -11.17 24.80 23.30
N GLY D 71 -10.78 24.41 22.09
CA GLY D 71 -9.46 23.88 21.78
C GLY D 71 -9.35 22.37 21.67
N GLN D 72 -10.47 21.66 21.83
CA GLN D 72 -10.48 20.21 21.75
C GLN D 72 -10.57 19.73 20.32
N LEU D 73 -9.71 18.77 19.95
CA LEU D 73 -9.74 18.17 18.62
C LEU D 73 -10.86 17.12 18.63
N ILE D 74 -11.82 17.26 17.71
CA ILE D 74 -12.97 16.37 17.58
C ILE D 74 -12.62 15.23 16.61
N SER D 75 -12.15 15.57 15.41
CA SER D 75 -11.81 14.63 14.37
C SER D 75 -10.65 15.12 13.49
N SER D 76 -9.98 14.18 12.81
CA SER D 76 -8.88 14.44 11.90
C SER D 76 -8.81 13.35 10.82
N ALA D 77 -8.51 13.76 9.58
CA ALA D 77 -8.39 12.87 8.43
C ALA D 77 -7.27 13.31 7.51
N GLY D 78 -6.67 12.37 6.80
CA GLY D 78 -5.58 12.62 5.85
C GLY D 78 -4.19 12.41 6.41
N GLN D 79 -3.23 13.18 5.89
CA GLN D 79 -1.82 13.14 6.26
C GLN D 79 -1.56 13.82 7.62
N THR D 80 -2.09 13.21 8.69
CA THR D 80 -1.98 13.69 10.08
C THR D 80 -0.63 13.36 10.73
N GLN D 81 0.19 12.49 10.10
CA GLN D 81 1.47 11.97 10.59
C GLN D 81 2.50 13.00 11.14
N ASN D 82 3.09 13.89 10.33
CA ASN D 82 4.12 14.81 10.84
C ASN D 82 3.53 16.14 11.37
N ILE D 83 2.25 16.13 11.78
CA ILE D 83 1.55 17.30 12.31
C ILE D 83 1.07 17.05 13.75
N ASP D 84 1.39 17.98 14.68
CA ASP D 84 0.96 17.92 16.07
C ASP D 84 -0.51 18.38 16.09
N THR D 85 -1.44 17.42 16.06
CA THR D 85 -2.89 17.63 16.04
C THR D 85 -3.41 18.40 17.25
N THR D 86 -2.89 18.09 18.45
CA THR D 86 -3.25 18.73 19.72
C THR D 86 -2.86 20.21 19.72
N SER D 87 -1.63 20.53 19.28
CA SER D 87 -1.11 21.90 19.21
C SER D 87 -1.84 22.71 18.15
N LEU D 88 -2.19 22.07 17.02
CA LEU D 88 -2.91 22.71 15.92
C LEU D 88 -4.31 23.13 16.38
N ALA D 89 -5.01 22.25 17.15
CA ALA D 89 -6.33 22.50 17.70
C ALA D 89 -6.33 23.67 18.69
N SER D 90 -5.28 23.75 19.53
CA SER D 90 -5.08 24.81 20.52
C SER D 90 -4.87 26.18 19.86
N LEU D 91 -4.04 26.23 18.82
CA LEU D 91 -3.74 27.46 18.07
C LEU D 91 -4.91 27.91 17.21
N THR D 92 -5.74 26.96 16.70
CA THR D 92 -6.94 27.24 15.92
C THR D 92 -7.94 27.98 16.80
N ALA D 93 -8.18 27.45 18.02
CA ALA D 93 -9.07 28.03 19.02
C ALA D 93 -8.65 29.46 19.42
N GLY D 94 -7.35 29.68 19.59
CA GLY D 94 -6.78 30.97 19.95
C GLY D 94 -6.99 32.01 18.86
N ASN D 95 -6.86 31.58 17.60
CA ASN D 95 -7.06 32.43 16.41
C ASN D 95 -8.54 32.78 16.22
N VAL D 96 -9.42 31.78 16.30
CA VAL D 96 -10.86 31.92 16.12
C VAL D 96 -11.45 32.84 17.22
N ALA D 97 -10.98 32.70 18.48
CA ALA D 97 -11.41 33.55 19.61
C ALA D 97 -11.00 35.01 19.40
N ALA D 98 -9.77 35.25 18.91
CA ALA D 98 -9.26 36.59 18.61
C ALA D 98 -10.04 37.20 17.45
N MET D 99 -10.39 36.38 16.44
CA MET D 99 -11.17 36.78 15.28
C MET D 99 -12.61 37.11 15.67
N GLY D 100 -13.17 36.36 16.62
CA GLY D 100 -14.52 36.55 17.13
C GLY D 100 -14.69 37.89 17.82
N GLY D 101 -13.71 38.25 18.64
CA GLY D 101 -13.68 39.52 19.35
C GLY D 101 -13.45 40.70 18.44
N LEU D 102 -12.68 40.47 17.37
CA LEU D 102 -12.35 41.46 16.35
C LEU D 102 -13.59 41.76 15.49
N ALA D 103 -14.37 40.72 15.14
CA ALA D 103 -15.61 40.82 14.38
C ALA D 103 -16.64 41.65 15.17
N LYS D 104 -16.77 41.38 16.48
CA LYS D 104 -17.68 42.08 17.40
C LYS D 104 -17.31 43.56 17.54
N LEU D 105 -16.00 43.88 17.47
CA LEU D 105 -15.48 45.24 17.56
C LEU D 105 -15.88 46.10 16.36
N ILE D 106 -15.99 45.48 15.16
CA ILE D 106 -16.35 46.18 13.93
C ILE D 106 -17.88 46.11 13.67
N GLY D 107 -18.64 45.64 14.65
CA GLY D 107 -20.09 45.50 14.59
C GLY D 107 -20.55 44.48 13.57
N GLU D 108 -19.81 43.37 13.49
CA GLU D 108 -20.06 42.29 12.55
C GLU D 108 -20.18 40.97 13.31
N ASN D 109 -20.96 40.02 12.76
CA ASN D 109 -21.09 38.69 13.33
C ASN D 109 -19.81 37.93 12.97
N GLU D 110 -19.48 36.87 13.72
CA GLU D 110 -18.29 36.06 13.50
C GLU D 110 -18.09 35.73 12.02
N PHE D 111 -16.86 35.91 11.50
CA PHE D 111 -16.49 35.63 10.10
C PHE D 111 -16.63 34.11 9.83
N PRO D 112 -17.60 33.68 8.98
CA PRO D 112 -17.82 32.24 8.78
C PRO D 112 -16.67 31.49 8.11
N ASN D 113 -15.99 32.14 7.15
CA ASN D 113 -14.91 31.53 6.38
C ASN D 113 -13.64 32.36 6.44
N GLN D 114 -12.52 31.70 6.72
CA GLN D 114 -11.19 32.29 6.84
C GLN D 114 -10.23 31.57 5.89
N PHE D 115 -9.65 32.30 4.91
CA PHE D 115 -8.70 31.73 3.94
C PHE D 115 -7.30 32.29 4.15
N HIS D 116 -6.30 31.42 4.27
CA HIS D 116 -4.90 31.80 4.44
C HIS D 116 -4.07 31.12 3.36
N GLU D 117 -3.56 31.93 2.41
CA GLU D 117 -2.77 31.46 1.27
C GLU D 117 -1.28 31.38 1.61
N GLY D 118 -0.66 30.27 1.26
CA GLY D 118 0.77 30.02 1.48
C GLY D 118 1.53 29.86 0.18
N ALA D 119 2.81 29.46 0.29
CA ALA D 119 3.70 29.26 -0.85
C ALA D 119 3.46 27.94 -1.58
N LYS D 120 3.34 26.83 -0.83
CA LYS D 120 3.11 25.48 -1.36
C LYS D 120 1.72 24.97 -0.97
N ASP D 121 1.33 25.19 0.31
CA ASP D 121 0.03 24.76 0.85
C ASP D 121 -0.77 25.94 1.40
N SER D 122 -2.11 25.88 1.23
CA SER D 122 -3.07 26.87 1.72
C SER D 122 -3.96 26.29 2.82
N LEU D 123 -4.58 27.17 3.61
CA LEU D 123 -5.43 26.78 4.73
C LEU D 123 -6.81 27.43 4.65
N TYR D 124 -7.86 26.64 4.97
CA TYR D 124 -9.24 27.12 4.99
C TYR D 124 -9.90 26.77 6.32
N MET D 125 -10.58 27.75 6.93
CA MET D 125 -11.30 27.56 8.20
C MET D 125 -12.76 27.97 8.07
N THR D 126 -13.66 27.10 8.50
CA THR D 126 -15.10 27.33 8.42
C THR D 126 -15.76 27.04 9.77
N ILE D 127 -16.51 28.01 10.28
CA ILE D 127 -17.23 27.85 11.55
C ILE D 127 -18.56 27.15 11.28
N VAL D 128 -18.75 25.99 11.92
CA VAL D 128 -19.92 25.13 11.80
C VAL D 128 -20.77 25.27 13.09
N GLY D 129 -21.93 25.92 12.96
CA GLY D 129 -22.89 26.13 14.04
C GLY D 129 -22.41 26.93 15.24
N SER D 130 -21.45 27.87 15.01
CA SER D 130 -20.84 28.76 16.01
C SER D 130 -20.36 28.03 17.29
N ARG D 131 -19.74 26.85 17.11
CA ARG D 131 -19.21 26.02 18.21
C ARG D 131 -18.03 25.17 17.75
N VAL D 132 -18.01 24.81 16.47
CA VAL D 132 -17.02 23.93 15.85
C VAL D 132 -16.34 24.64 14.67
N VAL D 133 -15.04 24.35 14.45
CA VAL D 133 -14.21 24.90 13.38
C VAL D 133 -13.70 23.74 12.48
N LEU D 134 -13.98 23.84 11.17
CA LEU D 134 -13.53 22.87 10.17
C LEU D 134 -12.29 23.44 9.49
N VAL D 135 -11.13 22.80 9.74
CA VAL D 135 -9.82 23.22 9.20
C VAL D 135 -9.44 22.30 8.03
N VAL D 136 -9.19 22.90 6.85
CA VAL D 136 -8.82 22.17 5.64
C VAL D 136 -7.48 22.70 5.11
N ILE D 137 -6.47 21.82 5.03
CA ILE D 137 -5.14 22.13 4.50
C ILE D 137 -5.01 21.41 3.15
N PHE D 138 -4.66 22.17 2.11
CA PHE D 138 -4.56 21.65 0.74
C PHE D 138 -3.41 22.29 -0.04
N ASP D 139 -2.93 21.59 -1.07
CA ASP D 139 -1.87 22.06 -1.95
C ASP D 139 -2.44 23.14 -2.87
N ASN D 140 -1.65 24.20 -3.13
CA ASN D 140 -2.00 25.35 -3.97
C ASN D 140 -2.41 24.98 -5.41
N ARG D 141 -1.96 23.81 -5.89
CA ARG D 141 -2.27 23.30 -7.23
C ARG D 141 -3.75 22.90 -7.39
N THR D 142 -4.44 22.61 -6.26
CA THR D 142 -5.86 22.25 -6.23
C THR D 142 -6.72 23.51 -6.44
N SER D 143 -7.82 23.38 -7.21
CA SER D 143 -8.77 24.45 -7.52
C SER D 143 -9.42 24.98 -6.24
N LEU D 144 -9.41 26.31 -6.06
CA LEU D 144 -10.00 27.01 -4.91
C LEU D 144 -11.52 26.86 -4.91
N GLY D 145 -12.12 26.85 -6.11
CA GLY D 145 -13.56 26.67 -6.30
C GLY D 145 -14.03 25.29 -5.91
N LEU D 146 -13.17 24.27 -6.18
CA LEU D 146 -13.43 22.87 -5.85
C LEU D 146 -13.43 22.65 -4.34
N VAL D 147 -12.36 23.13 -3.63
CA VAL D 147 -12.25 22.99 -2.17
C VAL D 147 -13.43 23.68 -1.45
N ARG D 148 -13.77 24.92 -1.87
CA ARG D 148 -14.86 25.71 -1.30
C ARG D 148 -16.25 25.03 -1.46
N LEU D 149 -16.49 24.41 -2.63
CA LEU D 149 -17.75 23.72 -2.93
C LEU D 149 -17.90 22.46 -2.05
N ARG D 150 -16.80 21.72 -1.84
CA ARG D 150 -16.78 20.52 -1.02
C ARG D 150 -16.87 20.85 0.48
N ILE D 151 -16.23 21.97 0.92
CA ILE D 151 -16.26 22.45 2.32
C ILE D 151 -17.70 22.81 2.70
N LYS D 152 -18.43 23.48 1.79
CA LYS D 152 -19.83 23.88 1.98
C LYS D 152 -20.72 22.66 2.21
N LYS D 153 -20.53 21.59 1.40
CA LYS D 153 -21.26 20.33 1.48
C LYS D 153 -20.96 19.62 2.81
N ALA D 154 -19.68 19.64 3.24
CA ALA D 154 -19.19 19.05 4.49
C ALA D 154 -19.77 19.81 5.70
N SER D 155 -19.75 21.16 5.66
CA SER D 155 -20.28 22.05 6.71
C SER D 155 -21.78 21.83 6.91
N ASP D 156 -22.55 21.71 5.80
CA ASP D 156 -24.00 21.48 5.82
C ASP D 156 -24.31 20.11 6.42
N GLU D 157 -23.50 19.09 6.08
CA GLU D 157 -23.61 17.72 6.59
C GLU D 157 -23.31 17.71 8.09
N LEU D 158 -22.27 18.44 8.52
CA LEU D 158 -21.87 18.55 9.92
C LEU D 158 -22.90 19.27 10.77
N THR D 159 -23.48 20.40 10.26
CA THR D 159 -24.52 21.19 10.95
C THR D 159 -25.73 20.31 11.30
N LYS D 160 -26.17 19.44 10.35
CA LYS D 160 -27.28 18.51 10.54
C LYS D 160 -26.98 17.45 11.61
N ILE D 161 -25.69 17.02 11.71
CA ILE D 161 -25.23 16.03 12.70
C ILE D 161 -25.23 16.65 14.11
N PHE D 162 -24.64 17.86 14.25
CA PHE D 162 -24.54 18.59 15.52
C PHE D 162 -25.90 19.05 16.08
N GLU D 163 -26.89 19.27 15.19
CA GLU D 163 -28.25 19.67 15.58
C GLU D 163 -29.04 18.50 16.16
N SER D 164 -28.70 17.25 15.78
CA SER D 164 -29.33 16.03 16.27
C SER D 164 -28.77 15.65 17.66
N LEU D 165 -27.65 16.29 18.06
CA LEU D 165 -26.98 16.10 19.35
C LEU D 165 -27.54 17.02 20.44
N VAL D 166 -28.81 17.48 20.27
CA VAL D 166 -29.63 18.36 21.13
C VAL D 166 -28.79 19.48 21.77
N VAL E 39 -13.88 -21.76 -6.80
CA VAL E 39 -14.99 -22.64 -7.16
C VAL E 39 -14.74 -23.33 -8.51
N MET E 40 -15.34 -24.53 -8.71
CA MET E 40 -15.15 -25.33 -9.93
C MET E 40 -16.33 -25.30 -10.90
N TYR E 41 -16.09 -24.73 -12.10
CA TYR E 41 -17.09 -24.62 -13.16
C TYR E 41 -16.55 -24.88 -14.57
N GLU E 42 -17.41 -25.43 -15.42
CA GLU E 42 -17.09 -25.72 -16.82
C GLU E 42 -17.92 -24.81 -17.76
N GLU E 43 -18.59 -25.35 -18.80
CA GLU E 43 -19.43 -24.55 -19.70
C GLU E 43 -20.86 -24.36 -19.13
N GLU E 44 -21.09 -24.97 -17.95
CA GLU E 44 -22.28 -24.80 -17.15
C GLU E 44 -22.23 -23.41 -16.48
N PHE E 45 -21.01 -22.83 -16.32
CA PHE E 45 -20.78 -21.49 -15.78
C PHE E 45 -21.35 -20.40 -16.68
N THR E 46 -21.28 -20.57 -18.02
CA THR E 46 -21.81 -19.59 -18.99
C THR E 46 -23.34 -19.55 -18.91
N LYS E 47 -23.97 -20.71 -18.67
CA LYS E 47 -25.42 -20.88 -18.51
C LYS E 47 -25.91 -20.14 -17.26
N ILE E 48 -25.12 -20.17 -16.16
CA ILE E 48 -25.39 -19.51 -14.88
C ILE E 48 -25.41 -17.98 -15.06
N ASN E 49 -24.41 -17.41 -15.78
CA ASN E 49 -24.31 -15.98 -16.06
C ASN E 49 -25.47 -15.52 -16.94
N ALA E 50 -25.91 -16.38 -17.88
CA ALA E 50 -27.02 -16.13 -18.79
C ALA E 50 -28.35 -15.99 -18.02
N VAL E 51 -28.53 -16.81 -16.96
CA VAL E 51 -29.70 -16.78 -16.08
C VAL E 51 -29.73 -15.45 -15.32
N CYS E 52 -28.57 -15.03 -14.76
CA CYS E 52 -28.38 -13.77 -14.02
C CYS E 52 -28.63 -12.55 -14.89
N ASP E 53 -28.15 -12.58 -16.16
CA ASP E 53 -28.32 -11.50 -17.14
C ASP E 53 -29.77 -11.35 -17.55
N ARG E 54 -30.46 -12.49 -17.79
CA ARG E 54 -31.88 -12.53 -18.15
C ARG E 54 -32.74 -12.02 -17.00
N LEU E 55 -32.39 -12.41 -15.75
CA LEU E 55 -33.09 -12.00 -14.53
C LEU E 55 -33.03 -10.49 -14.31
N THR E 56 -31.86 -9.87 -14.53
CA THR E 56 -31.66 -8.42 -14.37
C THR E 56 -32.55 -7.65 -15.34
N LYS E 57 -32.64 -8.12 -16.60
CA LYS E 57 -33.42 -7.50 -17.66
C LYS E 57 -34.93 -7.73 -17.50
N ASP E 58 -35.34 -9.01 -17.38
CA ASP E 58 -36.75 -9.44 -17.26
C ASP E 58 -37.43 -8.96 -15.98
N ALA E 59 -36.79 -9.17 -14.80
CA ALA E 59 -37.35 -8.72 -13.52
C ALA E 59 -37.15 -7.21 -13.29
N ASN E 60 -36.47 -6.53 -14.23
CA ASN E 60 -36.13 -5.10 -14.19
C ASN E 60 -35.36 -4.75 -12.90
N ALA E 61 -34.44 -5.66 -12.51
CA ALA E 61 -33.61 -5.54 -11.32
C ALA E 61 -32.47 -4.57 -11.56
N LYS E 62 -31.98 -3.94 -10.48
CA LYS E 62 -30.86 -3.00 -10.51
C LYS E 62 -29.56 -3.81 -10.66
N VAL E 63 -29.38 -4.82 -9.79
CA VAL E 63 -28.20 -5.69 -9.75
C VAL E 63 -28.57 -7.08 -9.19
N VAL E 64 -27.97 -8.14 -9.76
CA VAL E 64 -28.19 -9.54 -9.37
C VAL E 64 -26.84 -10.20 -9.02
N PHE E 65 -26.80 -10.96 -7.91
CA PHE E 65 -25.62 -11.68 -7.44
C PHE E 65 -25.94 -13.13 -7.14
N LEU E 66 -24.96 -14.01 -7.36
CA LEU E 66 -25.05 -15.42 -7.02
C LEU E 66 -23.90 -15.71 -6.07
N VAL E 67 -24.23 -15.98 -4.80
CA VAL E 67 -23.26 -16.18 -3.72
C VAL E 67 -23.35 -17.60 -3.15
N ASP E 68 -22.19 -18.24 -2.90
CA ASP E 68 -22.14 -19.55 -2.26
C ASP E 68 -22.27 -19.31 -0.75
N LYS E 69 -22.87 -20.26 -0.01
CA LYS E 69 -23.07 -20.15 1.44
C LYS E 69 -21.77 -19.99 2.24
N ASN E 70 -20.61 -20.32 1.62
CA ASN E 70 -19.29 -20.19 2.22
C ASN E 70 -18.71 -18.76 2.07
N GLY E 71 -19.43 -17.90 1.36
CA GLY E 71 -19.07 -16.50 1.13
C GLY E 71 -18.42 -16.19 -0.20
N GLN E 72 -18.28 -17.19 -1.08
CA GLN E 72 -17.66 -17.00 -2.40
C GLN E 72 -18.68 -16.49 -3.42
N LEU E 73 -18.30 -15.45 -4.18
CA LEU E 73 -19.15 -14.91 -5.24
C LEU E 73 -19.00 -15.80 -6.48
N ILE E 74 -20.13 -16.32 -6.98
CA ILE E 74 -20.17 -17.21 -8.15
C ILE E 74 -20.36 -16.37 -9.42
N SER E 75 -21.41 -15.53 -9.47
CA SER E 75 -21.77 -14.71 -10.61
C SER E 75 -22.39 -13.38 -10.17
N SER E 76 -22.38 -12.38 -11.07
CA SER E 76 -22.94 -11.06 -10.86
C SER E 76 -23.37 -10.44 -12.20
N ALA E 77 -24.52 -9.75 -12.21
CA ALA E 77 -25.08 -9.09 -13.40
C ALA E 77 -25.73 -7.76 -13.01
N GLY E 78 -25.73 -6.81 -13.93
CA GLY E 78 -26.32 -5.49 -13.72
C GLY E 78 -25.34 -4.42 -13.29
N GLN E 79 -25.84 -3.44 -12.50
CA GLN E 79 -25.08 -2.30 -11.99
C GLN E 79 -24.14 -2.69 -10.83
N THR E 80 -23.12 -3.51 -11.15
CA THR E 80 -22.10 -4.03 -10.21
C THR E 80 -21.03 -3.01 -9.85
N GLN E 81 -20.93 -1.92 -10.64
CA GLN E 81 -20.02 -0.80 -10.45
C GLN E 81 -20.47 -0.14 -9.15
N ASN E 82 -19.50 0.37 -8.40
CA ASN E 82 -19.60 1.05 -7.09
C ASN E 82 -20.06 0.12 -5.93
N ILE E 83 -20.19 -1.20 -6.17
CA ILE E 83 -20.53 -2.17 -5.13
C ILE E 83 -19.37 -3.17 -4.98
N ASP E 84 -18.85 -3.29 -3.73
CA ASP E 84 -17.80 -4.23 -3.37
C ASP E 84 -18.45 -5.62 -3.32
N THR E 85 -18.31 -6.38 -4.44
CA THR E 85 -18.88 -7.70 -4.64
C THR E 85 -18.40 -8.72 -3.61
N THR E 86 -17.11 -8.67 -3.24
CA THR E 86 -16.48 -9.57 -2.26
C THR E 86 -17.08 -9.35 -0.85
N SER E 87 -17.23 -8.08 -0.43
CA SER E 87 -17.82 -7.71 0.86
C SER E 87 -19.31 -8.06 0.92
N LEU E 88 -20.03 -7.88 -0.19
CA LEU E 88 -21.45 -8.20 -0.31
C LEU E 88 -21.69 -9.70 -0.12
N ALA E 89 -20.84 -10.53 -0.76
CA ALA E 89 -20.90 -11.98 -0.71
C ALA E 89 -20.66 -12.49 0.72
N SER E 90 -19.70 -11.87 1.44
CA SER E 90 -19.34 -12.20 2.81
C SER E 90 -20.48 -11.88 3.80
N LEU E 91 -21.14 -10.72 3.63
CA LEU E 91 -22.25 -10.28 4.48
C LEU E 91 -23.52 -11.09 4.20
N THR E 92 -23.70 -11.55 2.94
CA THR E 92 -24.83 -12.39 2.52
C THR E 92 -24.74 -13.73 3.26
N ALA E 93 -23.54 -14.35 3.25
CA ALA E 93 -23.25 -15.62 3.90
C ALA E 93 -23.51 -15.56 5.42
N GLY E 94 -23.11 -14.46 6.05
CA GLY E 94 -23.29 -14.23 7.48
C GLY E 94 -24.75 -14.11 7.87
N ASN E 95 -25.53 -13.44 7.02
CA ASN E 95 -26.97 -13.24 7.20
C ASN E 95 -27.75 -14.55 6.98
N VAL E 96 -27.44 -15.29 5.90
CA VAL E 96 -28.08 -16.56 5.55
C VAL E 96 -27.84 -17.61 6.62
N ALA E 97 -26.62 -17.65 7.20
CA ALA E 97 -26.27 -18.59 8.28
C ALA E 97 -27.07 -18.29 9.53
N ALA E 98 -27.22 -17.00 9.89
CA ALA E 98 -28.00 -16.55 11.05
C ALA E 98 -29.48 -16.86 10.85
N MET E 99 -29.98 -16.68 9.60
CA MET E 99 -31.36 -16.97 9.22
C MET E 99 -31.67 -18.47 9.23
N GLY E 100 -30.70 -19.27 8.82
CA GLY E 100 -30.79 -20.73 8.80
C GLY E 100 -30.96 -21.31 10.18
N GLY E 101 -30.19 -20.78 11.13
CA GLY E 101 -30.23 -21.19 12.53
C GLY E 101 -31.50 -20.73 13.22
N LEU E 102 -32.03 -19.59 12.78
CA LEU E 102 -33.27 -18.98 13.29
C LEU E 102 -34.47 -19.81 12.84
N ALA E 103 -34.46 -20.30 11.57
CA ALA E 103 -35.49 -21.16 11.00
C ALA E 103 -35.55 -22.49 11.77
N LYS E 104 -34.37 -23.09 12.05
CA LYS E 104 -34.24 -24.34 12.80
C LYS E 104 -34.74 -24.23 14.22
N LEU E 105 -34.58 -23.03 14.83
CA LEU E 105 -35.03 -22.73 16.20
C LEU E 105 -36.55 -22.73 16.32
N ILE E 106 -37.26 -22.30 15.26
CA ILE E 106 -38.71 -22.22 15.23
C ILE E 106 -39.35 -23.50 14.63
N GLY E 107 -38.53 -24.54 14.43
CA GLY E 107 -38.94 -25.83 13.90
C GLY E 107 -39.41 -25.74 12.46
N GLU E 108 -38.70 -24.93 11.67
CA GLU E 108 -38.99 -24.69 10.27
C GLU E 108 -37.76 -24.99 9.42
N ASN E 109 -37.97 -25.41 8.15
CA ASN E 109 -36.88 -25.64 7.22
C ASN E 109 -36.37 -24.27 6.78
N GLU E 110 -35.13 -24.19 6.29
CA GLU E 110 -34.52 -22.94 5.82
C GLU E 110 -35.50 -22.15 4.96
N PHE E 111 -35.69 -20.84 5.27
CA PHE E 111 -36.62 -19.99 4.52
C PHE E 111 -36.13 -19.88 3.08
N PRO E 112 -36.92 -20.38 2.09
CA PRO E 112 -36.45 -20.31 0.70
C PRO E 112 -36.32 -18.89 0.17
N ASN E 113 -37.21 -17.98 0.58
CA ASN E 113 -37.22 -16.59 0.13
C ASN E 113 -37.19 -15.60 1.30
N GLN E 114 -36.25 -14.66 1.27
CA GLN E 114 -36.05 -13.62 2.27
C GLN E 114 -36.18 -12.25 1.62
N PHE E 115 -37.15 -11.45 2.09
CA PHE E 115 -37.41 -10.13 1.55
C PHE E 115 -37.07 -9.03 2.55
N HIS E 116 -36.28 -8.05 2.11
CA HIS E 116 -35.89 -6.90 2.93
C HIS E 116 -36.28 -5.65 2.19
N GLU E 117 -37.27 -4.93 2.71
CA GLU E 117 -37.80 -3.71 2.12
C GLU E 117 -37.02 -2.49 2.61
N GLY E 118 -36.68 -1.61 1.66
CA GLY E 118 -35.98 -0.37 1.93
C GLY E 118 -36.82 0.84 1.54
N ALA E 119 -36.22 2.04 1.60
CA ALA E 119 -36.90 3.29 1.27
C ALA E 119 -37.00 3.52 -0.25
N LYS E 120 -35.89 3.29 -0.98
CA LYS E 120 -35.79 3.49 -2.44
C LYS E 120 -35.62 2.14 -3.16
N ASP E 121 -34.74 1.28 -2.61
CA ASP E 121 -34.45 -0.05 -3.17
C ASP E 121 -34.73 -1.16 -2.17
N SER E 122 -35.21 -2.31 -2.68
CA SER E 122 -35.50 -3.50 -1.89
C SER E 122 -34.56 -4.64 -2.27
N LEU E 123 -34.45 -5.63 -1.38
CA LEU E 123 -33.57 -6.77 -1.57
C LEU E 123 -34.33 -8.08 -1.43
N TYR E 124 -34.00 -9.03 -2.30
CA TYR E 124 -34.59 -10.36 -2.30
C TYR E 124 -33.50 -11.43 -2.32
N MET E 125 -33.64 -12.42 -1.43
CA MET E 125 -32.70 -13.52 -1.35
C MET E 125 -33.40 -14.85 -1.47
N THR E 126 -32.90 -15.70 -2.38
CA THR E 126 -33.48 -17.01 -2.65
C THR E 126 -32.42 -18.09 -2.56
N ILE E 127 -32.66 -19.10 -1.73
CA ILE E 127 -31.75 -20.22 -1.57
C ILE E 127 -32.01 -21.25 -2.68
N VAL E 128 -30.97 -21.52 -3.48
CA VAL E 128 -30.99 -22.46 -4.60
C VAL E 128 -30.22 -23.73 -4.23
N GLY E 129 -30.96 -24.82 -4.02
CA GLY E 129 -30.42 -26.13 -3.68
C GLY E 129 -29.65 -26.24 -2.38
N SER E 130 -30.00 -25.40 -1.39
CA SER E 130 -29.41 -25.33 -0.04
C SER E 130 -27.85 -25.29 -0.02
N ARG E 131 -27.26 -24.53 -0.97
CA ARG E 131 -25.81 -24.36 -1.11
C ARG E 131 -25.48 -22.98 -1.71
N VAL E 132 -26.39 -22.45 -2.55
CA VAL E 132 -26.22 -21.21 -3.28
C VAL E 132 -27.35 -20.21 -2.91
N VAL E 133 -27.04 -18.91 -2.89
CA VAL E 133 -27.95 -17.81 -2.58
C VAL E 133 -28.01 -16.85 -3.77
N LEU E 134 -29.23 -16.60 -4.27
CA LEU E 134 -29.49 -15.68 -5.38
C LEU E 134 -29.96 -14.36 -4.77
N VAL E 135 -29.13 -13.31 -4.89
CA VAL E 135 -29.40 -11.97 -4.35
C VAL E 135 -29.88 -11.05 -5.47
N VAL E 136 -31.06 -10.47 -5.30
CA VAL E 136 -31.68 -9.58 -6.28
C VAL E 136 -31.99 -8.23 -5.62
N ILE E 137 -31.38 -7.16 -6.14
CA ILE E 137 -31.60 -5.79 -5.67
C ILE E 137 -32.39 -5.07 -6.77
N PHE E 138 -33.52 -4.46 -6.38
CA PHE E 138 -34.42 -3.77 -7.31
C PHE E 138 -35.05 -2.53 -6.69
N ASP E 139 -35.48 -1.59 -7.55
CA ASP E 139 -36.14 -0.35 -7.14
C ASP E 139 -37.55 -0.69 -6.69
N ASN E 140 -38.03 -0.01 -5.61
CA ASN E 140 -39.36 -0.20 -5.02
C ASN E 140 -40.53 0.02 -5.99
N ARG E 141 -40.29 0.80 -7.07
CA ARG E 141 -41.26 1.12 -8.11
C ARG E 141 -41.63 -0.11 -8.97
N THR E 142 -40.74 -1.12 -9.02
CA THR E 142 -40.95 -2.37 -9.77
C THR E 142 -41.92 -3.26 -8.99
N SER E 143 -42.84 -3.93 -9.72
CA SER E 143 -43.86 -4.83 -9.17
C SER E 143 -43.23 -5.98 -8.40
N LEU E 144 -43.69 -6.20 -7.15
CA LEU E 144 -43.21 -7.26 -6.26
C LEU E 144 -43.58 -8.64 -6.82
N GLY E 145 -44.74 -8.73 -7.47
CA GLY E 145 -45.24 -9.94 -8.10
C GLY E 145 -44.40 -10.33 -9.29
N LEU E 146 -43.93 -9.33 -10.07
CA LEU E 146 -43.08 -9.50 -11.24
C LEU E 146 -41.70 -10.05 -10.86
N VAL E 147 -41.02 -9.41 -9.88
CA VAL E 147 -39.70 -9.83 -9.41
C VAL E 147 -39.74 -11.27 -8.87
N ARG E 148 -40.75 -11.59 -8.03
CA ARG E 148 -40.95 -12.91 -7.42
C ARG E 148 -41.17 -14.03 -8.45
N LEU E 149 -41.95 -13.73 -9.51
CA LEU E 149 -42.26 -14.67 -10.60
C LEU E 149 -40.99 -14.99 -11.41
N ARG E 150 -40.16 -13.96 -11.68
CA ARG E 150 -38.93 -14.10 -12.44
C ARG E 150 -37.84 -14.79 -11.63
N ILE E 151 -37.76 -14.51 -10.31
CA ILE E 151 -36.80 -15.12 -9.38
C ILE E 151 -37.03 -16.63 -9.31
N LYS E 152 -38.32 -17.04 -9.24
CA LYS E 152 -38.74 -18.45 -9.20
C LYS E 152 -38.28 -19.19 -10.45
N LYS E 153 -38.45 -18.57 -11.63
CA LYS E 153 -38.05 -19.11 -12.93
C LYS E 153 -36.52 -19.25 -13.00
N ALA E 154 -35.78 -18.23 -12.48
CA ALA E 154 -34.32 -18.21 -12.42
C ALA E 154 -33.79 -19.29 -11.47
N SER E 155 -34.42 -19.44 -10.29
CA SER E 155 -34.06 -20.44 -9.27
C SER E 155 -34.25 -21.86 -9.81
N ASP E 156 -35.37 -22.13 -10.51
CA ASP E 156 -35.69 -23.41 -11.12
C ASP E 156 -34.67 -23.75 -12.22
N GLU E 157 -34.27 -22.74 -13.02
CA GLU E 157 -33.27 -22.87 -14.08
C GLU E 157 -31.91 -23.18 -13.49
N LEU E 158 -31.56 -22.49 -12.38
CA LEU E 158 -30.28 -22.68 -11.67
C LEU E 158 -30.20 -24.05 -11.00
N THR E 159 -31.29 -24.53 -10.37
CA THR E 159 -31.38 -25.84 -9.72
C THR E 159 -31.08 -26.97 -10.72
N LYS E 160 -31.62 -26.88 -11.95
CA LYS E 160 -31.39 -27.85 -13.02
C LYS E 160 -29.91 -27.85 -13.48
N ILE E 161 -29.25 -26.68 -13.45
CA ILE E 161 -27.83 -26.52 -13.83
C ILE E 161 -26.92 -27.16 -12.75
N PHE E 162 -27.16 -26.83 -11.47
CA PHE E 162 -26.40 -27.33 -10.33
C PHE E 162 -26.56 -28.85 -10.10
N GLU E 163 -27.70 -29.42 -10.52
CA GLU E 163 -27.97 -30.86 -10.39
C GLU E 163 -27.25 -31.68 -11.46
N SER E 164 -26.87 -31.04 -12.59
CA SER E 164 -26.13 -31.69 -13.69
C SER E 164 -24.65 -31.74 -13.35
N PHE F 45 -40.58 -0.22 31.47
CA PHE F 45 -40.41 -1.64 31.13
C PHE F 45 -41.72 -2.42 31.09
N THR F 46 -42.67 -2.10 32.00
CA THR F 46 -44.00 -2.75 32.07
C THR F 46 -44.83 -2.36 30.84
N LYS F 47 -44.65 -1.12 30.36
CA LYS F 47 -45.33 -0.56 29.17
C LYS F 47 -44.86 -1.29 27.91
N ILE F 48 -43.54 -1.64 27.85
CA ILE F 48 -42.91 -2.38 26.75
C ILE F 48 -43.52 -3.78 26.62
N ASN F 49 -43.65 -4.51 27.76
CA ASN F 49 -44.24 -5.86 27.82
C ASN F 49 -45.72 -5.82 27.42
N ALA F 50 -46.43 -4.74 27.79
CA ALA F 50 -47.84 -4.52 27.47
C ALA F 50 -48.06 -4.38 25.96
N VAL F 51 -47.10 -3.71 25.26
CA VAL F 51 -47.11 -3.52 23.81
C VAL F 51 -46.96 -4.89 23.12
N CYS F 52 -45.99 -5.71 23.61
CA CYS F 52 -45.70 -7.05 23.10
C CYS F 52 -46.88 -8.01 23.31
N ASP F 53 -47.55 -7.92 24.48
CA ASP F 53 -48.72 -8.75 24.82
C ASP F 53 -49.91 -8.40 23.93
N ARG F 54 -50.15 -7.09 23.70
CA ARG F 54 -51.24 -6.60 22.86
C ARG F 54 -50.99 -6.99 21.40
N LEU F 55 -49.72 -6.92 20.94
CA LEU F 55 -49.33 -7.28 19.58
C LEU F 55 -49.57 -8.77 19.28
N THR F 56 -49.27 -9.66 20.24
CA THR F 56 -49.47 -11.10 20.10
C THR F 56 -50.97 -11.42 19.94
N LYS F 57 -51.83 -10.75 20.73
CA LYS F 57 -53.28 -10.94 20.70
C LYS F 57 -53.93 -10.30 19.48
N ASP F 58 -53.68 -9.00 19.24
CA ASP F 58 -54.26 -8.23 18.15
C ASP F 58 -53.81 -8.68 16.75
N ALA F 59 -52.50 -8.85 16.53
CA ALA F 59 -51.98 -9.32 15.24
C ALA F 59 -52.15 -10.84 15.04
N ASN F 60 -52.69 -11.53 16.07
CA ASN F 60 -52.93 -12.97 16.14
C ASN F 60 -51.61 -13.76 15.89
N ALA F 61 -50.52 -13.23 16.46
CA ALA F 61 -49.18 -13.78 16.36
C ALA F 61 -49.01 -14.99 17.27
N LYS F 62 -48.09 -15.90 16.91
CA LYS F 62 -47.77 -17.09 17.68
C LYS F 62 -46.91 -16.66 18.87
N VAL F 63 -45.83 -15.90 18.59
CA VAL F 63 -44.86 -15.40 19.57
C VAL F 63 -44.23 -14.06 19.09
N VAL F 64 -43.98 -13.13 20.03
CA VAL F 64 -43.40 -11.80 19.79
C VAL F 64 -42.17 -11.61 20.68
N PHE F 65 -41.08 -11.07 20.10
CA PHE F 65 -39.82 -10.81 20.80
C PHE F 65 -39.33 -9.39 20.55
N LEU F 66 -38.65 -8.82 21.55
CA LEU F 66 -38.03 -7.51 21.46
C LEU F 66 -36.55 -7.73 21.79
N VAL F 67 -35.69 -7.58 20.78
CA VAL F 67 -34.26 -7.85 20.86
C VAL F 67 -33.45 -6.57 20.63
N ASP F 68 -32.41 -6.33 21.46
CA ASP F 68 -31.50 -5.21 21.27
C ASP F 68 -30.50 -5.63 20.20
N LYS F 69 -29.99 -4.68 19.42
CA LYS F 69 -29.02 -4.93 18.35
C LYS F 69 -27.71 -5.59 18.84
N ASN F 70 -27.43 -5.52 20.16
CA ASN F 70 -26.27 -6.14 20.79
C ASN F 70 -26.48 -7.63 21.13
N GLY F 71 -27.70 -8.13 20.89
CA GLY F 71 -28.08 -9.52 21.13
C GLY F 71 -28.84 -9.81 22.40
N GLN F 72 -29.12 -8.77 23.21
CA GLN F 72 -29.84 -8.93 24.46
C GLN F 72 -31.34 -8.95 24.23
N LEU F 73 -32.03 -9.94 24.85
CA LEU F 73 -33.49 -10.04 24.80
C LEU F 73 -34.05 -9.04 25.81
N ILE F 74 -34.90 -8.10 25.34
CA ILE F 74 -35.53 -7.07 26.16
C ILE F 74 -36.86 -7.61 26.71
N SER F 75 -37.74 -8.09 25.81
CA SER F 75 -39.06 -8.59 26.15
C SER F 75 -39.50 -9.72 25.22
N SER F 76 -40.47 -10.54 25.68
CA SER F 76 -41.04 -11.65 24.93
C SER F 76 -42.48 -11.91 25.38
N ALA F 77 -43.36 -12.22 24.42
CA ALA F 77 -44.77 -12.50 24.66
C ALA F 77 -45.26 -13.62 23.75
N GLY F 78 -46.27 -14.35 24.21
CA GLY F 78 -46.88 -15.45 23.47
C GLY F 78 -46.33 -16.82 23.84
N GLN F 79 -46.32 -17.73 22.85
CA GLN F 79 -45.86 -19.11 22.99
C GLN F 79 -44.33 -19.20 23.02
N THR F 80 -43.72 -18.65 24.08
CA THR F 80 -42.27 -18.60 24.31
C THR F 80 -41.69 -19.92 24.80
N GLN F 81 -42.54 -20.84 25.31
CA GLN F 81 -42.19 -22.16 25.85
C GLN F 81 -41.28 -23.02 24.95
N ASN F 82 -41.71 -23.28 23.72
CA ASN F 82 -41.14 -24.04 22.61
C ASN F 82 -39.80 -23.55 22.05
N ILE F 83 -39.43 -22.31 22.37
CA ILE F 83 -38.36 -21.59 21.73
C ILE F 83 -37.24 -21.14 22.66
N ASP F 84 -35.98 -21.32 22.22
CA ASP F 84 -34.80 -20.84 22.96
C ASP F 84 -34.69 -19.33 22.70
N THR F 85 -35.23 -18.52 23.64
CA THR F 85 -35.28 -17.06 23.57
C THR F 85 -33.91 -16.40 23.45
N THR F 86 -32.94 -16.91 24.23
CA THR F 86 -31.56 -16.41 24.26
C THR F 86 -30.87 -16.62 22.91
N SER F 87 -31.01 -17.83 22.33
CA SER F 87 -30.42 -18.19 21.04
C SER F 87 -31.07 -17.44 19.89
N LEU F 88 -32.39 -17.20 19.98
CA LEU F 88 -33.16 -16.45 18.98
C LEU F 88 -32.67 -15.00 18.92
N ALA F 89 -32.46 -14.37 20.11
CA ALA F 89 -31.98 -13.00 20.24
C ALA F 89 -30.57 -12.83 19.64
N SER F 90 -29.70 -13.82 19.86
CA SER F 90 -28.33 -13.86 19.37
C SER F 90 -28.27 -13.96 17.85
N LEU F 91 -29.11 -14.84 17.26
CA LEU F 91 -29.19 -15.04 15.81
C LEU F 91 -29.86 -13.85 15.10
N THR F 92 -30.80 -13.17 15.78
CA THR F 92 -31.48 -11.97 15.27
C THR F 92 -30.45 -10.85 15.09
N ALA F 93 -29.63 -10.61 16.14
CA ALA F 93 -28.57 -9.62 16.16
C ALA F 93 -27.54 -9.85 15.06
N GLY F 94 -27.15 -11.12 14.84
CA GLY F 94 -26.20 -11.51 13.81
C GLY F 94 -26.71 -11.24 12.42
N ASN F 95 -28.00 -11.48 12.19
CA ASN F 95 -28.69 -11.24 10.92
C ASN F 95 -28.85 -9.73 10.64
N VAL F 96 -29.33 -8.97 11.64
CA VAL F 96 -29.57 -7.53 11.54
C VAL F 96 -28.25 -6.77 11.29
N ALA F 97 -27.14 -7.19 11.96
CA ALA F 97 -25.81 -6.61 11.78
C ALA F 97 -25.29 -6.83 10.37
N ALA F 98 -25.46 -8.06 9.83
CA ALA F 98 -25.05 -8.43 8.47
C ALA F 98 -25.86 -7.65 7.45
N MET F 99 -27.18 -7.48 7.72
CA MET F 99 -28.11 -6.73 6.87
C MET F 99 -27.81 -5.25 6.87
N GLY F 100 -27.39 -4.71 8.03
CA GLY F 100 -27.02 -3.32 8.20
C GLY F 100 -25.82 -2.91 7.37
N GLY F 101 -24.81 -3.78 7.37
CA GLY F 101 -23.59 -3.59 6.59
C GLY F 101 -23.82 -3.74 5.09
N LEU F 102 -24.78 -4.62 4.73
CA LEU F 102 -25.19 -4.89 3.37
C LEU F 102 -25.97 -3.69 2.79
N ALA F 103 -26.84 -3.06 3.61
CA ALA F 103 -27.61 -1.87 3.25
C ALA F 103 -26.67 -0.70 2.97
N LYS F 104 -25.64 -0.52 3.82
CA LYS F 104 -24.62 0.52 3.69
C LYS F 104 -23.77 0.36 2.43
N LEU F 105 -23.54 -0.90 2.01
CA LEU F 105 -22.79 -1.24 0.81
C LEU F 105 -23.51 -0.84 -0.48
N ILE F 106 -24.85 -0.89 -0.48
CA ILE F 106 -25.71 -0.55 -1.64
C ILE F 106 -26.12 0.95 -1.60
N GLY F 107 -25.55 1.71 -0.66
CA GLY F 107 -25.82 3.13 -0.48
C GLY F 107 -27.25 3.39 -0.01
N GLU F 108 -27.73 2.54 0.88
CA GLU F 108 -29.08 2.60 1.43
C GLU F 108 -29.02 2.62 2.94
N ASN F 109 -30.02 3.24 3.58
CA ASN F 109 -30.13 3.26 5.03
C ASN F 109 -30.63 1.87 5.45
N GLU F 110 -30.40 1.47 6.71
CA GLU F 110 -30.82 0.18 7.25
C GLU F 110 -32.25 -0.17 6.83
N PHE F 111 -32.49 -1.42 6.34
CA PHE F 111 -33.81 -1.90 5.92
C PHE F 111 -34.74 -1.96 7.14
N PRO F 112 -35.80 -1.10 7.20
CA PRO F 112 -36.65 -1.06 8.40
C PRO F 112 -37.45 -2.33 8.66
N ASN F 113 -37.91 -3.00 7.58
CA ASN F 113 -38.73 -4.20 7.67
C ASN F 113 -38.15 -5.37 6.88
N GLN F 114 -38.11 -6.54 7.51
CA GLN F 114 -37.60 -7.79 6.94
C GLN F 114 -38.64 -8.91 7.08
N PHE F 115 -39.10 -9.46 5.95
CA PHE F 115 -40.11 -10.54 5.93
C PHE F 115 -39.53 -11.85 5.42
N HIS F 116 -39.73 -12.94 6.18
CA HIS F 116 -39.24 -14.28 5.82
C HIS F 116 -40.42 -15.24 5.86
N GLU F 117 -40.85 -15.72 4.69
CA GLU F 117 -41.99 -16.62 4.52
C GLU F 117 -41.57 -18.09 4.64
N GLY F 118 -42.34 -18.85 5.42
CA GLY F 118 -42.13 -20.28 5.63
C GLY F 118 -43.30 -21.12 5.13
N ALA F 119 -43.28 -22.43 5.44
CA ALA F 119 -44.32 -23.38 5.02
C ALA F 119 -45.57 -23.32 5.88
N LYS F 120 -45.40 -23.27 7.21
CA LYS F 120 -46.49 -23.22 8.19
C LYS F 120 -46.50 -21.87 8.92
N ASP F 121 -45.31 -21.39 9.33
CA ASP F 121 -45.15 -20.12 10.05
C ASP F 121 -44.20 -19.17 9.31
N SER F 122 -44.50 -17.86 9.39
CA SER F 122 -43.69 -16.79 8.80
C SER F 122 -43.08 -15.90 9.89
N LEU F 123 -42.04 -15.13 9.53
CA LEU F 123 -41.32 -14.26 10.43
C LEU F 123 -41.24 -12.83 9.92
N TYR F 124 -41.43 -11.84 10.84
CA TYR F 124 -41.35 -10.42 10.53
C TYR F 124 -40.42 -9.70 11.50
N MET F 125 -39.52 -8.87 10.96
CA MET F 125 -38.58 -8.10 11.77
C MET F 125 -38.65 -6.62 11.45
N THR F 126 -38.79 -5.78 12.50
CA THR F 126 -38.89 -4.33 12.37
C THR F 126 -37.92 -3.62 13.29
N ILE F 127 -37.09 -2.73 12.73
CA ILE F 127 -36.14 -1.95 13.51
C ILE F 127 -36.84 -0.72 14.12
N VAL F 128 -36.82 -0.63 15.45
CA VAL F 128 -37.43 0.45 16.25
C VAL F 128 -36.33 1.38 16.77
N GLY F 129 -36.29 2.60 16.21
CA GLY F 129 -35.34 3.64 16.55
C GLY F 129 -33.87 3.34 16.37
N SER F 130 -33.53 2.46 15.39
CA SER F 130 -32.17 2.02 15.03
C SER F 130 -31.31 1.55 16.24
N ARG F 131 -31.93 0.81 17.18
CA ARG F 131 -31.29 0.27 18.38
C ARG F 131 -31.95 -1.04 18.83
N VAL F 132 -33.25 -1.17 18.57
CA VAL F 132 -34.10 -2.29 18.98
C VAL F 132 -34.75 -2.97 17.75
N VAL F 133 -34.94 -4.30 17.80
CA VAL F 133 -35.54 -5.13 16.75
C VAL F 133 -36.78 -5.82 17.32
N LEU F 134 -37.93 -5.62 16.65
CA LEU F 134 -39.20 -6.24 17.01
C LEU F 134 -39.41 -7.46 16.10
N VAL F 135 -39.36 -8.67 16.69
CA VAL F 135 -39.51 -9.94 16.00
C VAL F 135 -40.92 -10.50 16.22
N VAL F 136 -41.64 -10.78 15.13
CA VAL F 136 -43.00 -11.31 15.17
C VAL F 136 -43.08 -12.61 14.36
N ILE F 137 -43.46 -13.71 15.03
CA ILE F 137 -43.64 -15.03 14.42
C ILE F 137 -45.13 -15.32 14.42
N PHE F 138 -45.67 -15.65 13.24
CA PHE F 138 -47.11 -15.88 13.05
C PHE F 138 -47.39 -16.99 12.05
N ASP F 139 -48.58 -17.60 12.17
CA ASP F 139 -49.06 -18.66 11.27
C ASP F 139 -49.41 -18.02 9.92
N ASN F 140 -49.08 -18.73 8.82
CA ASN F 140 -49.33 -18.28 7.43
C ASN F 140 -50.80 -17.99 7.12
N ARG F 141 -51.73 -18.58 7.90
CA ARG F 141 -53.18 -18.40 7.75
C ARG F 141 -53.64 -16.97 8.11
N THR F 142 -52.83 -16.25 8.93
CA THR F 142 -53.09 -14.87 9.35
C THR F 142 -52.75 -13.91 8.20
N SER F 143 -53.60 -12.88 8.01
CA SER F 143 -53.45 -11.84 6.97
C SER F 143 -52.16 -11.07 7.15
N LEU F 144 -51.39 -10.92 6.05
CA LEU F 144 -50.11 -10.20 6.01
C LEU F 144 -50.33 -8.69 6.25
N GLY F 145 -51.44 -8.17 5.75
CA GLY F 145 -51.84 -6.77 5.91
C GLY F 145 -52.16 -6.45 7.35
N LEU F 146 -52.80 -7.41 8.06
CA LEU F 146 -53.18 -7.30 9.46
C LEU F 146 -51.95 -7.24 10.36
N VAL F 147 -51.01 -8.20 10.22
CA VAL F 147 -49.77 -8.26 11.02
C VAL F 147 -48.94 -6.98 10.84
N ARG F 148 -48.76 -6.52 9.57
CA ARG F 148 -48.01 -5.31 9.22
C ARG F 148 -48.59 -4.03 9.83
N LEU F 149 -49.94 -3.91 9.84
CA LEU F 149 -50.67 -2.76 10.38
C LEU F 149 -50.50 -2.69 11.90
N ARG F 150 -50.54 -3.85 12.58
CA ARG F 150 -50.39 -3.95 14.03
C ARG F 150 -48.94 -3.74 14.46
N ILE F 151 -47.96 -4.22 13.66
CA ILE F 151 -46.52 -4.06 13.90
C ILE F 151 -46.15 -2.56 13.87
N LYS F 152 -46.71 -1.82 12.89
CA LYS F 152 -46.52 -0.37 12.73
C LYS F 152 -47.01 0.38 13.98
N LYS F 153 -48.20 0.02 14.50
CA LYS F 153 -48.79 0.61 15.70
C LYS F 153 -47.93 0.31 16.94
N ALA F 154 -47.40 -0.93 17.03
CA ALA F 154 -46.54 -1.39 18.12
C ALA F 154 -45.19 -0.66 18.09
N SER F 155 -44.60 -0.50 16.88
CA SER F 155 -43.33 0.19 16.65
C SER F 155 -43.42 1.66 17.05
N ASP F 156 -44.53 2.34 16.66
CA ASP F 156 -44.80 3.74 16.99
C ASP F 156 -44.97 3.94 18.50
N GLU F 157 -45.64 2.97 19.16
CA GLU F 157 -45.85 2.96 20.61
C GLU F 157 -44.52 2.76 21.33
N LEU F 158 -43.67 1.86 20.81
CA LEU F 158 -42.34 1.56 21.37
C LEU F 158 -41.38 2.74 21.23
N THR F 159 -41.38 3.41 20.05
CA THR F 159 -40.54 4.59 19.76
C THR F 159 -40.81 5.71 20.78
N LYS F 160 -42.10 5.96 21.12
CA LYS F 160 -42.50 6.97 22.11
C LYS F 160 -42.03 6.61 23.53
N ILE F 161 -41.97 5.30 23.86
CA ILE F 161 -41.51 4.80 25.16
C ILE F 161 -39.98 4.97 25.28
N PHE F 162 -39.22 4.54 24.25
CA PHE F 162 -37.76 4.62 24.21
C PHE F 162 -37.24 6.08 24.18
N GLU F 163 -38.03 7.03 23.63
CA GLU F 163 -37.68 8.45 23.57
C GLU F 163 -37.83 9.15 24.92
N SER F 164 -38.68 8.60 25.81
CA SER F 164 -38.91 9.13 27.16
C SER F 164 -37.81 8.65 28.10
N VAL G 39 18.76 36.39 13.64
CA VAL G 39 19.96 35.55 13.68
C VAL G 39 21.13 36.33 14.31
N MET G 40 21.78 35.71 15.31
CA MET G 40 22.91 36.22 16.08
C MET G 40 24.16 35.40 15.84
N TYR G 41 25.36 35.98 16.05
CA TYR G 41 26.62 35.29 15.79
C TYR G 41 27.69 35.62 16.84
N GLU G 42 28.25 34.64 17.57
CA GLU G 42 27.97 33.24 17.87
C GLU G 42 28.59 33.15 19.23
N GLU G 43 29.51 34.08 19.52
CA GLU G 43 30.15 34.22 20.82
C GLU G 43 29.09 34.67 21.84
N GLU G 44 28.16 35.56 21.43
CA GLU G 44 27.05 36.02 22.28
C GLU G 44 25.99 34.92 22.41
N PHE G 45 25.84 34.07 21.36
CA PHE G 45 24.92 32.93 21.34
C PHE G 45 25.36 31.82 22.32
N THR G 46 26.68 31.60 22.49
CA THR G 46 27.25 30.60 23.42
C THR G 46 26.95 31.03 24.86
N LYS G 47 26.97 32.35 25.14
CA LYS G 47 26.67 32.95 26.45
C LYS G 47 25.21 32.71 26.81
N ILE G 48 24.29 32.79 25.82
CA ILE G 48 22.85 32.56 25.98
C ILE G 48 22.58 31.10 26.40
N ASN G 49 23.21 30.13 25.72
CA ASN G 49 23.09 28.69 26.01
C ASN G 49 23.66 28.37 27.39
N ALA G 50 24.74 29.06 27.79
CA ALA G 50 25.40 28.91 29.08
C ALA G 50 24.48 29.34 30.22
N VAL G 51 23.68 30.41 30.02
CA VAL G 51 22.69 30.93 30.97
C VAL G 51 21.59 29.87 31.17
N CYS G 52 21.08 29.29 30.06
CA CYS G 52 20.05 28.25 30.04
C CYS G 52 20.52 26.96 30.73
N ASP G 53 21.79 26.56 30.49
CA ASP G 53 22.41 25.36 31.08
C ASP G 53 22.59 25.53 32.58
N ARG G 54 23.06 26.72 33.03
CA ARG G 54 23.26 27.05 34.43
C ARG G 54 21.91 27.11 35.16
N LEU G 55 20.88 27.67 34.51
CA LEU G 55 19.52 27.78 35.04
C LEU G 55 18.89 26.41 35.30
N THR G 56 19.07 25.45 34.37
CA THR G 56 18.54 24.08 34.49
C THR G 56 19.15 23.37 35.70
N LYS G 57 20.47 23.54 35.90
CA LYS G 57 21.21 22.92 37.00
C LYS G 57 20.95 23.60 38.35
N ASP G 58 21.14 24.94 38.42
CA ASP G 58 20.98 25.75 39.63
C ASP G 58 19.55 25.80 40.16
N ALA G 59 18.57 26.10 39.30
CA ALA G 59 17.16 26.16 39.71
C ALA G 59 16.54 24.75 39.82
N ASN G 60 17.33 23.69 39.52
CA ASN G 60 16.94 22.28 39.52
C ASN G 60 15.70 22.03 38.61
N ALA G 61 15.68 22.73 37.46
CA ALA G 61 14.63 22.67 36.47
C ALA G 61 14.72 21.39 35.64
N LYS G 62 13.57 20.93 35.13
CA LYS G 62 13.46 19.74 34.29
C LYS G 62 13.99 20.10 32.90
N VAL G 63 13.46 21.21 32.32
CA VAL G 63 13.79 21.70 30.99
C VAL G 63 13.61 23.24 30.92
N VAL G 64 14.51 23.93 30.18
CA VAL G 64 14.52 25.39 30.00
C VAL G 64 14.53 25.71 28.49
N PHE G 65 13.68 26.67 28.07
CA PHE G 65 13.56 27.12 26.68
C PHE G 65 13.64 28.63 26.58
N LEU G 66 14.19 29.11 25.46
CA LEU G 66 14.25 30.54 25.15
C LEU G 66 13.58 30.71 23.79
N VAL G 67 12.39 31.35 23.81
CA VAL G 67 11.53 31.51 22.63
C VAL G 67 11.38 33.00 22.27
N ASP G 68 11.45 33.32 20.96
CA ASP G 68 11.22 34.67 20.47
C ASP G 68 9.70 34.85 20.37
N LYS G 69 9.21 36.08 20.57
CA LYS G 69 7.78 36.41 20.52
C LYS G 69 7.12 36.06 19.16
N ASN G 70 7.94 35.88 18.09
CA ASN G 70 7.46 35.51 16.75
C ASN G 70 7.26 33.98 16.59
N GLY G 71 7.61 33.22 17.64
CA GLY G 71 7.46 31.78 17.68
C GLY G 71 8.71 30.96 17.38
N GLN G 72 9.85 31.63 17.17
CA GLN G 72 11.12 30.96 16.87
C GLN G 72 11.85 30.55 18.15
N LEU G 73 12.32 29.31 18.19
CA LEU G 73 13.10 28.80 19.32
C LEU G 73 14.54 29.31 19.19
N ILE G 74 15.05 30.00 20.22
CA ILE G 74 16.40 30.54 20.26
C ILE G 74 17.37 29.53 20.89
N SER G 75 17.05 29.04 22.09
CA SER G 75 17.86 28.09 22.84
C SER G 75 17.00 27.14 23.68
N SER G 76 17.58 25.99 24.07
CA SER G 76 16.95 24.97 24.90
C SER G 76 18.00 24.19 25.69
N ALA G 77 17.69 23.87 26.95
CA ALA G 77 18.57 23.13 27.86
C ALA G 77 17.75 22.16 28.72
N GLY G 78 18.36 21.05 29.12
CA GLY G 78 17.73 20.04 29.96
C GLY G 78 17.14 18.86 29.21
N GLN G 79 16.06 18.28 29.77
CA GLN G 79 15.34 17.13 29.22
C GLN G 79 14.44 17.52 28.04
N THR G 80 15.08 17.92 26.92
CA THR G 80 14.43 18.34 25.67
C THR G 80 13.89 17.16 24.84
N GLN G 81 14.35 15.93 25.16
CA GLN G 81 13.91 14.67 24.54
C GLN G 81 12.46 14.51 24.96
N ASN G 82 11.66 13.96 24.05
CA ASN G 82 10.20 13.69 24.11
C ASN G 82 9.33 14.97 24.16
N ILE G 83 9.93 16.16 23.96
CA ILE G 83 9.19 17.42 23.87
C ILE G 83 9.43 18.04 22.49
N ASP G 84 8.33 18.33 21.76
CA ASP G 84 8.38 18.97 20.45
C ASP G 84 8.68 20.45 20.69
N THR G 85 9.97 20.82 20.55
CA THR G 85 10.50 22.17 20.79
C THR G 85 9.84 23.22 19.88
N THR G 86 9.61 22.88 18.61
CA THR G 86 8.97 23.76 17.63
C THR G 86 7.51 24.08 18.00
N SER G 87 6.73 23.05 18.39
CA SER G 87 5.33 23.19 18.81
C SER G 87 5.22 23.97 20.13
N LEU G 88 6.18 23.76 21.06
CA LEU G 88 6.24 24.43 22.34
C LEU G 88 6.45 25.94 22.14
N ALA G 89 7.38 26.30 21.23
CA ALA G 89 7.73 27.67 20.90
C ALA G 89 6.54 28.42 20.28
N SER G 90 5.77 27.72 19.42
CA SER G 90 4.58 28.24 18.74
C SER G 90 3.44 28.52 19.73
N LEU G 91 3.20 27.60 20.68
CA LEU G 91 2.16 27.75 21.71
C LEU G 91 2.52 28.81 22.74
N THR G 92 3.83 28.98 23.02
CA THR G 92 4.34 30.00 23.94
C THR G 92 4.02 31.38 23.37
N ALA G 93 4.35 31.60 22.09
CA ALA G 93 4.12 32.84 21.34
C ALA G 93 2.63 33.22 21.32
N GLY G 94 1.76 32.23 21.09
CA GLY G 94 0.31 32.41 21.06
C GLY G 94 -0.27 32.84 22.40
N ASN G 95 0.28 32.25 23.48
CA ASN G 95 -0.12 32.54 24.86
C ASN G 95 0.36 33.92 25.30
N VAL G 96 1.63 34.25 25.04
CA VAL G 96 2.26 35.52 25.39
C VAL G 96 1.57 36.69 24.67
N ALA G 97 1.18 36.50 23.38
CA ALA G 97 0.47 37.51 22.60
C ALA G 97 -0.91 37.78 23.18
N ALA G 98 -1.64 36.72 23.60
CA ALA G 98 -2.96 36.82 24.21
C ALA G 98 -2.86 37.52 25.57
N MET G 99 -1.78 37.21 26.33
CA MET G 99 -1.50 37.82 27.63
C MET G 99 -1.11 39.30 27.52
N GLY G 100 -0.39 39.63 26.45
CA GLY G 100 0.04 40.99 26.15
C GLY G 100 -1.13 41.92 25.87
N GLY G 101 -2.10 41.41 25.11
CA GLY G 101 -3.31 42.12 24.75
C GLY G 101 -4.25 42.27 25.93
N LEU G 102 -4.22 41.29 26.83
CA LEU G 102 -5.02 41.25 28.06
C LEU G 102 -4.49 42.29 29.05
N ALA G 103 -3.14 42.42 29.17
CA ALA G 103 -2.47 43.40 30.03
C ALA G 103 -2.81 44.83 29.57
N LYS G 104 -2.78 45.07 28.24
CA LYS G 104 -3.10 46.35 27.62
C LYS G 104 -4.55 46.75 27.83
N LEU G 105 -5.45 45.76 27.89
CA LEU G 105 -6.89 45.96 28.11
C LEU G 105 -7.18 46.48 29.52
N ILE G 106 -6.39 46.05 30.52
CA ILE G 106 -6.55 46.45 31.92
C ILE G 106 -5.66 47.68 32.28
N GLY G 107 -5.09 48.31 31.25
CA GLY G 107 -4.24 49.49 31.39
C GLY G 107 -2.95 49.23 32.12
N GLU G 108 -2.36 48.05 31.85
CA GLU G 108 -1.14 47.59 32.49
C GLU G 108 -0.09 47.22 31.44
N ASN G 109 1.20 47.32 31.79
CA ASN G 109 2.29 46.92 30.91
C ASN G 109 2.33 45.39 30.95
N GLU G 110 2.91 44.78 29.90
CA GLU G 110 3.03 43.33 29.76
C GLU G 110 3.50 42.68 31.07
N PHE G 111 2.81 41.61 31.52
CA PHE G 111 3.13 40.89 32.75
C PHE G 111 4.52 40.26 32.62
N PRO G 112 5.52 40.71 33.43
CA PRO G 112 6.87 40.17 33.27
C PRO G 112 7.00 38.69 33.60
N ASN G 113 6.25 38.21 34.61
CA ASN G 113 6.29 36.82 35.06
C ASN G 113 4.92 36.16 35.06
N GLN G 114 4.83 34.96 34.46
CA GLN G 114 3.62 34.17 34.35
C GLN G 114 3.85 32.77 34.93
N PHE G 115 3.08 32.41 35.97
CA PHE G 115 3.20 31.12 36.66
C PHE G 115 1.98 30.25 36.43
N HIS G 116 2.21 28.99 36.01
CA HIS G 116 1.15 28.00 35.76
C HIS G 116 1.50 26.76 36.57
N GLU G 117 0.69 26.46 37.61
CA GLU G 117 1.01 25.42 38.57
C GLU G 117 1.02 23.96 37.97
N GLY G 118 0.08 23.06 38.18
CA GLY G 118 0.24 21.69 37.68
C GLY G 118 0.25 20.67 38.80
N ALA G 119 -0.06 19.41 38.49
CA ALA G 119 -0.13 18.32 39.47
C ALA G 119 1.25 17.78 39.87
N LYS G 120 2.12 17.51 38.89
CA LYS G 120 3.47 16.98 39.09
C LYS G 120 4.52 18.03 38.73
N ASP G 121 4.34 18.73 37.59
CA ASP G 121 5.25 19.75 37.09
C ASP G 121 4.57 21.10 36.92
N SER G 122 5.33 22.18 37.19
CA SER G 122 4.88 23.56 37.05
C SER G 122 5.65 24.28 35.94
N LEU G 123 5.10 25.39 35.46
CA LEU G 123 5.67 26.18 34.37
C LEU G 123 5.83 27.65 34.76
N TYR G 124 6.96 28.23 34.36
CA TYR G 124 7.25 29.65 34.60
C TYR G 124 7.69 30.33 33.31
N MET G 125 7.12 31.50 33.04
CA MET G 125 7.45 32.29 31.86
C MET G 125 7.85 33.69 32.23
N THR G 126 9.00 34.14 31.68
CA THR G 126 9.53 35.46 31.96
C THR G 126 9.89 36.18 30.67
N ILE G 127 9.35 37.38 30.49
CA ILE G 127 9.63 38.20 29.31
C ILE G 127 10.94 38.97 29.51
N VAL G 128 11.89 38.73 28.62
CA VAL G 128 13.23 39.33 28.64
C VAL G 128 13.33 40.38 27.52
N GLY G 129 13.36 41.65 27.91
CA GLY G 129 13.48 42.80 27.03
C GLY G 129 12.36 43.00 26.02
N SER G 130 11.14 42.56 26.36
CA SER G 130 9.90 42.66 25.57
C SER G 130 10.07 42.18 24.08
N ARG G 131 10.82 41.07 23.89
CA ARG G 131 11.09 40.47 22.56
C ARG G 131 11.30 38.96 22.69
N VAL G 132 11.84 38.52 23.85
CA VAL G 132 12.19 37.13 24.14
C VAL G 132 11.43 36.62 25.39
N VAL G 133 11.07 35.32 25.40
CA VAL G 133 10.37 34.64 26.48
C VAL G 133 11.22 33.48 27.01
N LEU G 134 11.49 33.48 28.32
CA LEU G 134 12.25 32.43 29.00
C LEU G 134 11.25 31.49 29.66
N VAL G 135 11.17 30.25 29.17
CA VAL G 135 10.26 29.21 29.64
C VAL G 135 11.02 28.22 30.52
N VAL G 136 10.56 28.04 31.77
CA VAL G 136 11.18 27.15 32.74
C VAL G 136 10.13 26.13 33.24
N ILE G 137 10.41 24.84 33.01
CA ILE G 137 9.55 23.74 33.45
C ILE G 137 10.30 23.01 34.57
N PHE G 138 9.64 22.84 35.73
CA PHE G 138 10.24 22.23 36.91
C PHE G 138 9.24 21.39 37.70
N ASP G 139 9.76 20.43 38.48
CA ASP G 139 8.96 19.54 39.33
C ASP G 139 8.46 20.35 40.54
N ASN G 140 7.20 20.11 40.95
CA ASN G 140 6.53 20.79 42.08
C ASN G 140 7.28 20.66 43.42
N ARG G 141 8.12 19.61 43.56
CA ARG G 141 8.93 19.35 44.76
C ARG G 141 10.03 20.40 44.98
N THR G 142 10.44 21.10 43.90
CA THR G 142 11.46 22.17 43.94
C THR G 142 10.83 23.44 44.51
N SER G 143 11.59 24.15 45.37
CA SER G 143 11.17 25.40 46.02
C SER G 143 10.83 26.48 45.01
N LEU G 144 9.65 27.10 45.16
CA LEU G 144 9.15 28.18 44.30
C LEU G 144 10.02 29.43 44.42
N GLY G 145 10.52 29.68 45.63
CA GLY G 145 11.40 30.81 45.94
C GLY G 145 12.75 30.66 45.26
N LEU G 146 13.26 29.41 45.19
CA LEU G 146 14.53 29.06 44.56
C LEU G 146 14.47 29.27 43.05
N VAL G 147 13.45 28.71 42.37
CA VAL G 147 13.29 28.84 40.92
C VAL G 147 13.15 30.31 40.50
N ARG G 148 12.31 31.09 41.22
CA ARG G 148 12.07 32.51 40.98
C ARG G 148 13.33 33.37 41.10
N LEU G 149 14.17 33.08 42.12
CA LEU G 149 15.42 33.79 42.40
C LEU G 149 16.43 33.54 41.27
N ARG G 150 16.52 32.29 40.79
CA ARG G 150 17.42 31.90 39.71
C ARG G 150 16.97 32.43 38.36
N ILE G 151 15.64 32.46 38.11
CA ILE G 151 15.03 32.97 36.86
C ILE G 151 15.35 34.48 36.71
N LYS G 152 15.25 35.24 37.83
CA LYS G 152 15.54 36.67 37.88
C LYS G 152 17.00 36.93 37.49
N LYS G 153 17.94 36.12 38.04
CA LYS G 153 19.37 36.21 37.76
C LYS G 153 19.66 35.88 36.28
N ALA G 154 18.96 34.87 35.73
CA ALA G 154 19.07 34.44 34.34
C ALA G 154 18.53 35.52 33.39
N SER G 155 17.36 36.13 33.73
CA SER G 155 16.72 37.19 32.96
C SER G 155 17.61 38.44 32.89
N ASP G 156 18.22 38.83 34.03
CA ASP G 156 19.13 39.98 34.14
C ASP G 156 20.39 39.74 33.31
N GLU G 157 20.92 38.49 33.31
CA GLU G 157 22.09 38.07 32.53
C GLU G 157 21.76 38.12 31.04
N LEU G 158 20.55 37.66 30.66
CA LEU G 158 20.08 37.64 29.27
C LEU G 158 19.85 39.06 28.72
N THR G 159 19.24 39.95 29.55
CA THR G 159 18.98 41.36 29.17
C THR G 159 20.28 42.08 28.81
N LYS G 160 21.37 41.84 29.58
CA LYS G 160 22.68 42.43 29.33
C LYS G 160 23.31 41.92 28.01
N ILE G 161 23.04 40.65 27.65
CA ILE G 161 23.53 40.01 26.43
C ILE G 161 22.78 40.59 25.21
N PHE G 162 21.44 40.65 25.27
CA PHE G 162 20.58 41.18 24.20
C PHE G 162 20.76 42.68 23.94
N GLU G 163 21.19 43.45 24.96
CA GLU G 163 21.43 44.87 24.83
C GLU G 163 22.77 45.18 24.11
N SER G 164 23.71 44.21 24.14
CA SER G 164 25.01 44.36 23.50
C SER G 164 24.90 44.00 22.02
N GLU H 44 -28.42 28.33 38.29
CA GLU H 44 -29.06 29.63 38.17
C GLU H 44 -28.06 30.74 37.86
N PHE H 45 -28.42 31.57 36.86
CA PHE H 45 -27.63 32.70 36.38
C PHE H 45 -27.48 33.82 37.42
N THR H 46 -28.51 34.06 38.25
CA THR H 46 -28.48 35.08 39.29
C THR H 46 -27.49 34.67 40.40
N LYS H 47 -27.43 33.35 40.68
CA LYS H 47 -26.54 32.73 41.67
C LYS H 47 -25.08 32.91 41.24
N ILE H 48 -24.81 32.80 39.92
CA ILE H 48 -23.47 32.95 39.33
C ILE H 48 -22.94 34.38 39.52
N ASN H 49 -23.81 35.39 39.25
CA ASN H 49 -23.48 36.82 39.39
C ASN H 49 -23.24 37.17 40.86
N ALA H 50 -23.99 36.53 41.77
CA ALA H 50 -23.89 36.70 43.22
C ALA H 50 -22.53 36.22 43.73
N VAL H 51 -22.00 35.11 43.16
CA VAL H 51 -20.68 34.55 43.49
C VAL H 51 -19.59 35.54 43.08
N CYS H 52 -19.71 36.10 41.85
CA CYS H 52 -18.77 37.09 41.29
C CYS H 52 -18.76 38.39 42.08
N ASP H 53 -19.95 38.86 42.52
CA ASP H 53 -20.12 40.07 43.32
C ASP H 53 -19.50 39.92 44.71
N ARG H 54 -19.72 38.75 45.35
CA ARG H 54 -19.17 38.41 46.67
C ARG H 54 -17.65 38.30 46.60
N LEU H 55 -17.13 37.70 45.51
CA LEU H 55 -15.70 37.51 45.27
C LEU H 55 -14.96 38.86 45.13
N THR H 56 -15.56 39.83 44.42
CA THR H 56 -14.98 41.16 44.23
C THR H 56 -14.84 41.89 45.57
N LYS H 57 -15.87 41.79 46.43
CA LYS H 57 -15.90 42.42 47.74
C LYS H 57 -15.02 41.71 48.76
N ASP H 58 -15.20 40.39 48.94
CA ASP H 58 -14.47 39.58 49.91
C ASP H 58 -12.97 39.46 49.62
N ALA H 59 -12.58 39.13 48.36
CA ALA H 59 -11.17 39.01 47.99
C ALA H 59 -10.52 40.39 47.75
N ASN H 60 -11.32 41.47 47.88
CA ASN H 60 -10.94 42.87 47.67
C ASN H 60 -10.33 43.09 46.26
N ALA H 61 -10.94 42.41 45.27
CA ALA H 61 -10.55 42.44 43.87
C ALA H 61 -11.01 43.73 43.20
N LYS H 62 -10.30 44.14 42.14
CA LYS H 62 -10.61 45.32 41.34
C LYS H 62 -11.79 44.98 40.44
N VAL H 63 -11.67 43.85 39.69
CA VAL H 63 -12.67 43.37 38.74
C VAL H 63 -12.61 41.82 38.63
N VAL H 64 -13.78 41.15 38.49
CA VAL H 64 -13.93 39.70 38.37
C VAL H 64 -14.73 39.36 37.11
N PHE H 65 -14.27 38.36 36.34
CA PHE H 65 -14.89 37.90 35.10
C PHE H 65 -15.06 36.40 35.09
N LEU H 66 -16.12 35.93 34.43
CA LEU H 66 -16.37 34.51 34.22
C LEU H 66 -16.50 34.33 32.71
N VAL H 67 -15.52 33.63 32.13
CA VAL H 67 -15.39 33.43 30.68
C VAL H 67 -15.50 31.94 30.33
N ASP H 68 -16.24 31.62 29.26
CA ASP H 68 -16.33 30.26 28.75
C ASP H 68 -15.09 30.03 27.88
N LYS H 69 -14.60 28.79 27.82
CA LYS H 69 -13.42 28.42 27.03
C LYS H 69 -13.55 28.73 25.52
N ASN H 70 -14.80 28.92 25.03
CA ASN H 70 -15.10 29.26 23.64
C ASN H 70 -14.99 30.79 23.37
N GLY H 71 -14.73 31.57 24.43
CA GLY H 71 -14.56 33.02 24.34
C GLY H 71 -15.75 33.86 24.74
N GLN H 72 -16.84 33.22 25.16
CA GLN H 72 -18.07 33.92 25.57
C GLN H 72 -17.99 34.38 27.01
N LEU H 73 -18.34 35.65 27.27
CA LEU H 73 -18.38 36.20 28.62
C LEU H 73 -19.70 35.75 29.26
N ILE H 74 -19.60 35.08 30.41
CA ILE H 74 -20.75 34.57 31.16
C ILE H 74 -21.22 35.62 32.17
N SER H 75 -20.30 36.11 33.03
CA SER H 75 -20.57 37.10 34.06
C SER H 75 -19.38 38.02 34.31
N SER H 76 -19.64 39.21 34.91
CA SER H 76 -18.63 40.20 35.26
C SER H 76 -19.10 41.03 36.46
N ALA H 77 -18.16 41.36 37.37
CA ALA H 77 -18.41 42.14 38.57
C ALA H 77 -17.24 43.06 38.86
N GLY H 78 -17.51 44.19 39.51
CA GLY H 78 -16.50 45.18 39.88
C GLY H 78 -16.35 46.34 38.92
N GLN H 79 -15.12 46.87 38.83
CA GLN H 79 -14.78 48.01 37.97
C GLN H 79 -14.66 47.60 36.49
N THR H 80 -15.79 47.20 35.88
CA THR H 80 -15.92 46.76 34.48
C THR H 80 -15.89 47.92 33.48
N GLN H 81 -16.08 49.17 33.95
CA GLN H 81 -16.01 50.38 33.15
C GLN H 81 -14.53 50.52 32.76
N ASN H 82 -14.27 51.04 31.58
CA ASN H 82 -12.97 51.24 30.88
C ASN H 82 -12.27 49.92 30.46
N ILE H 83 -12.91 48.76 30.68
CA ILE H 83 -12.38 47.47 30.25
C ILE H 83 -13.34 46.86 29.22
N ASP H 84 -12.82 46.53 28.02
CA ASP H 84 -13.60 45.91 26.96
C ASP H 84 -13.77 44.45 27.37
N THR H 85 -14.94 44.13 27.97
CA THR H 85 -15.29 42.80 28.48
C THR H 85 -15.25 41.71 27.41
N THR H 86 -15.77 42.03 26.21
CA THR H 86 -15.81 41.11 25.06
C THR H 86 -14.41 40.76 24.58
N SER H 87 -13.51 41.77 24.46
CA SER H 87 -12.13 41.58 24.04
C SER H 87 -11.31 40.83 25.08
N LEU H 88 -11.58 41.09 26.38
CA LEU H 88 -10.91 40.42 27.51
C LEU H 88 -11.24 38.92 27.50
N ALA H 89 -12.52 38.58 27.26
CA ALA H 89 -13.02 37.20 27.19
C ALA H 89 -12.38 36.43 26.04
N SER H 90 -12.20 37.09 24.88
CA SER H 90 -11.59 36.54 23.67
C SER H 90 -10.11 36.23 23.89
N LEU H 91 -9.36 37.15 24.54
CA LEU H 91 -7.93 37.00 24.84
C LEU H 91 -7.69 35.97 25.93
N THR H 92 -8.63 35.82 26.88
CA THR H 92 -8.58 34.82 27.96
C THR H 92 -8.66 33.43 27.32
N ALA H 93 -9.63 33.22 26.42
CA ALA H 93 -9.85 31.96 25.70
C ALA H 93 -8.63 31.56 24.87
N GLY H 94 -8.00 32.53 24.20
CA GLY H 94 -6.81 32.33 23.39
C GLY H 94 -5.62 31.87 24.22
N ASN H 95 -5.48 32.45 25.42
CA ASN H 95 -4.42 32.13 26.38
C ASN H 95 -4.63 30.74 26.99
N VAL H 96 -5.87 30.45 27.46
CA VAL H 96 -6.24 29.18 28.10
C VAL H 96 -6.09 28.00 27.12
N ALA H 97 -6.45 28.22 25.83
CA ALA H 97 -6.31 27.20 24.78
C ALA H 97 -4.83 26.89 24.51
N ALA H 98 -3.98 27.93 24.46
CA ALA H 98 -2.53 27.80 24.25
C ALA H 98 -1.90 27.09 25.46
N MET H 99 -2.38 27.40 26.67
CA MET H 99 -1.92 26.80 27.93
C MET H 99 -2.32 25.33 28.02
N GLY H 100 -3.51 25.00 27.53
CA GLY H 100 -4.05 23.65 27.51
C GLY H 100 -3.21 22.72 26.65
N GLY H 101 -2.83 23.20 25.47
CA GLY H 101 -1.99 22.48 24.53
C GLY H 101 -0.57 22.32 25.01
N LEU H 102 -0.09 23.32 25.77
CA LEU H 102 1.25 23.37 26.36
C LEU H 102 1.35 22.36 27.51
N ALA H 103 0.27 22.24 28.32
CA ALA H 103 0.16 21.28 29.43
C ALA H 103 0.23 19.86 28.89
N LYS H 104 -0.51 19.58 27.79
CA LYS H 104 -0.56 18.29 27.10
C LYS H 104 0.78 17.89 26.52
N LEU H 105 1.58 18.88 26.07
CA LEU H 105 2.91 18.68 25.51
C LEU H 105 3.92 18.19 26.56
N ILE H 106 3.77 18.63 27.81
CA ILE H 106 4.65 18.27 28.94
C ILE H 106 4.12 17.03 29.69
N GLY H 107 3.08 16.40 29.15
CA GLY H 107 2.45 15.22 29.72
C GLY H 107 1.75 15.50 31.04
N GLU H 108 1.10 16.66 31.12
CA GLU H 108 0.41 17.14 32.30
C GLU H 108 -1.04 17.49 31.94
N ASN H 109 -1.95 17.37 32.93
CA ASN H 109 -3.35 17.75 32.76
C ASN H 109 -3.40 19.28 32.80
N GLU H 110 -4.46 19.88 32.24
CA GLU H 110 -4.65 21.34 32.20
C GLU H 110 -4.33 21.98 33.56
N PHE H 111 -3.52 23.06 33.55
CA PHE H 111 -3.13 23.80 34.76
C PHE H 111 -4.37 24.45 35.39
N PRO H 112 -4.79 24.03 36.60
CA PRO H 112 -6.02 24.60 37.19
C PRO H 112 -5.94 26.07 37.55
N ASN H 113 -4.77 26.53 38.01
CA ASN H 113 -4.55 27.92 38.43
C ASN H 113 -3.38 28.56 37.70
N GLN H 114 -3.61 29.77 37.16
CA GLN H 114 -2.62 30.56 36.42
C GLN H 114 -2.49 31.94 37.05
N PHE H 115 -1.28 32.28 37.54
CA PHE H 115 -1.00 33.57 38.18
C PHE H 115 -0.05 34.43 37.35
N HIS H 116 -0.43 35.68 37.10
CA HIS H 116 0.37 36.62 36.32
C HIS H 116 0.55 37.88 37.16
N GLU H 117 1.80 38.11 37.64
CA GLU H 117 2.16 39.23 38.49
C GLU H 117 2.56 40.45 37.67
N GLY H 118 2.02 41.62 38.04
CA GLY H 118 2.30 42.89 37.39
C GLY H 118 2.96 43.88 38.34
N ALA H 119 3.11 45.14 37.90
CA ALA H 119 3.73 46.20 38.69
C ALA H 119 2.78 46.81 39.73
N LYS H 120 1.53 47.10 39.33
CA LYS H 120 0.51 47.68 40.19
C LYS H 120 -0.62 46.69 40.46
N ASP H 121 -1.08 45.99 39.40
CA ASP H 121 -2.16 45.00 39.47
C ASP H 121 -1.71 43.62 38.99
N SER H 122 -2.24 42.57 39.63
CA SER H 122 -1.97 41.17 39.29
C SER H 122 -3.24 40.50 38.77
N LEU H 123 -3.06 39.35 38.08
CA LEU H 123 -4.15 38.60 37.48
C LEU H 123 -4.12 37.12 37.91
N TYR H 124 -5.30 36.57 38.19
CA TYR H 124 -5.47 35.16 38.56
C TYR H 124 -6.53 34.50 37.70
N MET H 125 -6.23 33.30 37.19
CA MET H 125 -7.14 32.52 36.36
C MET H 125 -7.32 31.12 36.91
N THR H 126 -8.58 30.71 37.08
CA THR H 126 -8.93 29.39 37.62
C THR H 126 -9.93 28.69 36.72
N ILE H 127 -9.61 27.47 36.30
CA ILE H 127 -10.49 26.66 35.46
C ILE H 127 -11.51 25.95 36.36
N VAL H 128 -12.80 26.22 36.12
CA VAL H 128 -13.95 25.67 36.85
C VAL H 128 -14.64 24.61 35.98
N GLY H 129 -14.49 23.34 36.38
CA GLY H 129 -15.06 22.19 35.70
C GLY H 129 -14.65 21.95 34.26
N SER H 130 -13.42 22.36 33.89
CA SER H 130 -12.80 22.23 32.55
C SER H 130 -13.71 22.70 31.39
N ARG H 131 -14.41 23.84 31.58
CA ARG H 131 -15.32 24.45 30.60
C ARG H 131 -15.39 25.97 30.79
N VAL H 132 -15.23 26.43 32.04
CA VAL H 132 -15.33 27.83 32.43
C VAL H 132 -14.02 28.31 33.08
N VAL H 133 -13.68 29.60 32.88
CA VAL H 133 -12.48 30.27 33.41
C VAL H 133 -12.91 31.45 34.29
N LEU H 134 -12.45 31.46 35.55
CA LEU H 134 -12.71 32.53 36.51
C LEU H 134 -11.48 33.44 36.53
N VAL H 135 -11.65 34.68 36.03
CA VAL H 135 -10.60 35.69 35.94
C VAL H 135 -10.76 36.71 37.07
N VAL H 136 -9.71 36.88 37.89
CA VAL H 136 -9.70 37.82 39.01
C VAL H 136 -8.52 38.80 38.86
N ILE H 137 -8.83 40.09 38.78
CA ILE H 137 -7.84 41.18 38.68
C ILE H 137 -7.88 41.93 40.01
N PHE H 138 -6.70 42.07 40.65
CA PHE H 138 -6.57 42.71 41.96
C PHE H 138 -5.28 43.51 42.09
N ASP H 139 -5.28 44.49 43.01
CA ASP H 139 -4.12 45.33 43.31
C ASP H 139 -3.10 44.49 44.09
N ASN H 140 -1.80 44.68 43.79
CA ASN H 140 -0.67 43.98 44.41
C ASN H 140 -0.59 44.13 45.94
N ARG H 141 -1.21 45.18 46.49
CA ARG H 141 -1.24 45.46 47.93
C ARG H 141 -2.12 44.44 48.69
N THR H 142 -3.06 43.77 47.99
CA THR H 142 -3.94 42.73 48.56
C THR H 142 -3.15 41.44 48.73
N SER H 143 -3.37 40.73 49.86
CA SER H 143 -2.71 39.47 50.20
C SER H 143 -3.00 38.39 49.17
N LEU H 144 -1.94 37.71 48.69
CA LEU H 144 -2.03 36.63 47.70
C LEU H 144 -2.75 35.41 48.28
N GLY H 145 -2.54 35.16 49.57
CA GLY H 145 -3.18 34.07 50.30
C GLY H 145 -4.67 34.28 50.45
N LEU H 146 -5.09 35.55 50.63
CA LEU H 146 -6.48 35.97 50.76
C LEU H 146 -7.24 35.77 49.44
N VAL H 147 -6.71 36.29 48.32
CA VAL H 147 -7.34 36.14 47.00
C VAL H 147 -7.49 34.67 46.61
N ARG H 148 -6.44 33.84 46.80
CA ARG H 148 -6.42 32.41 46.51
C ARG H 148 -7.46 31.62 47.31
N LEU H 149 -7.63 31.95 48.60
CA LEU H 149 -8.58 31.31 49.52
C LEU H 149 -10.02 31.61 49.09
N ARG H 150 -10.29 32.86 48.69
CA ARG H 150 -11.61 33.30 48.24
C ARG H 150 -11.96 32.75 46.86
N ILE H 151 -10.97 32.64 45.95
CA ILE H 151 -11.13 32.09 44.59
C ILE H 151 -11.54 30.62 44.69
N LYS H 152 -10.91 29.86 45.61
CA LYS H 152 -11.20 28.44 45.86
C LYS H 152 -12.67 28.26 46.30
N LYS H 153 -13.15 29.14 47.22
CA LYS H 153 -14.51 29.14 47.73
C LYS H 153 -15.50 29.46 46.59
N ALA H 154 -15.15 30.42 45.73
CA ALA H 154 -15.95 30.85 44.58
C ALA H 154 -16.03 29.74 43.53
N SER H 155 -14.88 29.07 43.24
CA SER H 155 -14.76 27.97 42.28
C SER H 155 -15.61 26.78 42.72
N ASP H 156 -15.57 26.43 44.02
CA ASP H 156 -16.35 25.33 44.62
C ASP H 156 -17.84 25.63 44.54
N GLU H 157 -18.23 26.90 44.78
CA GLU H 157 -19.61 27.38 44.70
C GLU H 157 -20.11 27.32 43.26
N LEU H 158 -19.25 27.71 42.30
CA LEU H 158 -19.56 27.70 40.86
C LEU H 158 -19.71 26.29 40.32
N THR H 159 -18.81 25.35 40.73
CA THR H 159 -18.85 23.94 40.32
C THR H 159 -20.20 23.29 40.70
N LYS H 160 -20.71 23.58 41.92
CA LYS H 160 -22.00 23.08 42.42
C LYS H 160 -23.18 23.65 41.62
N ILE H 161 -23.07 24.90 41.12
CA ILE H 161 -24.10 25.56 40.31
C ILE H 161 -24.15 24.93 38.90
N PHE H 162 -22.96 24.79 38.25
CA PHE H 162 -22.84 24.21 36.91
C PHE H 162 -23.23 22.72 36.85
N GLU H 163 -23.12 21.99 37.98
CA GLU H 163 -23.47 20.57 38.08
C GLU H 163 -24.98 20.36 38.19
N SER H 164 -25.72 21.41 38.61
CA SER H 164 -27.18 21.37 38.75
C SER H 164 -27.85 21.66 37.41
N MET I 40 -0.60 -8.01 -42.54
CA MET I 40 -1.56 -8.80 -41.75
C MET I 40 -1.08 -9.08 -40.31
N TYR I 41 0.18 -8.75 -40.00
CA TYR I 41 0.76 -8.93 -38.66
C TYR I 41 1.55 -7.68 -38.27
N GLU I 42 1.05 -6.96 -37.24
CA GLU I 42 1.68 -5.70 -36.83
C GLU I 42 2.48 -5.82 -35.53
N GLU I 43 3.76 -6.10 -35.74
CA GLU I 43 4.79 -6.18 -34.71
C GLU I 43 5.40 -4.81 -34.56
N GLU I 44 5.05 -3.88 -35.47
CA GLU I 44 5.58 -2.52 -35.51
C GLU I 44 5.09 -1.69 -34.33
N PHE I 45 3.88 -1.98 -33.81
CA PHE I 45 3.33 -1.29 -32.65
C PHE I 45 4.08 -1.63 -31.33
N THR I 46 4.60 -2.87 -31.22
CA THR I 46 5.38 -3.32 -30.05
C THR I 46 6.73 -2.58 -30.02
N LYS I 47 7.31 -2.32 -31.21
CA LYS I 47 8.57 -1.60 -31.41
C LYS I 47 8.42 -0.16 -30.96
N ILE I 48 7.24 0.46 -31.21
CA ILE I 48 6.90 1.84 -30.82
C ILE I 48 6.87 1.98 -29.30
N ASN I 49 6.23 1.04 -28.58
CA ASN I 49 6.14 1.00 -27.11
C ASN I 49 7.52 0.81 -26.49
N ALA I 50 8.38 0.00 -27.15
CA ALA I 50 9.75 -0.29 -26.73
C ALA I 50 10.62 0.98 -26.77
N VAL I 51 10.40 1.85 -27.79
CA VAL I 51 11.09 3.13 -27.97
C VAL I 51 10.72 4.07 -26.80
N CYS I 52 9.40 4.14 -26.48
CA CYS I 52 8.86 4.95 -25.39
C CYS I 52 9.35 4.51 -24.02
N ASP I 53 9.45 3.19 -23.80
CA ASP I 53 9.94 2.59 -22.55
C ASP I 53 11.42 2.88 -22.33
N ARG I 54 12.23 2.75 -23.41
CA ARG I 54 13.66 3.02 -23.40
C ARG I 54 13.92 4.50 -23.15
N LEU I 55 13.11 5.38 -23.78
CA LEU I 55 13.21 6.84 -23.65
C LEU I 55 12.95 7.30 -22.20
N THR I 56 11.96 6.71 -21.52
CA THR I 56 11.62 7.06 -20.13
C THR I 56 12.78 6.73 -19.18
N LYS I 57 13.42 5.57 -19.40
CA LYS I 57 14.53 5.08 -18.60
C LYS I 57 15.83 5.82 -18.89
N ASP I 58 16.24 5.86 -20.18
CA ASP I 58 17.48 6.49 -20.65
C ASP I 58 17.52 8.02 -20.46
N ALA I 59 16.47 8.74 -20.89
CA ALA I 59 16.39 10.18 -20.72
C ALA I 59 16.02 10.61 -19.28
N ASN I 60 15.78 9.61 -18.40
CA ASN I 60 15.38 9.76 -17.00
C ASN I 60 14.10 10.62 -16.88
N ALA I 61 13.17 10.42 -17.83
CA ALA I 61 11.91 11.13 -17.93
C ALA I 61 10.92 10.61 -16.89
N LYS I 62 9.98 11.47 -16.48
CA LYS I 62 8.92 11.13 -15.54
C LYS I 62 7.88 10.27 -16.28
N VAL I 63 7.41 10.77 -17.44
CA VAL I 63 6.42 10.13 -18.30
C VAL I 63 6.62 10.52 -19.79
N VAL I 64 6.38 9.56 -20.71
CA VAL I 64 6.52 9.75 -22.16
C VAL I 64 5.22 9.34 -22.86
N PHE I 65 4.77 10.15 -23.83
CA PHE I 65 3.55 9.93 -24.61
C PHE I 65 3.81 10.06 -26.11
N LEU I 66 3.07 9.28 -26.90
CA LEU I 66 3.10 9.34 -28.36
C LEU I 66 1.68 9.59 -28.80
N VAL I 67 1.44 10.79 -29.34
CA VAL I 67 0.12 11.27 -29.73
C VAL I 67 0.04 11.51 -31.25
N ASP I 68 -1.05 11.09 -31.88
CA ASP I 68 -1.29 11.35 -33.31
C ASP I 68 -1.86 12.77 -33.38
N LYS I 69 -1.60 13.48 -34.49
CA LYS I 69 -2.10 14.83 -34.71
C LYS I 69 -3.63 14.97 -34.67
N ASN I 70 -4.36 13.84 -34.82
CA ASN I 70 -5.82 13.79 -34.74
C ASN I 70 -6.34 13.69 -33.30
N GLY I 71 -5.42 13.58 -32.33
CA GLY I 71 -5.74 13.51 -30.90
C GLY I 71 -5.73 12.13 -30.28
N GLN I 72 -5.43 11.10 -31.08
CA GLN I 72 -5.40 9.73 -30.61
C GLN I 72 -4.07 9.42 -29.92
N LEU I 73 -4.15 8.81 -28.73
CA LEU I 73 -2.97 8.38 -27.99
C LEU I 73 -2.52 7.06 -28.61
N ILE I 74 -1.27 7.02 -29.09
CA ILE I 74 -0.69 5.84 -29.73
C ILE I 74 -0.02 4.98 -28.67
N SER I 75 0.87 5.59 -27.87
CA SER I 75 1.61 4.91 -26.82
C SER I 75 1.90 5.81 -25.63
N SER I 76 2.18 5.20 -24.46
CA SER I 76 2.51 5.88 -23.21
C SER I 76 3.39 5.00 -22.34
N ALA I 77 4.39 5.62 -21.69
CA ALA I 77 5.34 4.95 -20.81
C ALA I 77 5.69 5.81 -19.60
N GLY I 78 6.02 5.17 -18.50
CA GLY I 78 6.40 5.85 -17.27
C GLY I 78 5.29 5.99 -16.25
N GLN I 79 5.36 7.09 -15.46
CA GLN I 79 4.40 7.39 -14.40
C GLN I 79 3.09 7.95 -14.98
N THR I 80 2.35 7.10 -15.69
CA THR I 80 1.08 7.42 -16.34
C THR I 80 -0.11 7.45 -15.36
N GLN I 81 0.07 6.92 -14.14
CA GLN I 81 -0.97 6.77 -13.09
C GLN I 81 -1.88 7.99 -12.79
N ASN I 82 -1.39 9.09 -12.20
CA ASN I 82 -2.26 10.22 -11.86
C ASN I 82 -2.42 11.26 -12.99
N ILE I 83 -2.21 10.83 -14.25
CA ILE I 83 -2.32 11.69 -15.44
C ILE I 83 -3.39 11.17 -16.38
N ASP I 84 -4.32 12.03 -16.79
CA ASP I 84 -5.37 11.68 -17.74
C ASP I 84 -4.73 11.68 -19.14
N THR I 85 -4.34 10.48 -19.60
CA THR I 85 -3.68 10.23 -20.89
C THR I 85 -4.50 10.70 -22.09
N THR I 86 -5.82 10.42 -22.06
CA THR I 86 -6.76 10.78 -23.12
C THR I 86 -6.87 12.31 -23.24
N SER I 87 -7.01 13.03 -22.11
CA SER I 87 -7.12 14.49 -22.08
C SER I 87 -5.81 15.15 -22.50
N LEU I 88 -4.67 14.55 -22.13
CA LEU I 88 -3.33 15.06 -22.49
C LEU I 88 -3.14 15.00 -23.99
N ALA I 89 -3.54 13.87 -24.63
CA ALA I 89 -3.46 13.63 -26.07
C ALA I 89 -4.31 14.63 -26.85
N SER I 90 -5.52 14.93 -26.34
CA SER I 90 -6.48 15.86 -26.92
C SER I 90 -5.96 17.29 -26.88
N LEU I 91 -5.37 17.72 -25.75
CA LEU I 91 -4.79 19.06 -25.57
C LEU I 91 -3.51 19.24 -26.37
N THR I 92 -2.74 18.15 -26.55
CA THR I 92 -1.50 18.15 -27.35
C THR I 92 -1.85 18.45 -28.80
N ALA I 93 -2.86 17.73 -29.35
CA ALA I 93 -3.37 17.89 -30.71
C ALA I 93 -3.90 19.28 -30.97
N GLY I 94 -4.63 19.85 -30.00
CA GLY I 94 -5.19 21.20 -30.08
C GLY I 94 -4.10 22.27 -30.15
N ASN I 95 -3.01 22.08 -29.38
CA ASN I 95 -1.86 22.97 -29.34
C ASN I 95 -1.04 22.87 -30.63
N VAL I 96 -0.73 21.64 -31.08
CA VAL I 96 0.06 21.37 -32.27
C VAL I 96 -0.65 21.90 -33.53
N ALA I 97 -2.00 21.74 -33.61
CA ALA I 97 -2.82 22.24 -34.72
C ALA I 97 -2.81 23.77 -34.78
N ALA I 98 -2.91 24.44 -33.61
CA ALA I 98 -2.86 25.90 -33.51
C ALA I 98 -1.47 26.41 -33.90
N MET I 99 -0.41 25.67 -33.48
CA MET I 99 0.98 25.97 -33.80
C MET I 99 1.28 25.80 -35.28
N GLY I 100 0.68 24.77 -35.89
CA GLY I 100 0.82 24.44 -37.30
C GLY I 100 0.27 25.53 -38.20
N GLY I 101 -0.90 26.06 -37.82
CA GLY I 101 -1.57 27.14 -38.53
C GLY I 101 -0.84 28.47 -38.37
N LEU I 102 -0.20 28.66 -37.21
CA LEU I 102 0.58 29.83 -36.87
C LEU I 102 1.88 29.86 -37.68
N ALA I 103 2.53 28.68 -37.83
CA ALA I 103 3.77 28.50 -38.62
C ALA I 103 3.49 28.84 -40.10
N LYS I 104 2.35 28.33 -40.64
CA LYS I 104 1.91 28.56 -42.01
C LYS I 104 1.61 30.04 -42.29
N LEU I 105 1.12 30.76 -41.27
CA LEU I 105 0.81 32.19 -41.34
C LEU I 105 2.05 33.05 -41.52
N ILE I 106 3.19 32.63 -40.90
CA ILE I 106 4.46 33.36 -40.99
C ILE I 106 5.34 32.84 -42.16
N GLY I 107 4.77 31.99 -43.02
CA GLY I 107 5.45 31.41 -44.17
C GLY I 107 6.59 30.49 -43.78
N GLU I 108 6.35 29.70 -42.73
CA GLU I 108 7.32 28.77 -42.16
C GLU I 108 6.71 27.37 -42.10
N ASN I 109 7.56 26.34 -42.18
CA ASN I 109 7.14 24.95 -42.05
C ASN I 109 6.91 24.71 -40.55
N GLU I 110 6.09 23.71 -40.21
CA GLU I 110 5.76 23.35 -38.83
C GLU I 110 7.01 23.31 -37.93
N PHE I 111 6.93 23.91 -36.74
CA PHE I 111 8.01 23.95 -35.74
C PHE I 111 8.28 22.52 -35.21
N PRO I 112 9.44 21.92 -35.52
CA PRO I 112 9.69 20.52 -35.13
C PRO I 112 9.78 20.24 -33.64
N ASN I 113 10.36 21.16 -32.88
CA ASN I 113 10.56 21.00 -31.43
C ASN I 113 9.95 22.14 -30.65
N GLN I 114 9.23 21.79 -29.57
CA GLN I 114 8.56 22.73 -28.68
C GLN I 114 8.98 22.44 -27.23
N PHE I 115 9.63 23.40 -26.55
CA PHE I 115 10.08 23.27 -25.15
C PHE I 115 9.30 24.21 -24.24
N HIS I 116 8.74 23.67 -23.15
CA HIS I 116 7.96 24.44 -22.17
C HIS I 116 8.56 24.17 -20.79
N GLU I 117 9.21 25.19 -20.23
CA GLU I 117 9.89 25.11 -18.92
C GLU I 117 8.91 25.47 -17.79
N GLY I 118 8.91 24.64 -16.74
CA GLY I 118 8.08 24.83 -15.56
C GLY I 118 8.91 25.04 -14.31
N ALA I 119 8.25 25.06 -13.14
CA ALA I 119 8.91 25.27 -11.85
C ALA I 119 9.58 24.01 -11.30
N LYS I 120 8.89 22.86 -11.37
CA LYS I 120 9.39 21.56 -10.90
C LYS I 120 9.63 20.61 -12.07
N ASP I 121 8.68 20.55 -13.02
CA ASP I 121 8.75 19.69 -14.21
C ASP I 121 8.65 20.48 -15.51
N SER I 122 9.38 20.03 -16.54
CA SER I 122 9.40 20.64 -17.87
C SER I 122 8.79 19.69 -18.90
N LEU I 123 8.40 20.22 -20.06
CA LEU I 123 7.77 19.48 -21.14
C LEU I 123 8.48 19.68 -22.48
N TYR I 124 8.62 18.60 -23.25
CA TYR I 124 9.23 18.61 -24.57
C TYR I 124 8.34 17.94 -25.60
N MET I 125 8.13 18.59 -26.75
CA MET I 125 7.32 18.05 -27.84
C MET I 125 8.08 18.02 -29.14
N THR I 126 8.08 16.87 -29.82
CA THR I 126 8.78 16.69 -31.09
C THR I 126 7.86 16.05 -32.12
N ILE I 127 7.73 16.69 -33.29
CA ILE I 127 6.93 16.18 -34.40
C ILE I 127 7.75 15.16 -35.18
N VAL I 128 7.23 13.92 -35.25
CA VAL I 128 7.85 12.77 -35.93
C VAL I 128 7.09 12.51 -37.24
N GLY I 129 7.74 12.81 -38.36
CA GLY I 129 7.22 12.60 -39.71
C GLY I 129 5.96 13.34 -40.07
N SER I 130 5.73 14.54 -39.46
CA SER I 130 4.58 15.42 -39.67
C SER I 130 3.21 14.71 -39.59
N ARG I 131 3.06 13.79 -38.61
CA ARG I 131 1.83 13.01 -38.37
C ARG I 131 1.68 12.63 -36.90
N VAL I 132 2.82 12.44 -36.22
CA VAL I 132 2.90 11.99 -34.83
C VAL I 132 3.68 12.99 -33.97
N VAL I 133 3.29 13.14 -32.69
CA VAL I 133 3.90 14.04 -31.70
C VAL I 133 4.43 13.22 -30.51
N LEU I 134 5.73 13.38 -30.21
CA LEU I 134 6.40 12.71 -29.10
C LEU I 134 6.47 13.70 -27.94
N VAL I 135 5.72 13.42 -26.85
CA VAL I 135 5.63 14.26 -25.64
C VAL I 135 6.47 13.63 -24.53
N VAL I 136 7.42 14.41 -23.98
CA VAL I 136 8.31 13.98 -22.91
C VAL I 136 8.20 14.95 -21.72
N ILE I 137 7.80 14.42 -20.56
CA ILE I 137 7.69 15.17 -19.31
C ILE I 137 8.81 14.70 -18.39
N PHE I 138 9.61 15.64 -17.87
CA PHE I 138 10.76 15.34 -17.03
C PHE I 138 10.97 16.38 -15.94
N ASP I 139 11.65 15.98 -14.86
CA ASP I 139 12.00 16.86 -13.74
C ASP I 139 13.09 17.81 -14.18
N ASN I 140 13.02 19.09 -13.73
CA ASN I 140 13.98 20.15 -14.06
C ASN I 140 15.43 19.84 -13.66
N ARG I 141 15.63 18.92 -12.70
CA ARG I 141 16.94 18.49 -12.20
C ARG I 141 17.72 17.68 -13.27
N THR I 142 16.99 17.06 -14.24
CA THR I 142 17.58 16.29 -15.35
C THR I 142 18.16 17.24 -16.39
N SER I 143 19.34 16.90 -16.93
CA SER I 143 20.05 17.68 -17.95
C SER I 143 19.20 17.83 -19.22
N LEU I 144 19.06 19.08 -19.70
CA LEU I 144 18.31 19.42 -20.92
C LEU I 144 18.97 18.84 -22.16
N GLY I 145 20.30 18.80 -22.15
CA GLY I 145 21.12 18.23 -23.22
C GLY I 145 20.94 16.73 -23.33
N LEU I 146 20.78 16.04 -22.18
CA LEU I 146 20.58 14.60 -22.08
C LEU I 146 19.22 14.20 -22.67
N VAL I 147 18.13 14.87 -22.22
CA VAL I 147 16.76 14.60 -22.70
C VAL I 147 16.66 14.82 -24.22
N ARG I 148 17.21 15.94 -24.73
CA ARG I 148 17.23 16.31 -26.16
C ARG I 148 17.98 15.29 -27.03
N LEU I 149 19.11 14.76 -26.54
CA LEU I 149 19.92 13.77 -27.25
C LEU I 149 19.17 12.43 -27.36
N ARG I 150 18.47 12.03 -26.29
CA ARG I 150 17.69 10.80 -26.27
C ARG I 150 16.42 10.91 -27.09
N ILE I 151 15.76 12.09 -27.09
CA ILE I 151 14.54 12.39 -27.87
C ILE I 151 14.85 12.26 -29.36
N LYS I 152 16.01 12.80 -29.81
CA LYS I 152 16.48 12.75 -31.19
C LYS I 152 16.65 11.31 -31.64
N LYS I 153 17.27 10.46 -30.80
CA LYS I 153 17.48 9.03 -31.07
C LYS I 153 16.15 8.28 -31.15
N ALA I 154 15.19 8.63 -30.27
CA ALA I 154 13.85 8.05 -30.22
C ALA I 154 13.05 8.44 -31.47
N SER I 155 13.12 9.74 -31.88
CA SER I 155 12.44 10.31 -33.06
C SER I 155 12.94 9.63 -34.34
N ASP I 156 14.28 9.43 -34.45
CA ASP I 156 14.92 8.78 -35.60
C ASP I 156 14.50 7.32 -35.69
N GLU I 157 14.40 6.63 -34.53
CA GLU I 157 13.95 5.24 -34.42
C GLU I 157 12.48 5.13 -34.82
N LEU I 158 11.65 6.10 -34.38
CA LEU I 158 10.22 6.15 -34.70
C LEU I 158 9.97 6.43 -36.18
N THR I 159 10.73 7.38 -36.78
CA THR I 159 10.64 7.73 -38.21
C THR I 159 10.86 6.50 -39.10
N LYS I 160 11.86 5.66 -38.76
CA LYS I 160 12.18 4.42 -39.48
C LYS I 160 11.05 3.39 -39.38
N ILE I 161 10.34 3.35 -38.23
CA ILE I 161 9.21 2.44 -37.97
C ILE I 161 8.00 2.88 -38.81
N PHE I 162 7.64 4.18 -38.74
CA PHE I 162 6.50 4.76 -39.47
C PHE I 162 6.66 4.75 -40.99
N GLU I 163 7.92 4.75 -41.49
CA GLU I 163 8.23 4.70 -42.93
C GLU I 163 8.07 3.30 -43.49
N SER I 164 8.18 2.26 -42.65
CA SER I 164 7.99 0.86 -43.03
C SER I 164 6.49 0.52 -43.12
N LEU I 165 5.64 1.41 -42.57
CA LEU I 165 4.17 1.30 -42.55
C LEU I 165 3.54 1.94 -43.82
N VAL I 166 4.34 2.02 -44.93
CA VAL I 166 4.03 2.55 -46.27
C VAL I 166 3.16 3.83 -46.22
N MET J 40 -8.29 48.42 -25.77
CA MET J 40 -8.43 49.51 -26.74
C MET J 40 -8.27 50.89 -26.08
N TYR J 41 -7.56 51.81 -26.79
CA TYR J 41 -7.28 53.25 -26.53
C TYR J 41 -6.58 53.59 -25.18
N GLU J 42 -6.17 54.89 -25.01
CA GLU J 42 -5.52 55.58 -23.87
C GLU J 42 -4.05 56.00 -24.11
N GLU J 43 -3.46 56.78 -23.18
CA GLU J 43 -2.07 57.23 -23.18
C GLU J 43 -1.16 56.07 -22.75
N GLU J 44 -1.71 55.10 -22.00
CA GLU J 44 -1.01 53.89 -21.57
C GLU J 44 -0.80 52.94 -22.76
N PHE J 45 -1.66 53.07 -23.80
CA PHE J 45 -1.59 52.30 -25.05
C PHE J 45 -0.34 52.66 -25.85
N THR J 46 0.10 53.95 -25.85
CA THR J 46 1.29 54.39 -26.57
C THR J 46 2.55 53.77 -25.95
N LYS J 47 2.55 53.62 -24.60
CA LYS J 47 3.63 53.01 -23.82
C LYS J 47 3.78 51.52 -24.19
N ILE J 48 2.65 50.82 -24.41
CA ILE J 48 2.58 49.41 -24.80
C ILE J 48 3.22 49.19 -26.17
N ASN J 49 2.88 50.04 -27.16
CA ASN J 49 3.42 49.99 -28.53
C ASN J 49 4.93 50.28 -28.52
N ALA J 50 5.38 51.19 -27.64
CA ALA J 50 6.78 51.57 -27.47
C ALA J 50 7.61 50.38 -26.98
N VAL J 51 7.04 49.55 -26.07
CA VAL J 51 7.67 48.34 -25.53
C VAL J 51 7.86 47.33 -26.67
N CYS J 52 6.81 47.13 -27.50
CA CYS J 52 6.80 46.22 -28.65
C CYS J 52 7.80 46.65 -29.72
N ASP J 53 7.90 47.97 -30.00
CA ASP J 53 8.83 48.55 -30.97
C ASP J 53 10.28 48.39 -30.52
N ARG J 54 10.55 48.64 -29.23
CA ARG J 54 11.88 48.50 -28.62
C ARG J 54 12.30 47.04 -28.62
N LEU J 55 11.36 46.11 -28.34
CA LEU J 55 11.60 44.66 -28.31
C LEU J 55 12.00 44.12 -29.69
N THR J 56 11.33 44.59 -30.76
CA THR J 56 11.61 44.18 -32.14
C THR J 56 13.04 44.58 -32.53
N LYS J 57 13.46 45.80 -32.16
CA LYS J 57 14.78 46.34 -32.46
C LYS J 57 15.87 45.74 -31.58
N ASP J 58 15.72 45.79 -30.24
CA ASP J 58 16.70 45.29 -29.27
C ASP J 58 16.91 43.78 -29.33
N ALA J 59 15.84 42.98 -29.32
CA ALA J 59 15.95 41.51 -29.38
C ALA J 59 16.23 41.02 -30.82
N ASN J 60 16.29 41.95 -31.79
CA ASN J 60 16.49 41.72 -33.22
C ASN J 60 15.44 40.74 -33.79
N ALA J 61 14.20 40.90 -33.33
CA ALA J 61 13.05 40.09 -33.73
C ALA J 61 12.54 40.50 -35.12
N LYS J 62 11.92 39.54 -35.82
CA LYS J 62 11.32 39.73 -37.14
C LYS J 62 10.00 40.49 -36.96
N VAL J 63 9.13 40.00 -36.05
CA VAL J 63 7.82 40.56 -35.75
C VAL J 63 7.42 40.25 -34.28
N VAL J 64 6.74 41.20 -33.61
CA VAL J 64 6.29 41.11 -32.21
C VAL J 64 4.78 41.41 -32.15
N PHE J 65 4.03 40.59 -31.40
CA PHE J 65 2.59 40.74 -31.20
C PHE J 65 2.21 40.69 -29.74
N LEU J 66 1.15 41.42 -29.36
CA LEU J 66 0.59 41.40 -28.01
C LEU J 66 -0.88 41.00 -28.16
N VAL J 67 -1.21 39.80 -27.69
CA VAL J 67 -2.53 39.19 -27.84
C VAL J 67 -3.18 38.95 -26.48
N ASP J 68 -4.49 39.25 -26.35
CA ASP J 68 -5.24 38.98 -25.14
C ASP J 68 -5.66 37.51 -25.21
N LYS J 69 -5.77 36.83 -24.05
CA LYS J 69 -6.16 35.42 -23.97
C LYS J 69 -7.53 35.12 -24.61
N ASN J 70 -8.38 36.16 -24.81
CA ASN J 70 -9.69 36.04 -25.44
C ASN J 70 -9.63 36.07 -26.98
N GLY J 71 -8.42 36.26 -27.52
CA GLY J 71 -8.16 36.29 -28.96
C GLY J 71 -8.06 37.65 -29.59
N GLN J 72 -8.17 38.73 -28.81
CA GLN J 72 -8.08 40.09 -29.33
C GLN J 72 -6.62 40.55 -29.44
N LEU J 73 -6.26 41.14 -30.58
CA LEU J 73 -4.93 41.70 -30.81
C LEU J 73 -4.88 43.07 -30.12
N ILE J 74 -3.90 43.27 -29.22
CA ILE J 74 -3.71 44.52 -28.48
C ILE J 74 -2.73 45.42 -29.25
N SER J 75 -1.54 44.90 -29.58
CA SER J 75 -0.48 45.64 -30.28
C SER J 75 0.33 44.72 -31.19
N SER J 76 1.05 45.32 -32.16
CA SER J 76 1.91 44.63 -33.12
C SER J 76 3.04 45.55 -33.61
N ALA J 77 4.26 45.00 -33.76
CA ALA J 77 5.44 45.72 -34.22
C ALA J 77 6.31 44.84 -35.12
N GLY J 78 7.04 45.46 -36.05
CA GLY J 78 7.93 44.77 -36.98
C GLY J 78 7.31 44.48 -38.33
N GLN J 79 7.75 43.37 -38.96
CA GLN J 79 7.29 42.93 -40.29
C GLN J 79 5.88 42.30 -40.24
N THR J 80 4.87 43.14 -39.92
CA THR J 80 3.45 42.75 -39.80
C THR J 80 2.72 42.64 -41.14
N GLN J 81 3.35 43.13 -42.24
CA GLN J 81 2.78 43.25 -43.59
C GLN J 81 2.07 42.02 -44.18
N ASN J 82 2.74 40.91 -44.52
CA ASN J 82 2.06 39.78 -45.16
C ASN J 82 1.54 38.74 -44.13
N ILE J 83 1.24 39.20 -42.90
CA ILE J 83 0.71 38.35 -41.82
C ILE J 83 -0.68 38.84 -41.41
N ASP J 84 -1.67 37.93 -41.40
CA ASP J 84 -3.04 38.18 -40.96
C ASP J 84 -3.00 38.23 -39.42
N THR J 85 -2.92 39.45 -38.88
CA THR J 85 -2.80 39.73 -37.44
C THR J 85 -3.99 39.18 -36.64
N THR J 86 -5.22 39.31 -37.18
CA THR J 86 -6.45 38.82 -36.55
C THR J 86 -6.46 37.29 -36.42
N SER J 87 -6.06 36.57 -37.49
CA SER J 87 -5.97 35.11 -37.51
C SER J 87 -4.86 34.60 -36.58
N LEU J 88 -3.74 35.34 -36.51
CA LEU J 88 -2.60 35.01 -35.65
C LEU J 88 -3.01 35.09 -34.17
N ALA J 89 -3.76 36.13 -33.81
CA ALA J 89 -4.25 36.38 -32.46
C ALA J 89 -5.22 35.26 -32.00
N SER J 90 -6.08 34.80 -32.92
CA SER J 90 -7.06 33.74 -32.70
C SER J 90 -6.38 32.39 -32.45
N LEU J 91 -5.34 32.07 -33.26
CA LEU J 91 -4.58 30.82 -33.16
C LEU J 91 -3.70 30.80 -31.91
N THR J 92 -3.20 31.98 -31.48
CA THR J 92 -2.38 32.15 -30.28
C THR J 92 -3.24 31.80 -29.05
N ALA J 93 -4.46 32.36 -28.98
CA ALA J 93 -5.43 32.13 -27.91
C ALA J 93 -5.80 30.64 -27.77
N GLY J 94 -6.01 29.97 -28.91
CA GLY J 94 -6.33 28.54 -28.98
C GLY J 94 -5.20 27.66 -28.47
N ASN J 95 -3.96 28.04 -28.80
CA ASN J 95 -2.75 27.34 -28.37
C ASN J 95 -2.47 27.54 -26.87
N VAL J 96 -2.57 28.80 -26.38
CA VAL J 96 -2.35 29.16 -24.98
C VAL J 96 -3.35 28.46 -24.06
N ALA J 97 -4.63 28.36 -24.49
CA ALA J 97 -5.68 27.67 -23.74
C ALA J 97 -5.38 26.17 -23.62
N ALA J 98 -4.92 25.54 -24.73
CA ALA J 98 -4.56 24.13 -24.77
C ALA J 98 -3.32 23.87 -23.91
N MET J 99 -2.36 24.82 -23.91
CA MET J 99 -1.15 24.75 -23.10
C MET J 99 -1.43 24.92 -21.60
N GLY J 100 -2.40 25.78 -21.29
CA GLY J 100 -2.83 26.04 -19.92
C GLY J 100 -3.44 24.80 -19.27
N GLY J 101 -4.25 24.09 -20.05
CA GLY J 101 -4.90 22.85 -19.63
C GLY J 101 -3.93 21.71 -19.50
N LEU J 102 -2.89 21.72 -20.33
CA LEU J 102 -1.82 20.73 -20.37
C LEU J 102 -0.93 20.89 -19.13
N ALA J 103 -0.63 22.15 -18.73
CA ALA J 103 0.14 22.51 -17.54
C ALA J 103 -0.58 22.00 -16.29
N LYS J 104 -1.91 22.25 -16.20
CA LYS J 104 -2.77 21.84 -15.08
C LYS J 104 -2.83 20.32 -14.94
N LEU J 105 -2.77 19.60 -16.08
CA LEU J 105 -2.81 18.14 -16.14
C LEU J 105 -1.57 17.50 -15.52
N ILE J 106 -0.40 18.17 -15.67
CA ILE J 106 0.87 17.67 -15.14
C ILE J 106 1.18 18.25 -13.72
N GLY J 107 0.18 18.90 -13.12
CA GLY J 107 0.27 19.50 -11.80
C GLY J 107 1.25 20.65 -11.73
N GLU J 108 1.23 21.47 -12.77
CA GLU J 108 2.11 22.63 -12.92
C GLU J 108 1.28 23.87 -13.18
N ASN J 109 1.78 25.04 -12.75
CA ASN J 109 1.12 26.32 -13.01
C ASN J 109 1.37 26.66 -14.47
N GLU J 110 0.54 27.54 -15.08
CA GLU J 110 0.67 27.96 -16.48
C GLU J 110 2.13 28.25 -16.83
N PHE J 111 2.64 27.67 -17.93
CA PHE J 111 4.02 27.85 -18.35
C PHE J 111 4.24 29.33 -18.71
N PRO J 112 5.11 30.06 -17.98
CA PRO J 112 5.31 31.48 -18.29
C PRO J 112 5.92 31.73 -19.67
N ASN J 113 6.84 30.85 -20.11
CA ASN J 113 7.52 30.95 -21.39
C ASN J 113 7.38 29.68 -22.22
N GLN J 114 6.94 29.83 -23.48
CA GLN J 114 6.74 28.73 -24.44
C GLN J 114 7.62 28.97 -25.66
N PHE J 115 8.53 28.03 -25.94
CA PHE J 115 9.46 28.13 -27.05
C PHE J 115 9.18 27.09 -28.12
N HIS J 116 9.06 27.53 -29.38
CA HIS J 116 8.82 26.66 -30.52
C HIS J 116 9.91 26.92 -31.55
N GLU J 117 10.80 25.93 -31.73
CA GLU J 117 11.94 26.01 -32.64
C GLU J 117 11.56 25.55 -34.04
N GLY J 118 11.96 26.32 -35.05
CA GLY J 118 11.73 26.01 -36.46
C GLY J 118 13.03 25.82 -37.21
N ALA J 119 12.94 25.69 -38.54
CA ALA J 119 14.10 25.50 -39.42
C ALA J 119 14.85 26.81 -39.71
N LYS J 120 14.11 27.89 -40.01
CA LYS J 120 14.66 29.22 -40.33
C LYS J 120 14.31 30.23 -39.24
N ASP J 121 13.03 30.22 -38.80
CA ASP J 121 12.53 31.13 -37.76
C ASP J 121 11.97 30.38 -36.56
N SER J 122 12.15 30.95 -35.37
CA SER J 122 11.65 30.40 -34.11
C SER J 122 10.60 31.33 -33.49
N LEU J 123 9.80 30.79 -32.58
CA LEU J 123 8.72 31.52 -31.93
C LEU J 123 8.82 31.44 -30.42
N TYR J 124 8.55 32.56 -29.75
CA TYR J 124 8.56 32.66 -28.30
C TYR J 124 7.26 33.30 -27.79
N MET J 125 6.65 32.67 -26.78
CA MET J 125 5.43 33.16 -26.17
C MET J 125 5.59 33.33 -24.67
N THR J 126 5.21 34.50 -24.16
CA THR J 126 5.33 34.84 -22.75
C THR J 126 4.02 35.38 -22.22
N ILE J 127 3.55 34.78 -21.13
CA ILE J 127 2.31 35.21 -20.50
C ILE J 127 2.59 36.35 -19.53
N VAL J 128 1.96 37.51 -19.78
CA VAL J 128 2.10 38.74 -18.99
C VAL J 128 0.85 38.93 -18.12
N GLY J 129 1.02 38.74 -16.81
CA GLY J 129 -0.04 38.89 -15.80
C GLY J 129 -1.24 37.97 -15.93
N SER J 130 -1.03 36.75 -16.51
CA SER J 130 -2.04 35.70 -16.75
C SER J 130 -3.35 36.22 -17.41
N ARG J 131 -3.22 37.12 -18.41
CA ARG J 131 -4.32 37.71 -19.17
C ARG J 131 -3.88 38.09 -20.59
N VAL J 132 -2.59 38.43 -20.76
CA VAL J 132 -2.00 38.88 -22.01
C VAL J 132 -0.84 37.94 -22.42
N VAL J 133 -0.66 37.74 -23.75
CA VAL J 133 0.37 36.89 -24.34
C VAL J 133 1.26 37.75 -25.25
N LEU J 134 2.58 37.72 -25.01
CA LEU J 134 3.56 38.42 -25.81
C LEU J 134 4.19 37.40 -26.77
N VAL J 135 3.92 37.56 -28.08
CA VAL J 135 4.42 36.68 -29.14
C VAL J 135 5.60 37.34 -29.85
N VAL J 136 6.75 36.64 -29.88
CA VAL J 136 7.99 37.11 -30.50
C VAL J 136 8.47 36.09 -31.54
N ILE J 137 8.54 36.52 -32.81
CA ILE J 137 9.03 35.71 -33.93
C ILE J 137 10.38 36.27 -34.33
N PHE J 138 11.40 35.40 -34.39
CA PHE J 138 12.78 35.79 -34.70
C PHE J 138 13.52 34.73 -35.52
N ASP J 139 14.56 35.16 -36.25
CA ASP J 139 15.41 34.29 -37.06
C ASP J 139 16.30 33.46 -36.14
N ASN J 140 16.53 32.17 -36.48
CA ASN J 140 17.36 31.23 -35.71
C ASN J 140 18.80 31.68 -35.49
N ARG J 141 19.30 32.60 -36.35
CA ARG J 141 20.65 33.15 -36.29
C ARG J 141 20.83 34.05 -35.06
N THR J 142 19.75 34.62 -34.52
CA THR J 142 19.80 35.47 -33.33
C THR J 142 19.97 34.62 -32.07
N SER J 143 20.79 35.11 -31.11
CA SER J 143 21.08 34.43 -29.85
C SER J 143 19.83 34.22 -29.02
N LEU J 144 19.62 32.97 -28.55
CA LEU J 144 18.48 32.57 -27.73
C LEU J 144 18.50 33.25 -26.36
N GLY J 145 19.71 33.44 -25.82
CA GLY J 145 19.94 34.12 -24.55
C GLY J 145 19.58 35.60 -24.62
N LEU J 146 19.86 36.23 -25.78
CA LEU J 146 19.58 37.64 -26.05
C LEU J 146 18.07 37.89 -26.13
N VAL J 147 17.33 37.08 -26.94
CA VAL J 147 15.88 37.23 -27.09
C VAL J 147 15.16 37.04 -25.75
N ARG J 148 15.54 36.00 -24.97
CA ARG J 148 14.98 35.68 -23.66
C ARG J 148 15.17 36.79 -22.63
N LEU J 149 16.36 37.41 -22.62
CA LEU J 149 16.72 38.50 -21.72
C LEU J 149 15.89 39.75 -22.02
N ARG J 150 15.70 40.06 -23.31
CA ARG J 150 14.92 41.22 -23.76
C ARG J 150 13.43 41.02 -23.55
N ILE J 151 12.92 39.78 -23.74
CA ILE J 151 11.52 39.41 -23.54
C ILE J 151 11.12 39.61 -22.06
N LYS J 152 12.02 39.20 -21.13
CA LYS J 152 11.85 39.33 -19.69
C LYS J 152 11.71 40.82 -19.30
N LYS J 153 12.58 41.69 -19.88
CA LYS J 153 12.57 43.14 -19.66
C LYS J 153 11.26 43.76 -20.19
N ALA J 154 10.79 43.30 -21.36
CA ALA J 154 9.56 43.74 -22.00
C ALA J 154 8.34 43.33 -21.18
N SER J 155 8.32 42.07 -20.69
CA SER J 155 7.26 41.51 -19.86
C SER J 155 7.12 42.27 -18.54
N ASP J 156 8.26 42.58 -17.89
CA ASP J 156 8.32 43.34 -16.63
C ASP J 156 7.80 44.77 -16.84
N GLU J 157 8.15 45.40 -17.98
CA GLU J 157 7.71 46.74 -18.37
C GLU J 157 6.20 46.74 -18.63
N LEU J 158 5.69 45.68 -19.30
CA LEU J 158 4.27 45.53 -19.61
C LEU J 158 3.43 45.29 -18.36
N THR J 159 3.92 44.44 -17.42
CA THR J 159 3.26 44.14 -16.14
C THR J 159 3.00 45.43 -15.33
N LYS J 160 4.01 46.34 -15.28
CA LYS J 160 3.92 47.63 -14.59
C LYS J 160 2.88 48.56 -15.24
N ILE J 161 2.72 48.48 -16.59
CA ILE J 161 1.74 49.27 -17.35
C ILE J 161 0.31 48.76 -17.09
N PHE J 162 0.10 47.42 -17.16
CA PHE J 162 -1.20 46.78 -16.96
C PHE J 162 -1.74 46.87 -15.53
N GLU J 163 -2.03 48.09 -15.08
CA GLU J 163 -2.61 48.37 -13.77
C GLU J 163 -4.14 48.24 -13.80
N MET K 40 43.65 10.12 12.07
CA MET K 40 43.71 8.86 11.36
C MET K 40 44.51 9.00 10.06
N TYR K 41 44.94 7.85 9.47
CA TYR K 41 45.74 7.81 8.25
C TYR K 41 45.16 6.89 7.17
N GLU K 42 44.23 5.99 7.56
CA GLU K 42 43.59 5.04 6.65
C GLU K 42 42.06 5.07 6.81
N GLU K 43 41.23 5.48 5.79
CA GLU K 43 41.46 5.78 4.34
C GLU K 43 41.39 4.48 3.52
N GLU K 44 41.80 3.37 4.16
CA GLU K 44 41.64 1.99 3.71
C GLU K 44 40.16 1.63 3.98
N PHE K 45 39.51 2.37 4.93
CA PHE K 45 38.09 2.23 5.27
C PHE K 45 37.16 2.64 4.12
N THR K 46 37.55 3.64 3.31
CA THR K 46 36.75 4.09 2.16
C THR K 46 36.74 3.01 1.05
N LYS K 47 37.87 2.28 0.92
CA LYS K 47 38.05 1.18 -0.04
C LYS K 47 37.13 -0.01 0.34
N ILE K 48 36.98 -0.25 1.66
CA ILE K 48 36.14 -1.30 2.23
C ILE K 48 34.66 -1.03 1.90
N ASN K 49 34.19 0.23 2.08
CA ASN K 49 32.81 0.65 1.78
C ASN K 49 32.52 0.54 0.29
N ALA K 50 33.52 0.82 -0.55
CA ALA K 50 33.44 0.74 -2.01
C ALA K 50 33.20 -0.72 -2.46
N VAL K 51 33.84 -1.69 -1.78
CA VAL K 51 33.70 -3.14 -2.03
C VAL K 51 32.25 -3.55 -1.70
N CYS K 52 31.74 -3.11 -0.54
CA CYS K 52 30.39 -3.38 -0.05
C CYS K 52 29.31 -2.79 -0.96
N ASP K 53 29.54 -1.57 -1.48
CA ASP K 53 28.62 -0.87 -2.39
C ASP K 53 28.54 -1.58 -3.74
N ARG K 54 29.72 -2.00 -4.27
CA ARG K 54 29.83 -2.72 -5.53
C ARG K 54 29.15 -4.10 -5.43
N LEU K 55 29.33 -4.78 -4.28
CA LEU K 55 28.76 -6.10 -3.99
C LEU K 55 27.22 -6.06 -3.96
N THR K 56 26.64 -5.03 -3.35
CA THR K 56 25.18 -4.86 -3.26
C THR K 56 24.57 -4.69 -4.66
N LYS K 57 25.23 -3.92 -5.53
CA LYS K 57 24.78 -3.64 -6.89
C LYS K 57 25.01 -4.83 -7.84
N ASP K 58 26.26 -5.33 -7.90
CA ASP K 58 26.67 -6.43 -8.77
C ASP K 58 26.00 -7.77 -8.44
N ALA K 59 26.02 -8.19 -7.15
CA ALA K 59 25.39 -9.44 -6.73
C ALA K 59 23.86 -9.32 -6.60
N ASN K 60 23.32 -8.10 -6.85
CA ASN K 60 21.91 -7.74 -6.75
C ASN K 60 21.35 -8.07 -5.35
N ALA K 61 22.18 -7.82 -4.32
CA ALA K 61 21.86 -8.07 -2.91
C ALA K 61 20.94 -7.00 -2.37
N LYS K 62 20.14 -7.36 -1.36
CA LYS K 62 19.21 -6.45 -0.70
C LYS K 62 20.03 -5.53 0.21
N VAL K 63 20.89 -6.13 1.06
CA VAL K 63 21.75 -5.44 2.02
C VAL K 63 23.05 -6.26 2.29
N VAL K 64 24.19 -5.55 2.48
CA VAL K 64 25.51 -6.12 2.73
C VAL K 64 26.11 -5.51 4.00
N PHE K 65 26.68 -6.35 4.87
CA PHE K 65 27.31 -5.94 6.14
C PHE K 65 28.69 -6.53 6.29
N LEU K 66 29.58 -5.80 6.96
CA LEU K 66 30.92 -6.24 7.29
C LEU K 66 31.06 -6.12 8.81
N VAL K 67 31.13 -7.27 9.50
CA VAL K 67 31.14 -7.37 10.96
C VAL K 67 32.47 -7.97 11.45
N ASP K 68 33.05 -7.38 12.51
CA ASP K 68 34.25 -7.92 13.13
C ASP K 68 33.80 -9.04 14.07
N LYS K 69 34.64 -10.07 14.27
CA LYS K 69 34.33 -11.21 15.15
C LYS K 69 34.03 -10.82 16.60
N ASN K 70 34.45 -9.60 17.01
CA ASN K 70 34.21 -9.06 18.36
C ASN K 70 32.83 -8.40 18.50
N GLY K 71 32.07 -8.34 17.39
CA GLY K 71 30.70 -7.80 17.34
C GLY K 71 30.57 -6.39 16.81
N GLN K 72 31.69 -5.78 16.42
CA GLN K 72 31.69 -4.40 15.91
C GLN K 72 31.36 -4.36 14.43
N LEU K 73 30.44 -3.46 14.05
CA LEU K 73 30.07 -3.26 12.65
C LEU K 73 31.14 -2.38 12.00
N ILE K 74 31.76 -2.88 10.93
CA ILE K 74 32.82 -2.18 10.19
C ILE K 74 32.20 -1.34 9.07
N SER K 75 31.38 -1.98 8.22
CA SER K 75 30.73 -1.33 7.09
C SER K 75 29.36 -1.94 6.79
N SER K 76 28.51 -1.16 6.08
CA SER K 76 27.18 -1.57 5.66
C SER K 76 26.77 -0.85 4.38
N ALA K 77 26.10 -1.56 3.46
CA ALA K 77 25.63 -1.04 2.19
C ALA K 77 24.28 -1.63 1.82
N GLY K 78 23.49 -0.86 1.07
CA GLY K 78 22.16 -1.29 0.62
C GLY K 78 21.02 -0.79 1.47
N GLN K 79 19.94 -1.59 1.52
CA GLN K 79 18.72 -1.29 2.27
C GLN K 79 18.90 -1.51 3.78
N THR K 80 19.76 -0.68 4.41
CA THR K 80 20.10 -0.69 5.84
C THR K 80 18.99 -0.09 6.72
N GLN K 81 18.05 0.67 6.11
CA GLN K 81 16.90 1.25 6.78
C GLN K 81 16.01 0.06 7.17
N ASN K 82 15.35 0.18 8.31
CA ASN K 82 14.47 -0.80 8.98
C ASN K 82 15.22 -2.05 9.53
N ILE K 83 16.57 -2.07 9.47
CA ILE K 83 17.39 -3.14 10.04
C ILE K 83 18.32 -2.54 11.11
N ASP K 84 18.26 -3.08 12.34
CA ASP K 84 19.12 -2.66 13.44
C ASP K 84 20.50 -3.25 13.17
N THR K 85 21.41 -2.41 12.63
CA THR K 85 22.78 -2.78 12.25
C THR K 85 23.61 -3.27 13.45
N THR K 86 23.46 -2.60 14.61
CA THR K 86 24.16 -2.94 15.86
C THR K 86 23.75 -4.33 16.36
N SER K 87 22.43 -4.64 16.37
CA SER K 87 21.87 -5.92 16.79
C SER K 87 22.27 -7.04 15.86
N LEU K 88 22.32 -6.75 14.54
CA LEU K 88 22.71 -7.69 13.50
C LEU K 88 24.17 -8.12 13.68
N ALA K 89 25.06 -7.15 13.94
CA ALA K 89 26.48 -7.35 14.15
C ALA K 89 26.76 -8.21 15.39
N SER K 90 25.99 -7.96 16.47
CA SER K 90 26.07 -8.68 17.74
C SER K 90 25.65 -10.15 17.60
N LEU K 91 24.54 -10.41 16.87
CA LEU K 91 24.03 -11.76 16.63
C LEU K 91 24.92 -12.55 15.68
N THR K 92 25.56 -11.85 14.72
CA THR K 92 26.50 -12.45 13.75
C THR K 92 27.71 -13.00 14.51
N ALA K 93 28.29 -12.16 15.41
CA ALA K 93 29.43 -12.49 16.25
C ALA K 93 29.15 -13.67 17.16
N GLY K 94 27.96 -13.71 17.76
CA GLY K 94 27.52 -14.79 18.64
C GLY K 94 27.41 -16.12 17.91
N ASN K 95 26.91 -16.09 16.67
CA ASN K 95 26.75 -17.26 15.82
C ASN K 95 28.11 -17.79 15.33
N VAL K 96 28.98 -16.87 14.84
CA VAL K 96 30.30 -17.19 14.31
C VAL K 96 31.19 -17.77 15.41
N ALA K 97 31.11 -17.22 16.65
CA ALA K 97 31.88 -17.69 17.81
C ALA K 97 31.45 -19.10 18.21
N ALA K 98 30.12 -19.38 18.20
CA ALA K 98 29.57 -20.70 18.52
C ALA K 98 29.98 -21.71 17.44
N MET K 99 29.98 -21.28 16.17
CA MET K 99 30.39 -22.10 15.02
C MET K 99 31.89 -22.40 15.05
N GLY K 100 32.68 -21.43 15.49
CA GLY K 100 34.14 -21.55 15.59
C GLY K 100 34.55 -22.59 16.60
N GLY K 101 33.86 -22.58 17.75
CA GLY K 101 34.09 -23.52 18.84
C GLY K 101 33.62 -24.92 18.49
N LEU K 102 32.56 -25.01 17.68
CA LEU K 102 31.97 -26.24 17.20
C LEU K 102 32.90 -26.92 16.19
N ALA K 103 33.52 -26.11 15.28
CA ALA K 103 34.47 -26.55 14.26
C ALA K 103 35.71 -27.15 14.96
N LYS K 104 36.22 -26.47 16.00
CA LYS K 104 37.38 -26.88 16.79
C LYS K 104 37.14 -28.18 17.55
N LEU K 105 35.89 -28.40 17.98
CA LEU K 105 35.45 -29.60 18.70
C LEU K 105 35.50 -30.85 17.82
N ILE K 106 35.21 -30.70 16.51
CA ILE K 106 35.21 -31.79 15.55
C ILE K 106 36.58 -31.94 14.83
N GLY K 107 37.59 -31.21 15.32
CA GLY K 107 38.95 -31.22 14.78
C GLY K 107 39.04 -30.65 13.39
N GLU K 108 38.27 -29.58 13.13
CA GLU K 108 38.19 -28.92 11.85
C GLU K 108 38.49 -27.43 12.00
N ASN K 109 39.02 -26.79 10.94
CA ASN K 109 39.26 -25.35 10.93
C ASN K 109 37.91 -24.68 10.73
N GLU K 110 37.80 -23.41 11.15
CA GLU K 110 36.59 -22.61 11.05
C GLU K 110 35.93 -22.74 9.67
N PHE K 111 34.59 -22.94 9.64
CA PHE K 111 33.80 -23.07 8.41
C PHE K 111 33.79 -21.72 7.65
N PRO K 112 34.44 -21.64 6.46
CA PRO K 112 34.56 -20.34 5.78
C PRO K 112 33.26 -19.73 5.27
N ASN K 113 32.32 -20.56 4.81
CA ASN K 113 31.05 -20.09 4.24
C ASN K 113 29.86 -20.73 4.94
N GLN K 114 28.86 -19.90 5.27
CA GLN K 114 27.61 -20.29 5.93
C GLN K 114 26.40 -19.78 5.14
N PHE K 115 25.55 -20.70 4.65
CA PHE K 115 24.35 -20.35 3.87
C PHE K 115 23.07 -20.70 4.61
N HIS K 116 22.15 -19.73 4.73
CA HIS K 116 20.87 -19.91 5.41
C HIS K 116 19.75 -19.50 4.44
N GLU K 117 18.98 -20.49 3.96
CA GLU K 117 17.90 -20.31 2.99
C GLU K 117 16.57 -20.02 3.69
N GLY K 118 15.88 -18.99 3.21
CA GLY K 118 14.59 -18.57 3.75
C GLY K 118 13.48 -18.71 2.72
N ALA K 119 12.28 -18.19 3.05
CA ALA K 119 11.11 -18.26 2.17
C ALA K 119 11.12 -17.18 1.08
N LYS K 120 11.47 -15.93 1.44
CA LYS K 120 11.53 -14.79 0.53
C LYS K 120 12.98 -14.34 0.33
N ASP K 121 13.74 -14.21 1.44
CA ASP K 121 15.14 -13.78 1.43
C ASP K 121 16.07 -14.81 2.04
N SER K 122 17.29 -14.91 1.51
CA SER K 122 18.33 -15.81 1.99
C SER K 122 19.52 -15.02 2.55
N LEU K 123 20.36 -15.69 3.35
CA LEU K 123 21.51 -15.09 4.00
C LEU K 123 22.80 -15.86 3.72
N TYR K 124 23.90 -15.13 3.48
CA TYR K 124 25.23 -15.71 3.23
C TYR K 124 26.27 -15.05 4.12
N MET K 125 27.11 -15.89 4.77
CA MET K 125 28.19 -15.40 5.64
C MET K 125 29.52 -15.99 5.23
N THR K 126 30.53 -15.11 5.07
CA THR K 126 31.88 -15.50 4.66
C THR K 126 32.92 -14.90 5.59
N ILE K 127 33.80 -15.75 6.15
CA ILE K 127 34.88 -15.29 7.02
C ILE K 127 36.06 -14.83 6.14
N VAL K 128 36.45 -13.56 6.31
CA VAL K 128 37.54 -12.89 5.59
C VAL K 128 38.74 -12.74 6.52
N GLY K 129 39.78 -13.53 6.25
CA GLY K 129 41.05 -13.55 7.00
C GLY K 129 40.97 -13.89 8.47
N SER K 130 39.98 -14.74 8.86
CA SER K 130 39.73 -15.21 10.23
C SER K 130 39.70 -14.09 11.31
N ARG K 131 39.05 -12.96 10.96
CA ARG K 131 38.91 -11.79 11.84
C ARG K 131 37.64 -11.00 11.54
N VAL K 132 37.22 -11.03 10.26
CA VAL K 132 36.07 -10.29 9.74
C VAL K 132 35.04 -11.24 9.09
N VAL K 133 33.75 -10.90 9.19
CA VAL K 133 32.62 -11.65 8.63
C VAL K 133 31.85 -10.76 7.63
N LEU K 134 31.70 -11.27 6.40
CA LEU K 134 30.97 -10.58 5.33
C LEU K 134 29.57 -11.20 5.24
N VAL K 135 28.55 -10.41 5.62
CA VAL K 135 27.14 -10.82 5.64
C VAL K 135 26.42 -10.25 4.41
N VAL K 136 25.80 -11.14 3.61
CA VAL K 136 25.07 -10.77 2.41
C VAL K 136 23.63 -11.29 2.49
N ILE K 137 22.65 -10.38 2.44
CA ILE K 137 21.23 -10.69 2.44
C ILE K 137 20.68 -10.39 1.05
N PHE K 138 20.02 -11.38 0.43
CA PHE K 138 19.50 -11.27 -0.94
C PHE K 138 18.17 -11.99 -1.11
N ASP K 139 17.38 -11.57 -2.13
CA ASP K 139 16.10 -12.18 -2.48
C ASP K 139 16.36 -13.53 -3.14
N ASN K 140 15.53 -14.54 -2.83
CA ASN K 140 15.63 -15.91 -3.36
C ASN K 140 15.56 -16.02 -4.88
N ARG K 141 14.99 -15.00 -5.55
CA ARG K 141 14.86 -14.94 -7.01
C ARG K 141 16.22 -14.73 -7.70
N THR K 142 17.23 -14.19 -6.96
CA THR K 142 18.59 -13.97 -7.45
C THR K 142 19.34 -15.31 -7.46
N SER K 143 20.14 -15.54 -8.52
CA SER K 143 20.93 -16.74 -8.73
C SER K 143 21.96 -16.93 -7.59
N LEU K 144 22.00 -18.14 -7.01
CA LEU K 144 22.92 -18.52 -5.94
C LEU K 144 24.37 -18.52 -6.44
N GLY K 145 24.55 -18.92 -7.70
CA GLY K 145 25.84 -18.94 -8.36
C GLY K 145 26.41 -17.55 -8.56
N LEU K 146 25.52 -16.59 -8.87
CA LEU K 146 25.86 -15.17 -9.08
C LEU K 146 26.34 -14.53 -7.78
N VAL K 147 25.55 -14.66 -6.68
CA VAL K 147 25.89 -14.09 -5.37
C VAL K 147 27.23 -14.65 -4.86
N ARG K 148 27.42 -15.98 -4.94
CA ARG K 148 28.64 -16.68 -4.52
C ARG K 148 29.89 -16.24 -5.27
N LEU K 149 29.77 -16.01 -6.60
CA LEU K 149 30.86 -15.56 -7.46
C LEU K 149 31.30 -14.14 -7.10
N ARG K 150 30.33 -13.26 -6.82
CA ARG K 150 30.57 -11.87 -6.44
C ARG K 150 31.13 -11.75 -5.02
N ILE K 151 30.66 -12.61 -4.08
CA ILE K 151 31.12 -12.67 -2.68
C ILE K 151 32.60 -13.04 -2.65
N LYS K 152 33.01 -14.02 -3.49
CA LYS K 152 34.39 -14.49 -3.61
C LYS K 152 35.31 -13.35 -4.05
N LYS K 153 34.87 -12.57 -5.06
CA LYS K 153 35.61 -11.42 -5.59
C LYS K 153 35.74 -10.31 -4.52
N ALA K 154 34.66 -10.08 -3.75
CA ALA K 154 34.60 -9.11 -2.66
C ALA K 154 35.53 -9.53 -1.51
N SER K 155 35.50 -10.82 -1.13
CA SER K 155 36.33 -11.42 -0.06
C SER K 155 37.81 -11.31 -0.40
N ASP K 156 38.19 -11.60 -1.66
CA ASP K 156 39.57 -11.51 -2.17
C ASP K 156 40.07 -10.06 -2.14
N GLU K 157 39.18 -9.10 -2.52
CA GLU K 157 39.47 -7.66 -2.52
C GLU K 157 39.66 -7.18 -1.07
N LEU K 158 38.80 -7.67 -0.15
CA LEU K 158 38.87 -7.31 1.27
C LEU K 158 40.12 -7.86 1.95
N THR K 159 40.49 -9.14 1.65
CA THR K 159 41.68 -9.80 2.20
C THR K 159 42.96 -8.98 1.88
N LYS K 160 43.07 -8.47 0.64
CA LYS K 160 44.19 -7.63 0.19
C LYS K 160 44.25 -6.29 0.92
N ILE K 161 43.08 -5.72 1.28
CA ILE K 161 42.96 -4.46 2.02
C ILE K 161 43.40 -4.66 3.49
N PHE K 162 42.88 -5.73 4.15
CA PHE K 162 43.19 -6.05 5.54
C PHE K 162 44.64 -6.49 5.76
N GLU K 163 45.30 -7.04 4.72
CA GLU K 163 46.71 -7.46 4.78
C GLU K 163 47.66 -6.26 4.71
N SER K 164 47.21 -5.14 4.12
CA SER K 164 47.98 -3.90 4.02
C SER K 164 47.92 -3.12 5.36
N LEU K 165 46.99 -3.53 6.26
CA LEU K 165 46.79 -2.96 7.59
C LEU K 165 47.67 -3.62 8.66
N VAL K 166 48.80 -4.26 8.23
CA VAL K 166 49.83 -4.95 9.02
C VAL K 166 49.25 -5.85 10.13
N GLU L 43 7.82 -47.49 22.84
CA GLU L 43 8.52 -46.91 21.69
C GLU L 43 9.66 -45.98 22.11
N GLU L 44 9.39 -45.15 23.15
CA GLU L 44 10.13 -44.05 23.76
C GLU L 44 11.65 -44.08 23.64
N PHE L 45 12.17 -43.04 22.94
CA PHE L 45 13.58 -42.72 22.82
C PHE L 45 14.40 -43.67 21.96
N THR L 46 14.06 -44.98 21.93
CA THR L 46 14.75 -46.00 21.15
C THR L 46 14.55 -45.74 19.65
N LYS L 47 13.34 -45.27 19.28
CA LYS L 47 12.97 -44.94 17.90
C LYS L 47 13.78 -43.74 17.40
N ILE L 48 14.04 -42.76 18.30
CA ILE L 48 14.81 -41.55 18.01
C ILE L 48 16.27 -41.91 17.67
N ASN L 49 16.90 -42.80 18.48
CA ASN L 49 18.27 -43.28 18.28
C ASN L 49 18.39 -44.06 16.97
N ALA L 50 17.34 -44.83 16.63
CA ALA L 50 17.26 -45.63 15.40
C ALA L 50 17.27 -44.73 14.16
N VAL L 51 16.59 -43.57 14.23
CA VAL L 51 16.54 -42.56 13.15
C VAL L 51 17.94 -41.98 12.94
N CYS L 52 18.64 -41.62 14.04
CA CYS L 52 19.99 -41.08 14.05
C CYS L 52 21.02 -42.07 13.50
N ASP L 53 20.88 -43.38 13.86
CA ASP L 53 21.76 -44.45 13.40
C ASP L 53 21.59 -44.71 11.89
N ARG L 54 20.33 -44.72 11.42
CA ARG L 54 19.98 -44.91 10.00
C ARG L 54 20.49 -43.72 9.17
N LEU L 55 20.36 -42.49 9.70
CA LEU L 55 20.81 -41.25 9.06
C LEU L 55 22.33 -41.23 8.85
N THR L 56 23.11 -41.69 9.87
CA THR L 56 24.58 -41.74 9.81
C THR L 56 25.03 -42.68 8.69
N LYS L 57 24.36 -43.85 8.57
CA LYS L 57 24.67 -44.88 7.57
C LYS L 57 24.18 -44.48 6.17
N ASP L 58 22.89 -44.14 6.01
CA ASP L 58 22.27 -43.79 4.74
C ASP L 58 22.82 -42.50 4.11
N ALA L 59 22.90 -41.40 4.88
CA ALA L 59 23.43 -40.13 4.38
C ALA L 59 24.96 -40.12 4.32
N ASN L 60 25.61 -41.24 4.75
CA ASN L 60 27.06 -41.45 4.82
C ASN L 60 27.74 -40.34 5.64
N ALA L 61 27.08 -39.96 6.74
CA ALA L 61 27.54 -38.93 7.66
C ALA L 61 28.65 -39.45 8.57
N LYS L 62 29.52 -38.54 9.04
CA LYS L 62 30.62 -38.83 9.96
C LYS L 62 30.03 -39.02 11.37
N VAL L 63 29.20 -38.05 11.81
CA VAL L 63 28.54 -38.04 13.12
C VAL L 63 27.20 -37.25 13.05
N VAL L 64 26.17 -37.73 13.78
CA VAL L 64 24.83 -37.14 13.85
C VAL L 64 24.46 -36.86 15.31
N PHE L 65 23.90 -35.67 15.60
CA PHE L 65 23.46 -35.24 16.92
C PHE L 65 22.04 -34.71 16.90
N LEU L 66 21.32 -34.90 18.01
CA LEU L 66 19.97 -34.37 18.21
C LEU L 66 20.02 -33.54 19.47
N VAL L 67 19.91 -32.22 19.32
CA VAL L 67 20.03 -31.23 20.41
C VAL L 67 18.72 -30.46 20.62
N ASP L 68 18.32 -30.27 21.88
CA ASP L 68 17.15 -29.46 22.23
C ASP L 68 17.61 -27.99 22.20
N LYS L 69 16.69 -27.07 21.85
CA LYS L 69 16.99 -25.64 21.77
C LYS L 69 17.50 -25.02 23.09
N ASN L 70 17.27 -25.72 24.23
CA ASN L 70 17.72 -25.31 25.56
C ASN L 70 19.18 -25.73 25.85
N GLY L 71 19.78 -26.47 24.92
CA GLY L 71 21.16 -26.95 25.03
C GLY L 71 21.35 -28.38 25.48
N GLN L 72 20.26 -29.12 25.72
CA GLN L 72 20.35 -30.50 26.16
C GLN L 72 20.51 -31.45 24.97
N LEU L 73 21.47 -32.39 25.07
CA LEU L 73 21.69 -33.41 24.05
C LEU L 73 20.64 -34.50 24.25
N ILE L 74 19.89 -34.79 23.20
CA ILE L 74 18.84 -35.81 23.20
C ILE L 74 19.42 -37.16 22.74
N SER L 75 20.07 -37.18 21.57
CA SER L 75 20.67 -38.38 20.98
C SER L 75 21.92 -38.06 20.17
N SER L 76 22.76 -39.08 19.92
CA SER L 76 23.99 -39.00 19.14
C SER L 76 24.34 -40.35 18.50
N ALA L 77 24.82 -40.32 17.25
CA ALA L 77 25.20 -41.50 16.47
C ALA L 77 26.43 -41.22 15.62
N GLY L 78 27.21 -42.27 15.34
CA GLY L 78 28.41 -42.19 14.54
C GLY L 78 29.69 -42.05 15.34
N GLN L 79 30.69 -41.34 14.77
CA GLN L 79 32.01 -41.12 15.37
C GLN L 79 31.97 -40.06 16.48
N THR L 80 31.27 -40.37 17.58
CA THR L 80 31.09 -39.51 18.75
C THR L 80 32.29 -39.48 19.71
N GLN L 81 33.25 -40.41 19.53
CA GLN L 81 34.42 -40.64 20.40
C GLN L 81 35.27 -39.40 20.80
N ASN L 82 35.99 -38.73 19.89
CA ASN L 82 36.85 -37.61 20.30
C ASN L 82 36.12 -36.24 20.29
N ILE L 83 34.78 -36.26 20.42
CA ILE L 83 33.95 -35.06 20.42
C ILE L 83 33.21 -34.91 21.76
N ASP L 84 33.34 -33.73 22.39
CA ASP L 84 32.63 -33.40 23.63
C ASP L 84 31.17 -33.09 23.24
N THR L 85 30.29 -34.10 23.38
CA THR L 85 28.87 -34.05 23.03
C THR L 85 28.11 -32.96 23.78
N THR L 86 28.38 -32.79 25.08
CA THR L 86 27.74 -31.80 25.95
C THR L 86 28.08 -30.37 25.51
N SER L 87 29.38 -30.11 25.22
CA SER L 87 29.86 -28.81 24.75
C SER L 87 29.33 -28.47 23.35
N LEU L 88 29.21 -29.50 22.47
CA LEU L 88 28.69 -29.36 21.11
C LEU L 88 27.21 -28.94 21.16
N ALA L 89 26.42 -29.55 22.05
CA ALA L 89 25.00 -29.27 22.26
C ALA L 89 24.78 -27.83 22.74
N SER L 90 25.66 -27.35 23.64
CA SER L 90 25.62 -26.00 24.20
C SER L 90 25.92 -24.94 23.13
N LEU L 91 26.93 -25.18 22.28
CA LEU L 91 27.32 -24.27 21.20
C LEU L 91 26.29 -24.27 20.06
N THR L 92 25.61 -25.40 19.83
CA THR L 92 24.55 -25.54 18.82
C THR L 92 23.37 -24.63 19.22
N ALA L 93 22.95 -24.72 20.49
CA ALA L 93 21.85 -23.93 21.07
C ALA L 93 22.14 -22.42 20.97
N GLY L 94 23.38 -22.02 21.25
CA GLY L 94 23.83 -20.64 21.18
C GLY L 94 23.78 -20.09 19.77
N ASN L 95 24.16 -20.92 18.78
CA ASN L 95 24.14 -20.58 17.36
C ASN L 95 22.69 -20.50 16.83
N VAL L 96 21.83 -21.50 17.15
CA VAL L 96 20.44 -21.55 16.72
C VAL L 96 19.63 -20.35 17.27
N ALA L 97 19.90 -19.95 18.53
CA ALA L 97 19.26 -18.80 19.17
C ALA L 97 19.64 -17.50 18.46
N ALA L 98 20.94 -17.35 18.12
CA ALA L 98 21.47 -16.19 17.41
C ALA L 98 20.92 -16.14 15.98
N MET L 99 20.75 -17.31 15.33
CA MET L 99 20.19 -17.44 14.00
C MET L 99 18.69 -17.12 13.99
N GLY L 100 17.98 -17.50 15.04
CA GLY L 100 16.55 -17.22 15.20
C GLY L 100 16.27 -15.73 15.28
N GLY L 101 17.10 -15.01 16.03
CA GLY L 101 17.01 -13.57 16.21
C GLY L 101 17.41 -12.81 14.96
N LEU L 102 18.35 -13.39 14.20
CA LEU L 102 18.85 -12.86 12.93
C LEU L 102 17.79 -12.98 11.83
N ALA L 103 17.06 -14.12 11.81
CA ALA L 103 15.96 -14.39 10.89
C ALA L 103 14.85 -13.37 11.11
N LYS L 104 14.48 -13.12 12.39
CA LYS L 104 13.45 -12.16 12.80
C LYS L 104 13.81 -10.73 12.41
N LEU L 105 15.11 -10.39 12.43
CA LEU L 105 15.63 -9.07 12.07
C LEU L 105 15.46 -8.77 10.58
N ILE L 106 15.54 -9.80 9.72
CA ILE L 106 15.42 -9.66 8.27
C ILE L 106 13.95 -9.92 7.80
N GLY L 107 13.04 -10.00 8.76
CA GLY L 107 11.62 -10.22 8.51
C GLY L 107 11.32 -11.57 7.93
N GLU L 108 12.03 -12.58 8.40
CA GLU L 108 11.93 -13.97 7.94
C GLU L 108 11.64 -14.89 9.13
N ASN L 109 10.93 -16.01 8.87
CA ASN L 109 10.66 -17.02 9.89
C ASN L 109 11.96 -17.79 10.11
N GLU L 110 12.10 -18.50 11.26
CA GLU L 110 13.29 -19.29 11.60
C GLU L 110 13.74 -20.13 10.40
N PHE L 111 15.04 -20.07 10.04
CA PHE L 111 15.58 -20.81 8.91
C PHE L 111 15.49 -22.31 9.20
N PRO L 112 14.69 -23.10 8.42
CA PRO L 112 14.58 -24.54 8.72
C PRO L 112 15.86 -25.33 8.54
N ASN L 113 16.68 -24.96 7.55
CA ASN L 113 17.95 -25.62 7.25
C ASN L 113 19.11 -24.64 7.19
N GLN L 114 20.19 -24.95 7.93
CA GLN L 114 21.41 -24.15 8.03
C GLN L 114 22.61 -24.96 7.58
N PHE L 115 23.31 -24.48 6.54
CA PHE L 115 24.46 -25.17 5.96
C PHE L 115 25.75 -24.40 6.20
N HIS L 116 26.77 -25.07 6.73
CA HIS L 116 28.08 -24.49 6.98
C HIS L 116 29.13 -25.35 6.29
N GLU L 117 29.73 -24.82 5.22
CA GLU L 117 30.73 -25.52 4.40
C GLU L 117 32.13 -25.30 4.96
N GLY L 118 32.88 -26.40 5.04
CA GLY L 118 34.26 -26.39 5.52
C GLY L 118 35.23 -26.85 4.45
N ALA L 119 36.51 -27.03 4.84
CA ALA L 119 37.56 -27.48 3.93
C ALA L 119 37.53 -28.99 3.65
N LYS L 120 37.37 -29.80 4.71
CA LYS L 120 37.34 -31.27 4.64
C LYS L 120 35.94 -31.79 4.99
N ASP L 121 35.33 -31.24 6.07
CA ASP L 121 34.01 -31.63 6.54
C ASP L 121 33.03 -30.45 6.55
N SER L 122 31.76 -30.73 6.25
CA SER L 122 30.67 -29.75 6.26
C SER L 122 29.65 -30.08 7.36
N LEU L 123 28.84 -29.09 7.73
CA LEU L 123 27.86 -29.21 8.78
C LEU L 123 26.47 -28.79 8.30
N TYR L 124 25.45 -29.56 8.72
CA TYR L 124 24.06 -29.29 8.39
C TYR L 124 23.20 -29.29 9.64
N MET L 125 22.35 -28.27 9.78
CA MET L 125 21.44 -28.14 10.92
C MET L 125 20.00 -27.98 10.46
N THR L 126 19.10 -28.80 11.02
CA THR L 126 17.69 -28.80 10.66
C THR L 126 16.82 -28.70 11.91
N ILE L 127 15.92 -27.72 11.92
CA ILE L 127 15.03 -27.52 13.05
C ILE L 127 13.80 -28.43 12.87
N VAL L 128 13.58 -29.33 13.85
CA VAL L 128 12.49 -30.31 13.89
C VAL L 128 11.43 -29.84 14.90
N GLY L 129 10.28 -29.41 14.37
CA GLY L 129 9.13 -28.92 15.14
C GLY L 129 9.36 -27.70 16.04
N SER L 130 10.30 -26.82 15.64
CA SER L 130 10.70 -25.57 16.32
C SER L 130 10.99 -25.75 17.84
N ARG L 131 11.66 -26.86 18.21
CA ARG L 131 12.02 -27.21 19.59
C ARG L 131 13.33 -28.04 19.63
N VAL L 132 13.57 -28.83 18.58
CA VAL L 132 14.71 -29.75 18.46
C VAL L 132 15.54 -29.39 17.21
N VAL L 133 16.88 -29.59 17.29
CA VAL L 133 17.84 -29.33 16.22
C VAL L 133 18.57 -30.63 15.87
N LEU L 134 18.53 -31.01 14.58
CA LEU L 134 19.22 -32.18 14.05
C LEU L 134 20.52 -31.71 13.39
N VAL L 135 21.66 -32.09 14.00
CA VAL L 135 23.01 -31.72 13.54
C VAL L 135 23.64 -32.90 12.82
N VAL L 136 24.05 -32.67 11.56
CA VAL L 136 24.67 -33.69 10.71
C VAL L 136 26.04 -33.19 10.21
N ILE L 137 27.11 -33.91 10.58
CA ILE L 137 28.48 -33.61 10.17
C ILE L 137 28.89 -34.68 9.17
N PHE L 138 29.37 -34.26 7.99
CA PHE L 138 29.74 -35.16 6.90
C PHE L 138 30.93 -34.66 6.10
N ASP L 139 31.63 -35.59 5.43
CA ASP L 139 32.79 -35.30 4.58
C ASP L 139 32.31 -34.62 3.29
N ASN L 140 33.07 -33.62 2.80
CA ASN L 140 32.75 -32.85 1.58
C ASN L 140 32.61 -33.71 0.32
N ARG L 141 33.20 -34.93 0.32
CA ARG L 141 33.13 -35.88 -0.79
C ARG L 141 31.73 -36.44 -1.00
N THR L 142 30.88 -36.43 0.06
CA THR L 142 29.51 -36.92 -0.02
C THR L 142 28.62 -35.89 -0.71
N SER L 143 27.69 -36.37 -1.56
CA SER L 143 26.73 -35.56 -2.32
C SER L 143 25.84 -34.72 -1.40
N LEU L 144 25.75 -33.42 -1.68
CA LEU L 144 24.94 -32.47 -0.92
C LEU L 144 23.43 -32.75 -1.08
N GLY L 145 23.05 -33.22 -2.27
CA GLY L 145 21.68 -33.61 -2.58
C GLY L 145 21.24 -34.85 -1.81
N LEU L 146 22.19 -35.79 -1.61
CA LEU L 146 21.98 -37.05 -0.89
C LEU L 146 21.74 -36.77 0.60
N VAL L 147 22.65 -36.00 1.25
CA VAL L 147 22.54 -35.65 2.68
C VAL L 147 21.22 -34.92 2.97
N ARG L 148 20.86 -33.93 2.13
CA ARG L 148 19.63 -33.14 2.25
C ARG L 148 18.35 -33.96 2.15
N LEU L 149 18.33 -34.93 1.21
CA LEU L 149 17.20 -35.83 0.99
C LEU L 149 16.98 -36.75 2.20
N ARG L 150 18.08 -37.26 2.78
CA ARG L 150 18.04 -38.15 3.94
C ARG L 150 17.68 -37.40 5.22
N ILE L 151 18.16 -36.15 5.38
CA ILE L 151 17.88 -35.28 6.52
C ILE L 151 16.37 -34.98 6.58
N LYS L 152 15.75 -34.69 5.41
CA LYS L 152 14.31 -34.42 5.27
C LYS L 152 13.48 -35.63 5.74
N LYS L 153 13.90 -36.85 5.33
CA LYS L 153 13.24 -38.11 5.71
C LYS L 153 13.37 -38.35 7.22
N ALA L 154 14.56 -38.05 7.79
CA ALA L 154 14.85 -38.18 9.22
C ALA L 154 14.02 -37.19 10.04
N SER L 155 13.94 -35.92 9.57
CA SER L 155 13.17 -34.84 10.21
C SER L 155 11.67 -35.17 10.25
N ASP L 156 11.12 -35.70 9.13
CA ASP L 156 9.71 -36.11 9.02
C ASP L 156 9.41 -37.28 9.97
N GLU L 157 10.35 -38.23 10.08
CA GLU L 157 10.28 -39.40 10.97
C GLU L 157 10.31 -38.94 12.43
N LEU L 158 11.18 -37.97 12.75
CA LEU L 158 11.33 -37.40 14.09
C LEU L 158 10.10 -36.60 14.52
N THR L 159 9.52 -35.79 13.60
CA THR L 159 8.32 -34.99 13.85
C THR L 159 7.14 -35.89 14.28
N LYS L 160 6.96 -37.05 13.60
CA LYS L 160 5.92 -38.03 13.92
C LYS L 160 6.12 -38.67 15.30
N ILE L 161 7.39 -38.86 15.72
CA ILE L 161 7.76 -39.43 17.03
C ILE L 161 7.46 -38.41 18.14
N PHE L 162 7.91 -37.14 17.97
CA PHE L 162 7.71 -36.06 18.94
C PHE L 162 6.23 -35.66 19.11
N GLU L 163 5.39 -35.89 18.08
CA GLU L 163 3.95 -35.60 18.11
C GLU L 163 3.17 -36.66 18.91
N SER L 164 3.73 -37.88 19.04
CA SER L 164 3.14 -38.98 19.82
C SER L 164 3.54 -38.74 21.30
N LEU L 165 2.55 -38.41 22.16
CA LEU L 165 2.67 -38.00 23.59
C LEU L 165 2.87 -36.47 23.67
N GLU M 42 -6.19 5.91 -36.35
CA GLU M 42 -6.33 5.69 -37.80
C GLU M 42 -7.10 4.37 -38.20
N GLU M 43 -7.81 3.62 -37.31
CA GLU M 43 -8.01 3.71 -35.86
C GLU M 43 -7.41 2.45 -35.24
N GLU M 44 -6.13 2.26 -35.55
CA GLU M 44 -5.36 1.10 -35.17
C GLU M 44 -4.99 0.99 -33.69
N PHE M 45 -5.20 -0.23 -33.13
CA PHE M 45 -4.69 -0.78 -31.88
C PHE M 45 -5.04 -0.09 -30.57
N THR M 46 -5.57 1.14 -30.61
CA THR M 46 -5.91 1.91 -29.40
C THR M 46 -7.08 1.24 -28.66
N LYS M 47 -8.03 0.67 -29.42
CA LYS M 47 -9.21 -0.04 -28.91
C LYS M 47 -8.79 -1.31 -28.17
N ILE M 48 -7.75 -2.00 -28.69
CA ILE M 48 -7.18 -3.23 -28.13
C ILE M 48 -6.56 -2.94 -26.74
N ASN M 49 -5.76 -1.86 -26.63
CA ASN M 49 -5.13 -1.44 -25.37
C ASN M 49 -6.17 -1.03 -24.32
N ALA M 50 -7.27 -0.41 -24.79
CA ALA M 50 -8.39 0.02 -23.95
C ALA M 50 -9.09 -1.19 -23.30
N VAL M 51 -9.22 -2.30 -24.05
CA VAL M 51 -9.82 -3.57 -23.59
C VAL M 51 -8.95 -4.15 -22.47
N CYS M 52 -7.61 -4.18 -22.69
CA CYS M 52 -6.61 -4.68 -21.74
C CYS M 52 -6.56 -3.86 -20.47
N ASP M 53 -6.67 -2.52 -20.58
CA ASP M 53 -6.67 -1.60 -19.44
C ASP M 53 -7.92 -1.77 -18.58
N ARG M 54 -9.10 -1.90 -19.25
CA ARG M 54 -10.39 -2.12 -18.59
C ARG M 54 -10.41 -3.46 -17.87
N LEU M 55 -9.84 -4.51 -18.51
CA LEU M 55 -9.76 -5.86 -17.96
C LEU M 55 -8.93 -5.92 -16.68
N THR M 56 -7.78 -5.21 -16.64
CA THR M 56 -6.89 -5.15 -15.48
C THR M 56 -7.62 -4.54 -14.27
N LYS M 57 -8.38 -3.45 -14.52
CA LYS M 57 -9.11 -2.73 -13.49
C LYS M 57 -10.38 -3.48 -13.03
N ASP M 58 -11.25 -3.86 -13.99
CA ASP M 58 -12.52 -4.54 -13.72
C ASP M 58 -12.36 -5.95 -13.13
N ALA M 59 -11.52 -6.80 -13.73
CA ALA M 59 -11.28 -8.15 -13.22
C ALA M 59 -10.33 -8.17 -12.01
N ASN M 60 -9.82 -6.98 -11.60
CA ASN M 60 -8.88 -6.76 -10.51
C ASN M 60 -7.60 -7.61 -10.69
N ALA M 61 -7.14 -7.68 -11.95
CA ALA M 61 -5.96 -8.42 -12.36
C ALA M 61 -4.68 -7.67 -12.00
N LYS M 62 -3.60 -8.43 -11.79
CA LYS M 62 -2.26 -7.90 -11.48
C LYS M 62 -1.66 -7.32 -12.77
N VAL M 63 -1.66 -8.13 -13.84
CA VAL M 63 -1.12 -7.79 -15.16
C VAL M 63 -1.86 -8.57 -16.27
N VAL M 64 -2.09 -7.92 -17.43
CA VAL M 64 -2.78 -8.48 -18.61
C VAL M 64 -1.89 -8.33 -19.84
N PHE M 65 -1.79 -9.39 -20.65
CA PHE M 65 -1.00 -9.43 -21.89
C PHE M 65 -1.81 -9.97 -23.06
N LEU M 66 -1.51 -9.49 -24.25
CA LEU M 66 -2.12 -9.97 -25.49
C LEU M 66 -0.96 -10.40 -26.39
N VAL M 67 -0.86 -11.72 -26.62
CA VAL M 67 0.24 -12.34 -27.36
C VAL M 67 -0.27 -13.04 -28.62
N ASP M 68 0.44 -12.88 -29.75
CA ASP M 68 0.12 -13.59 -31.00
C ASP M 68 0.72 -14.99 -30.87
N LYS M 69 0.09 -15.99 -31.50
CA LYS M 69 0.55 -17.39 -31.45
C LYS M 69 1.98 -17.59 -31.99
N ASN M 70 2.49 -16.61 -32.78
CA ASN M 70 3.85 -16.63 -33.33
C ASN M 70 4.91 -16.11 -32.34
N GLY M 71 4.45 -15.63 -31.18
CA GLY M 71 5.32 -15.12 -30.11
C GLY M 71 5.44 -13.61 -30.01
N GLN M 72 4.74 -12.87 -30.87
CA GLN M 72 4.80 -11.41 -30.86
C GLN M 72 3.84 -10.83 -29.81
N LEU M 73 4.33 -9.88 -28.99
CA LEU M 73 3.50 -9.20 -27.99
C LEU M 73 2.70 -8.13 -28.71
N ILE M 74 1.38 -8.16 -28.60
CA ILE M 74 0.48 -7.20 -29.23
C ILE M 74 0.22 -6.02 -28.27
N SER M 75 -0.21 -6.33 -27.03
CA SER M 75 -0.53 -5.33 -26.01
C SER M 75 -0.25 -5.85 -24.60
N SER M 76 -0.11 -4.91 -23.63
CA SER M 76 0.12 -5.21 -22.21
C SER M 76 -0.42 -4.10 -21.32
N ALA M 77 -1.00 -4.47 -20.17
CA ALA M 77 -1.58 -3.54 -19.20
C ALA M 77 -1.35 -4.04 -17.78
N GLY M 78 -1.28 -3.11 -16.82
CA GLY M 78 -1.08 -3.42 -15.41
C GLY M 78 0.35 -3.30 -14.95
N GLN M 79 0.73 -4.13 -13.95
CA GLN M 79 2.07 -4.15 -13.35
C GLN M 79 3.10 -4.85 -14.26
N THR M 80 3.38 -4.22 -15.42
CA THR M 80 4.32 -4.71 -16.45
C THR M 80 5.79 -4.45 -16.09
N GLN M 81 6.04 -3.57 -15.09
CA GLN M 81 7.37 -3.25 -14.56
C GLN M 81 7.85 -4.53 -13.89
N ASN M 82 9.15 -4.78 -14.00
CA ASN M 82 9.92 -5.93 -13.51
C ASN M 82 9.57 -7.28 -14.20
N ILE M 83 8.77 -7.25 -15.29
CA ILE M 83 8.44 -8.44 -16.09
C ILE M 83 8.95 -8.21 -17.52
N ASP M 84 9.78 -9.15 -18.03
CA ASP M 84 10.29 -9.13 -19.41
C ASP M 84 9.13 -9.56 -20.32
N THR M 85 8.41 -8.57 -20.89
CA THR M 85 7.23 -8.75 -21.73
C THR M 85 7.53 -9.58 -22.99
N THR M 86 8.70 -9.34 -23.62
CA THR M 86 9.12 -10.05 -24.84
C THR M 86 9.36 -11.55 -24.57
N SER M 87 10.05 -11.86 -23.45
CA SER M 87 10.32 -13.24 -23.04
C SER M 87 9.05 -13.97 -22.61
N LEU M 88 8.10 -13.25 -21.96
CA LEU M 88 6.81 -13.78 -21.53
C LEU M 88 5.97 -14.20 -22.74
N ALA M 89 5.95 -13.35 -23.79
CA ALA M 89 5.25 -13.59 -25.05
C ALA M 89 5.79 -14.83 -25.77
N SER M 90 7.11 -15.01 -25.76
CA SER M 90 7.82 -16.14 -26.37
C SER M 90 7.47 -17.47 -25.68
N LEU M 91 7.45 -17.46 -24.33
CA LEU M 91 7.14 -18.63 -23.51
C LEU M 91 5.64 -18.98 -23.57
N THR M 92 4.76 -17.97 -23.74
CA THR M 92 3.31 -18.15 -23.89
C THR M 92 3.05 -18.92 -25.19
N ALA M 93 3.68 -18.48 -26.30
CA ALA M 93 3.58 -19.11 -27.62
C ALA M 93 4.05 -20.57 -27.59
N GLY M 94 5.13 -20.85 -26.88
CA GLY M 94 5.70 -22.19 -26.73
C GLY M 94 4.76 -23.13 -25.99
N ASN M 95 4.10 -22.60 -24.96
CA ASN M 95 3.12 -23.33 -24.16
C ASN M 95 1.81 -23.59 -24.95
N VAL M 96 1.28 -22.57 -25.63
CA VAL M 96 0.05 -22.66 -26.43
C VAL M 96 0.22 -23.67 -27.59
N ALA M 97 1.41 -23.69 -28.23
CA ALA M 97 1.74 -24.61 -29.32
C ALA M 97 1.78 -26.06 -28.81
N ALA M 98 2.40 -26.29 -27.63
CA ALA M 98 2.49 -27.59 -26.98
C ALA M 98 1.10 -28.06 -26.54
N MET M 99 0.25 -27.12 -26.07
CA MET M 99 -1.13 -27.40 -25.67
C MET M 99 -2.01 -27.74 -26.86
N GLY M 100 -1.77 -27.09 -28.00
CA GLY M 100 -2.49 -27.31 -29.25
C GLY M 100 -2.27 -28.73 -29.77
N GLY M 101 -1.02 -29.19 -29.72
CA GLY M 101 -0.61 -30.53 -30.13
C GLY M 101 -1.10 -31.61 -29.19
N LEU M 102 -1.22 -31.25 -27.91
CA LEU M 102 -1.71 -32.12 -26.84
C LEU M 102 -3.22 -32.33 -26.98
N ALA M 103 -3.96 -31.26 -27.34
CA ALA M 103 -5.40 -31.28 -27.59
C ALA M 103 -5.71 -32.21 -28.77
N LYS M 104 -4.92 -32.10 -29.87
CA LYS M 104 -5.04 -32.90 -31.08
C LYS M 104 -4.76 -34.38 -30.81
N LEU M 105 -3.87 -34.68 -29.86
CA LEU M 105 -3.51 -36.04 -29.45
C LEU M 105 -4.68 -36.76 -28.76
N ILE M 106 -5.50 -36.02 -28.00
CA ILE M 106 -6.66 -36.57 -27.27
C ILE M 106 -7.96 -36.49 -28.12
N GLY M 107 -7.82 -36.12 -29.40
CA GLY M 107 -8.93 -35.99 -30.33
C GLY M 107 -9.88 -34.87 -29.96
N GLU M 108 -9.30 -33.76 -29.52
CA GLU M 108 -10.03 -32.57 -29.07
C GLU M 108 -9.54 -31.34 -29.82
N ASN M 109 -10.43 -30.35 -30.00
CA ASN M 109 -10.07 -29.08 -30.64
C ASN M 109 -9.27 -28.28 -29.61
N GLU M 110 -8.46 -27.29 -30.05
CA GLU M 110 -7.65 -26.43 -29.19
C GLU M 110 -8.47 -25.97 -27.96
N PHE M 111 -7.90 -26.12 -26.75
CA PHE M 111 -8.56 -25.72 -25.51
C PHE M 111 -8.74 -24.19 -25.50
N PRO M 112 -10.00 -23.67 -25.50
CA PRO M 112 -10.19 -22.21 -25.54
C PRO M 112 -9.70 -21.47 -24.30
N ASN M 113 -9.84 -22.10 -23.12
CA ASN M 113 -9.43 -21.54 -21.84
C ASN M 113 -8.49 -22.46 -21.08
N GLN M 114 -7.36 -21.91 -20.64
CA GLN M 114 -6.32 -22.62 -19.90
C GLN M 114 -6.10 -21.93 -18.55
N PHE M 115 -6.34 -22.67 -17.46
CA PHE M 115 -6.20 -22.14 -16.11
C PHE M 115 -5.04 -22.81 -15.37
N HIS M 116 -4.15 -22.01 -14.81
CA HIS M 116 -3.00 -22.49 -14.06
C HIS M 116 -3.05 -21.86 -12.68
N GLU M 117 -3.34 -22.67 -11.65
CA GLU M 117 -3.46 -22.22 -10.27
C GLU M 117 -2.10 -22.28 -9.58
N GLY M 118 -1.75 -21.19 -8.89
CA GLY M 118 -0.51 -21.07 -8.15
C GLY M 118 -0.74 -20.93 -6.66
N ALA M 119 0.33 -20.64 -5.91
CA ALA M 119 0.29 -20.46 -4.46
C ALA M 119 -0.24 -19.08 -4.04
N LYS M 120 0.25 -18.01 -4.69
CA LYS M 120 -0.12 -16.62 -4.42
C LYS M 120 -0.90 -16.03 -5.59
N ASP M 121 -0.42 -16.25 -6.82
CA ASP M 121 -1.03 -15.75 -8.06
C ASP M 121 -1.40 -16.88 -9.00
N SER M 122 -2.52 -16.69 -9.73
CA SER M 122 -3.02 -17.63 -10.73
C SER M 122 -2.95 -17.02 -12.12
N LEU M 123 -2.97 -17.88 -13.14
CA LEU M 123 -2.84 -17.47 -14.53
C LEU M 123 -3.99 -18.01 -15.37
N TYR M 124 -4.50 -17.17 -16.28
CA TYR M 124 -5.57 -17.53 -17.20
C TYR M 124 -5.19 -17.19 -18.62
N MET M 125 -5.40 -18.15 -19.53
CA MET M 125 -5.12 -17.96 -20.95
C MET M 125 -6.34 -18.27 -21.79
N THR M 126 -6.70 -17.35 -22.68
CA THR M 126 -7.85 -17.48 -23.54
C THR M 126 -7.47 -17.22 -24.98
N ILE M 127 -7.79 -18.18 -25.86
CA ILE M 127 -7.51 -18.06 -27.29
C ILE M 127 -8.64 -17.25 -27.95
N VAL M 128 -8.27 -16.12 -28.56
CA VAL M 128 -9.17 -15.18 -29.24
C VAL M 128 -9.01 -15.36 -30.76
N GLY M 129 -10.03 -15.94 -31.40
CA GLY M 129 -10.09 -16.19 -32.83
C GLY M 129 -9.02 -17.10 -33.42
N SER M 130 -8.50 -18.06 -32.62
CA SER M 130 -7.47 -19.05 -32.97
C SER M 130 -6.21 -18.43 -33.66
N ARG M 131 -5.75 -17.26 -33.16
CA ARG M 131 -4.59 -16.53 -33.66
C ARG M 131 -3.92 -15.73 -32.55
N VAL M 132 -4.71 -15.26 -31.58
CA VAL M 132 -4.28 -14.41 -30.47
C VAL M 132 -4.57 -15.09 -29.12
N VAL M 133 -3.70 -14.85 -28.12
CA VAL M 133 -3.79 -15.38 -26.76
C VAL M 133 -3.89 -14.22 -25.76
N LEU M 134 -4.95 -14.22 -24.93
CA LEU M 134 -5.16 -13.23 -23.88
C LEU M 134 -4.69 -13.85 -22.56
N VAL M 135 -3.60 -13.31 -22.00
CA VAL M 135 -2.97 -13.77 -20.74
C VAL M 135 -3.38 -12.84 -19.61
N VAL M 136 -3.99 -13.41 -18.55
CA VAL M 136 -4.44 -12.66 -17.37
C VAL M 136 -3.81 -13.27 -16.12
N ILE M 137 -3.02 -12.46 -15.39
CA ILE M 137 -2.37 -12.86 -14.14
C ILE M 137 -3.07 -12.10 -13.01
N PHE M 138 -3.56 -12.83 -12.00
CA PHE M 138 -4.31 -12.26 -10.88
C PHE M 138 -3.99 -12.95 -9.56
N ASP M 139 -4.21 -12.25 -8.43
CA ASP M 139 -4.03 -12.78 -7.09
C ASP M 139 -5.14 -13.78 -6.78
N ASN M 140 -4.80 -14.88 -6.08
CA ASN M 140 -5.71 -15.96 -5.69
C ASN M 140 -6.92 -15.51 -4.85
N ARG M 141 -6.79 -14.36 -4.17
CA ARG M 141 -7.83 -13.75 -3.33
C ARG M 141 -9.01 -13.24 -4.16
N THR M 142 -8.79 -12.93 -5.46
CA THR M 142 -9.82 -12.46 -6.39
C THR M 142 -10.71 -13.63 -6.81
N SER M 143 -12.03 -13.39 -6.90
CA SER M 143 -13.04 -14.39 -7.30
C SER M 143 -12.77 -14.94 -8.69
N LEU M 144 -12.77 -16.27 -8.82
CA LEU M 144 -12.55 -16.98 -10.09
C LEU M 144 -13.70 -16.74 -11.06
N GLY M 145 -14.91 -16.61 -10.53
CA GLY M 145 -16.11 -16.32 -11.31
C GLY M 145 -16.09 -14.93 -11.91
N LEU M 146 -15.53 -13.96 -11.14
CA LEU M 146 -15.39 -12.56 -11.55
C LEU M 146 -14.39 -12.42 -12.71
N VAL M 147 -13.16 -12.99 -12.56
CA VAL M 147 -12.13 -12.93 -13.59
C VAL M 147 -12.61 -13.57 -14.90
N ARG M 148 -13.24 -14.76 -14.82
CA ARG M 148 -13.77 -15.51 -15.96
C ARG M 148 -14.86 -14.75 -16.73
N LEU M 149 -15.75 -14.06 -16.00
CA LEU M 149 -16.84 -13.27 -16.57
C LEU M 149 -16.30 -12.05 -17.33
N ARG M 150 -15.28 -11.40 -16.77
CA ARG M 150 -14.63 -10.23 -17.38
C ARG M 150 -13.77 -10.62 -18.59
N ILE M 151 -13.08 -11.78 -18.52
CA ILE M 151 -12.25 -12.32 -19.60
C ILE M 151 -13.11 -12.61 -20.83
N LYS M 152 -14.31 -13.19 -20.61
CA LYS M 152 -15.28 -13.52 -21.67
C LYS M 152 -15.72 -12.24 -22.39
N LYS M 153 -16.02 -11.17 -21.64
CA LYS M 153 -16.43 -9.87 -22.17
C LYS M 153 -15.29 -9.23 -22.98
N ALA M 154 -14.04 -9.35 -22.49
CA ALA M 154 -12.84 -8.84 -23.14
C ALA M 154 -12.55 -9.60 -24.44
N SER M 155 -12.68 -10.95 -24.41
CA SER M 155 -12.47 -11.83 -25.56
C SER M 155 -13.47 -11.54 -26.68
N ASP M 156 -14.76 -11.34 -26.32
CA ASP M 156 -15.84 -11.00 -27.25
C ASP M 156 -15.59 -9.64 -27.90
N GLU M 157 -15.12 -8.66 -27.11
CA GLU M 157 -14.77 -7.31 -27.55
C GLU M 157 -13.58 -7.37 -28.52
N LEU M 158 -12.56 -8.19 -28.19
CA LEU M 158 -11.36 -8.37 -29.01
C LEU M 158 -11.68 -9.07 -30.35
N THR M 159 -12.53 -10.13 -30.32
CA THR M 159 -12.94 -10.86 -31.52
C THR M 159 -13.60 -9.92 -32.56
N LYS M 160 -14.46 -9.00 -32.09
CA LYS M 160 -15.12 -8.01 -32.95
C LYS M 160 -14.13 -7.00 -33.57
N ILE M 161 -13.05 -6.67 -32.83
CA ILE M 161 -11.98 -5.77 -33.30
C ILE M 161 -11.13 -6.46 -34.38
N PHE M 162 -10.68 -7.70 -34.11
CA PHE M 162 -9.86 -8.49 -35.03
C PHE M 162 -10.59 -8.90 -36.32
N GLU M 163 -11.93 -8.98 -36.28
CA GLU M 163 -12.76 -9.33 -37.44
C GLU M 163 -12.92 -8.14 -38.40
N SER M 164 -12.75 -6.90 -37.87
CA SER M 164 -12.81 -5.67 -38.66
C SER M 164 -11.47 -5.42 -39.39
N LEU M 165 -10.43 -6.19 -39.01
CA LEU M 165 -9.07 -6.13 -39.57
C LEU M 165 -8.96 -7.13 -40.73
N VAL M 166 -9.57 -6.75 -41.88
CA VAL M 166 -9.62 -7.52 -43.12
C VAL M 166 -8.23 -7.99 -43.59
N MET N 40 14.48 -44.80 -15.05
CA MET N 40 15.73 -45.53 -15.25
C MET N 40 16.14 -46.34 -14.02
N TYR N 41 15.84 -45.83 -12.81
CA TYR N 41 16.19 -46.46 -11.54
C TYR N 41 15.06 -46.31 -10.51
N GLU N 42 14.33 -47.42 -10.23
CA GLU N 42 13.20 -47.45 -9.30
C GLU N 42 12.99 -48.81 -8.69
N GLU N 43 12.67 -48.84 -7.39
CA GLU N 43 12.42 -50.06 -6.63
C GLU N 43 10.97 -50.13 -6.15
N GLU N 44 10.44 -48.99 -5.64
CA GLU N 44 9.09 -48.86 -5.09
C GLU N 44 7.97 -48.92 -6.15
N PHE N 45 8.30 -48.58 -7.41
CA PHE N 45 7.58 -48.50 -8.69
C PHE N 45 6.18 -49.13 -8.76
N THR N 46 5.94 -50.27 -8.08
CA THR N 46 4.63 -50.95 -8.03
C THR N 46 3.60 -50.07 -7.30
N LYS N 47 4.06 -49.33 -6.26
CA LYS N 47 3.25 -48.41 -5.47
C LYS N 47 2.78 -47.22 -6.34
N ILE N 48 3.66 -46.73 -7.25
CA ILE N 48 3.39 -45.64 -8.19
C ILE N 48 2.27 -46.03 -9.17
N ASN N 49 2.36 -47.25 -9.76
CA ASN N 49 1.36 -47.77 -10.70
C ASN N 49 0.02 -47.98 -10.01
N ALA N 50 0.04 -48.38 -8.71
CA ALA N 50 -1.14 -48.60 -7.88
C ALA N 50 -1.90 -47.30 -7.66
N VAL N 51 -1.17 -46.18 -7.47
CA VAL N 51 -1.72 -44.83 -7.30
C VAL N 51 -2.44 -44.41 -8.60
N CYS N 52 -1.78 -44.63 -9.76
CA CYS N 52 -2.31 -44.33 -11.11
C CYS N 52 -3.57 -45.14 -11.42
N ASP N 53 -3.57 -46.43 -11.05
CA ASP N 53 -4.71 -47.35 -11.26
C ASP N 53 -5.91 -46.97 -10.40
N ARG N 54 -5.65 -46.62 -9.13
CA ARG N 54 -6.68 -46.18 -8.18
C ARG N 54 -7.28 -44.85 -8.61
N LEU N 55 -6.43 -43.91 -9.12
CA LEU N 55 -6.84 -42.59 -9.60
C LEU N 55 -7.79 -42.71 -10.79
N THR N 56 -7.48 -43.60 -11.75
CA THR N 56 -8.30 -43.82 -12.95
C THR N 56 -9.71 -44.31 -12.56
N LYS N 57 -9.79 -45.22 -11.59
CA LYS N 57 -11.05 -45.80 -11.10
C LYS N 57 -11.83 -44.84 -10.20
N ASP N 58 -11.19 -44.31 -9.14
CA ASP N 58 -11.80 -43.40 -8.16
C ASP N 58 -12.23 -42.05 -8.73
N ALA N 59 -11.34 -41.36 -9.48
CA ALA N 59 -11.67 -40.07 -10.08
C ALA N 59 -12.51 -40.24 -11.35
N ASN N 60 -12.79 -41.50 -11.76
CA ASN N 60 -13.53 -41.91 -12.95
C ASN N 60 -12.91 -41.30 -14.23
N ALA N 61 -11.56 -41.28 -14.26
CA ALA N 61 -10.74 -40.74 -15.34
C ALA N 61 -10.71 -41.69 -16.53
N LYS N 62 -10.51 -41.14 -17.72
CA LYS N 62 -10.43 -41.90 -18.96
C LYS N 62 -9.05 -42.55 -19.02
N VAL N 63 -7.98 -41.75 -18.81
CA VAL N 63 -6.57 -42.16 -18.84
C VAL N 63 -5.72 -41.27 -17.91
N VAL N 64 -4.72 -41.89 -17.23
CA VAL N 64 -3.79 -41.23 -16.30
C VAL N 64 -2.34 -41.52 -16.72
N PHE N 65 -1.49 -40.48 -16.73
CA PHE N 65 -0.07 -40.57 -17.08
C PHE N 65 0.80 -39.94 -16.03
N LEU N 66 2.01 -40.48 -15.86
CA LEU N 66 3.02 -39.94 -14.98
C LEU N 66 4.26 -39.70 -15.84
N VAL N 67 4.60 -38.42 -16.06
CA VAL N 67 5.68 -37.98 -16.95
C VAL N 67 6.76 -37.24 -16.16
N ASP N 68 8.04 -37.54 -16.44
CA ASP N 68 9.18 -36.85 -15.84
C ASP N 68 9.36 -35.54 -16.62
N LYS N 69 9.85 -34.49 -15.96
CA LYS N 69 10.09 -33.18 -16.58
C LYS N 69 11.07 -33.22 -17.76
N ASN N 70 11.88 -34.30 -17.87
CA ASN N 70 12.83 -34.51 -18.97
C ASN N 70 12.17 -35.14 -20.22
N GLY N 71 10.88 -35.46 -20.12
CA GLY N 71 10.08 -36.02 -21.21
C GLY N 71 9.89 -37.52 -21.18
N GLN N 72 10.42 -38.20 -20.16
CA GLN N 72 10.30 -39.66 -20.03
C GLN N 72 8.99 -40.06 -19.36
N LEU N 73 8.31 -41.05 -19.93
CA LEU N 73 7.08 -41.58 -19.36
C LEU N 73 7.46 -42.56 -18.24
N ILE N 74 6.93 -42.33 -17.02
CA ILE N 74 7.19 -43.16 -15.84
C ILE N 74 6.14 -44.26 -15.73
N SER N 75 4.86 -43.88 -15.74
CA SER N 75 3.72 -44.80 -15.59
C SER N 75 2.51 -44.30 -16.39
N SER N 76 1.59 -45.21 -16.69
CA SER N 76 0.34 -44.94 -17.41
C SER N 76 -0.74 -45.95 -17.01
N ALA N 77 -1.98 -45.48 -16.84
CA ALA N 77 -3.14 -46.29 -16.46
C ALA N 77 -4.38 -45.85 -17.24
N GLY N 78 -5.29 -46.78 -17.51
CA GLY N 78 -6.54 -46.50 -18.21
C GLY N 78 -6.51 -46.80 -19.69
N GLN N 79 -7.31 -46.05 -20.46
CA GLN N 79 -7.46 -46.18 -21.91
C GLN N 79 -6.27 -45.57 -22.68
N THR N 80 -5.10 -46.21 -22.53
CA THR N 80 -3.83 -45.81 -23.15
C THR N 80 -3.72 -46.20 -24.63
N GLN N 81 -4.63 -47.07 -25.12
CA GLN N 81 -4.65 -47.66 -26.47
C GLN N 81 -4.48 -46.70 -27.67
N ASN N 82 -5.41 -45.78 -27.98
CA ASN N 82 -5.26 -44.94 -29.18
C ASN N 82 -4.48 -43.64 -28.92
N ILE N 83 -3.65 -43.62 -27.86
CA ILE N 83 -2.85 -42.45 -27.48
C ILE N 83 -1.35 -42.77 -27.55
N ASP N 84 -0.59 -41.94 -28.30
CA ASP N 84 0.86 -42.06 -28.42
C ASP N 84 1.46 -41.53 -27.10
N THR N 85 1.79 -42.46 -26.18
CA THR N 85 2.33 -42.18 -24.85
C THR N 85 3.65 -41.40 -24.88
N THR N 86 4.54 -41.75 -25.82
CA THR N 86 5.85 -41.11 -26.02
C THR N 86 5.69 -39.65 -26.46
N SER N 87 4.79 -39.38 -27.44
CA SER N 87 4.51 -38.03 -27.94
C SER N 87 3.84 -37.18 -26.88
N LEU N 88 2.95 -37.78 -26.08
CA LEU N 88 2.22 -37.10 -24.99
C LEU N 88 3.19 -36.62 -23.93
N ALA N 89 4.15 -37.49 -23.55
CA ALA N 89 5.17 -37.22 -22.54
C ALA N 89 6.09 -36.07 -22.97
N SER N 90 6.48 -36.06 -24.26
CA SER N 90 7.33 -35.04 -24.88
C SER N 90 6.65 -33.66 -24.91
N LEU N 91 5.36 -33.60 -25.28
CA LEU N 91 4.60 -32.36 -25.35
C LEU N 91 4.29 -31.82 -23.95
N THR N 92 4.11 -32.73 -22.96
CA THR N 92 3.86 -32.36 -21.56
C THR N 92 5.09 -31.61 -21.02
N ALA N 93 6.29 -32.19 -21.24
CA ALA N 93 7.58 -31.63 -20.83
C ALA N 93 7.83 -30.25 -21.44
N GLY N 94 7.50 -30.09 -22.72
CA GLY N 94 7.65 -28.83 -23.47
C GLY N 94 6.75 -27.73 -22.92
N ASN N 95 5.52 -28.09 -22.54
CA ASN N 95 4.52 -27.19 -21.97
C ASN N 95 4.91 -26.76 -20.54
N VAL N 96 5.30 -27.73 -19.70
CA VAL N 96 5.67 -27.53 -18.30
C VAL N 96 6.93 -26.65 -18.21
N ALA N 97 7.90 -26.84 -19.13
CA ALA N 97 9.12 -26.04 -19.19
C ALA N 97 8.82 -24.60 -19.58
N ALA N 98 7.91 -24.37 -20.55
CA ALA N 98 7.48 -23.04 -20.98
C ALA N 98 6.71 -22.33 -19.84
N MET N 99 5.89 -23.10 -19.09
CA MET N 99 5.12 -22.60 -17.95
C MET N 99 6.04 -22.25 -16.77
N GLY N 100 7.08 -23.05 -16.58
CA GLY N 100 8.08 -22.86 -15.52
C GLY N 100 8.86 -21.58 -15.70
N GLY N 101 9.24 -21.29 -16.94
CA GLY N 101 9.96 -20.09 -17.33
C GLY N 101 9.09 -18.85 -17.24
N LEU N 102 7.80 -19.01 -17.51
CA LEU N 102 6.79 -17.96 -17.45
C LEU N 102 6.53 -17.56 -15.98
N ALA N 103 6.46 -18.58 -15.07
CA ALA N 103 6.26 -18.37 -13.64
C ALA N 103 7.46 -17.61 -13.05
N LYS N 104 8.70 -17.98 -13.45
CA LYS N 104 9.95 -17.34 -13.02
C LYS N 104 10.05 -15.89 -13.48
N LEU N 105 9.48 -15.59 -14.67
CA LEU N 105 9.46 -14.25 -15.26
C LEU N 105 8.60 -13.28 -14.44
N ILE N 106 7.52 -13.78 -13.83
CA ILE N 106 6.59 -12.97 -13.03
C ILE N 106 6.95 -13.00 -11.51
N GLY N 107 8.12 -13.57 -11.20
CA GLY N 107 8.64 -13.70 -9.84
C GLY N 107 7.82 -14.62 -8.97
N GLU N 108 7.33 -15.71 -9.56
CA GLU N 108 6.48 -16.70 -8.91
C GLU N 108 7.10 -18.10 -9.04
N ASN N 109 6.78 -18.99 -8.08
CA ASN N 109 7.21 -20.38 -8.12
C ASN N 109 6.30 -21.08 -9.14
N GLU N 110 6.78 -22.19 -9.68
CA GLU N 110 6.08 -23.01 -10.68
C GLU N 110 4.61 -23.24 -10.29
N PHE N 111 3.68 -23.05 -11.25
CA PHE N 111 2.23 -23.26 -11.06
C PHE N 111 1.96 -24.76 -10.83
N PRO N 112 1.50 -25.14 -9.61
CA PRO N 112 1.32 -26.57 -9.30
C PRO N 112 0.25 -27.29 -10.09
N ASN N 113 -0.87 -26.61 -10.40
CA ASN N 113 -2.00 -27.22 -11.11
C ASN N 113 -2.37 -26.47 -12.37
N GLN N 114 -2.58 -27.21 -13.47
CA GLN N 114 -2.93 -26.67 -14.79
C GLN N 114 -4.18 -27.39 -15.32
N PHE N 115 -5.28 -26.65 -15.54
CA PHE N 115 -6.55 -27.19 -16.06
C PHE N 115 -6.86 -26.70 -17.47
N HIS N 116 -7.15 -27.64 -18.38
CA HIS N 116 -7.48 -27.35 -19.77
C HIS N 116 -8.82 -28.01 -20.10
N GLU N 117 -9.87 -27.19 -20.28
CA GLU N 117 -11.23 -27.63 -20.55
C GLU N 117 -11.47 -27.81 -22.06
N GLY N 118 -12.06 -28.95 -22.42
CA GLY N 118 -12.42 -29.28 -23.80
C GLY N 118 -13.92 -29.42 -24.00
N ALA N 119 -14.35 -29.88 -25.19
CA ALA N 119 -15.79 -30.04 -25.50
C ALA N 119 -16.39 -31.31 -24.92
N LYS N 120 -15.68 -32.44 -25.04
CA LYS N 120 -16.12 -33.75 -24.53
C LYS N 120 -15.24 -34.21 -23.37
N ASP N 121 -13.90 -34.04 -23.51
CA ASP N 121 -12.92 -34.42 -22.49
C ASP N 121 -12.06 -33.24 -22.03
N SER N 122 -11.71 -33.23 -20.74
CA SER N 122 -10.85 -32.22 -20.13
C SER N 122 -9.51 -32.81 -19.67
N LEU N 123 -8.51 -31.95 -19.45
CA LEU N 123 -7.16 -32.34 -19.04
C LEU N 123 -6.71 -31.62 -17.78
N TYR N 124 -6.05 -32.36 -16.87
CA TYR N 124 -5.51 -31.82 -15.63
C TYR N 124 -4.05 -32.21 -15.45
N MET N 125 -3.20 -31.25 -15.10
CA MET N 125 -1.79 -31.48 -14.88
C MET N 125 -1.36 -30.98 -13.51
N THR N 126 -0.65 -31.84 -12.76
CA THR N 126 -0.19 -31.52 -11.42
C THR N 126 1.29 -31.85 -11.27
N ILE N 127 2.09 -30.87 -10.83
CA ILE N 127 3.52 -31.08 -10.60
C ILE N 127 3.71 -31.71 -9.21
N VAL N 128 4.35 -32.88 -9.20
CA VAL N 128 4.64 -33.67 -8.00
C VAL N 128 6.13 -33.58 -7.67
N GLY N 129 6.45 -32.86 -6.59
CA GLY N 129 7.81 -32.68 -6.09
C GLY N 129 8.79 -31.99 -7.00
N SER N 130 8.29 -31.10 -7.89
CA SER N 130 9.06 -30.31 -8.86
C SER N 130 10.06 -31.15 -9.71
N ARG N 131 9.62 -32.34 -10.14
CA ARG N 131 10.41 -33.28 -10.96
C ARG N 131 9.51 -34.15 -11.85
N VAL N 132 8.29 -34.43 -11.37
CA VAL N 132 7.32 -35.31 -12.02
C VAL N 132 6.00 -34.55 -12.28
N VAL N 133 5.32 -34.90 -13.40
CA VAL N 133 4.04 -34.31 -13.83
C VAL N 133 2.97 -35.42 -13.90
N LEU N 134 1.86 -35.24 -13.19
CA LEU N 134 0.73 -36.16 -13.17
C LEU N 134 -0.33 -35.61 -14.14
N VAL N 135 -0.54 -36.32 -15.26
CA VAL N 135 -1.49 -35.95 -16.30
C VAL N 135 -2.77 -36.81 -16.16
N VAL N 136 -3.93 -36.15 -16.02
CA VAL N 136 -5.23 -36.81 -15.87
C VAL N 136 -6.19 -36.32 -16.96
N ILE N 137 -6.67 -37.25 -17.79
CA ILE N 137 -7.65 -36.97 -18.85
C ILE N 137 -8.98 -37.61 -18.42
N PHE N 138 -10.06 -36.82 -18.41
CA PHE N 138 -11.38 -37.25 -17.97
C PHE N 138 -12.50 -36.65 -18.79
N ASP N 139 -13.67 -37.31 -18.80
CA ASP N 139 -14.88 -36.86 -19.49
C ASP N 139 -15.48 -35.70 -18.70
N ASN N 140 -15.99 -34.68 -19.43
CA ASN N 140 -16.60 -33.48 -18.86
C ASN N 140 -17.82 -33.74 -17.96
N ARG N 141 -18.47 -34.92 -18.11
CA ARG N 141 -19.63 -35.35 -17.33
C ARG N 141 -19.25 -35.64 -15.86
N THR N 142 -17.96 -35.93 -15.60
CA THR N 142 -17.44 -36.18 -14.25
C THR N 142 -17.28 -34.84 -13.50
N SER N 143 -17.64 -34.83 -12.20
CA SER N 143 -17.56 -33.66 -11.33
C SER N 143 -16.13 -33.13 -11.24
N LEU N 144 -15.95 -31.81 -11.44
CA LEU N 144 -14.64 -31.14 -11.37
C LEU N 144 -14.07 -31.18 -9.95
N GLY N 145 -14.97 -31.08 -8.95
CA GLY N 145 -14.61 -31.14 -7.54
C GLY N 145 -14.11 -32.52 -7.14
N LEU N 146 -14.70 -33.58 -7.74
CA LEU N 146 -14.34 -34.98 -7.51
C LEU N 146 -12.95 -35.29 -8.07
N VAL N 147 -12.68 -34.95 -9.35
CA VAL N 147 -11.37 -35.19 -9.97
C VAL N 147 -10.24 -34.46 -9.24
N ARG N 148 -10.45 -33.17 -8.88
CA ARG N 148 -9.49 -32.34 -8.14
C ARG N 148 -9.15 -32.90 -6.77
N LEU N 149 -10.15 -33.41 -6.04
CA LEU N 149 -10.00 -33.98 -4.71
C LEU N 149 -9.18 -35.27 -4.77
N ARG N 150 -9.43 -36.11 -5.80
CA ARG N 150 -8.72 -37.38 -6.00
C ARG N 150 -7.28 -37.16 -6.48
N ILE N 151 -7.07 -36.14 -7.34
CA ILE N 151 -5.75 -35.78 -7.87
C ILE N 151 -4.83 -35.34 -6.73
N LYS N 152 -5.37 -34.53 -5.79
CA LYS N 152 -4.67 -34.03 -4.60
C LYS N 152 -4.20 -35.20 -3.72
N LYS N 153 -5.08 -36.20 -3.51
CA LYS N 153 -4.80 -37.41 -2.73
C LYS N 153 -3.71 -38.25 -3.42
N ALA N 154 -3.77 -38.35 -4.76
CA ALA N 154 -2.80 -39.08 -5.58
C ALA N 154 -1.44 -38.41 -5.55
N SER N 155 -1.41 -37.06 -5.69
CA SER N 155 -0.20 -36.23 -5.64
C SER N 155 0.50 -36.34 -4.29
N ASP N 156 -0.27 -36.30 -3.18
CA ASP N 156 0.24 -36.42 -1.81
C ASP N 156 0.84 -37.81 -1.58
N GLU N 157 0.18 -38.86 -2.13
CA GLU N 157 0.63 -40.24 -2.06
C GLU N 157 1.92 -40.42 -2.85
N LEU N 158 2.00 -39.80 -4.04
CA LEU N 158 3.18 -39.84 -4.91
C LEU N 158 4.38 -39.10 -4.30
N THR N 159 4.14 -37.91 -3.69
CA THR N 159 5.18 -37.09 -3.03
C THR N 159 5.89 -37.90 -1.94
N LYS N 160 5.11 -38.66 -1.12
CA LYS N 160 5.63 -39.50 -0.04
C LYS N 160 6.48 -40.66 -0.58
N ILE N 161 6.13 -41.20 -1.78
CA ILE N 161 6.85 -42.29 -2.45
C ILE N 161 8.19 -41.78 -2.99
N PHE N 162 8.17 -40.63 -3.72
CA PHE N 162 9.35 -40.02 -4.31
C PHE N 162 10.36 -39.48 -3.27
N GLU N 163 9.88 -39.12 -2.06
CA GLU N 163 10.73 -38.64 -0.97
C GLU N 163 11.49 -39.78 -0.29
N SER N 164 10.97 -41.03 -0.39
CA SER N 164 11.59 -42.22 0.18
C SER N 164 12.68 -42.75 -0.75
N PHE O 45 -10.97 12.64 -55.15
CA PHE O 45 -10.74 13.68 -56.15
C PHE O 45 -12.03 13.95 -56.93
N THR O 46 -12.21 15.21 -57.42
CA THR O 46 -13.29 15.86 -58.19
C THR O 46 -14.68 15.59 -57.60
N LYS O 47 -14.97 14.35 -57.23
CA LYS O 47 -16.19 13.85 -56.63
C LYS O 47 -16.41 14.52 -55.27
N ILE O 48 -15.34 14.73 -54.49
CA ILE O 48 -15.37 15.38 -53.16
C ILE O 48 -15.82 16.84 -53.28
N ASN O 49 -15.23 17.59 -54.24
CA ASN O 49 -15.54 19.00 -54.52
C ASN O 49 -16.99 19.13 -55.00
N ALA O 50 -17.47 18.15 -55.80
CA ALA O 50 -18.83 18.10 -56.33
C ALA O 50 -19.85 17.97 -55.22
N VAL O 51 -19.55 17.17 -54.16
CA VAL O 51 -20.39 16.96 -52.98
C VAL O 51 -20.52 18.31 -52.22
N CYS O 52 -19.37 19.01 -52.02
CA CYS O 52 -19.29 20.31 -51.35
C CYS O 52 -20.05 21.40 -52.09
N ASP O 53 -19.95 21.42 -53.43
CA ASP O 53 -20.63 22.38 -54.30
C ASP O 53 -22.14 22.19 -54.29
N ARG O 54 -22.59 20.92 -54.35
CA ARG O 54 -24.00 20.54 -54.30
C ARG O 54 -24.60 20.89 -52.94
N LEU O 55 -23.83 20.65 -51.85
CA LEU O 55 -24.24 20.93 -50.48
C LEU O 55 -24.48 22.42 -50.25
N THR O 56 -23.59 23.29 -50.78
CA THR O 56 -23.70 24.74 -50.64
C THR O 56 -24.99 25.25 -51.31
N LYS O 57 -25.30 24.73 -52.50
CA LYS O 57 -26.48 25.11 -53.28
C LYS O 57 -27.78 24.53 -52.70
N ASP O 58 -27.83 23.19 -52.50
CA ASP O 58 -28.99 22.46 -52.00
C ASP O 58 -29.38 22.82 -50.56
N ALA O 59 -28.42 22.77 -49.61
CA ALA O 59 -28.71 23.12 -48.21
C ALA O 59 -28.83 24.64 -47.99
N ASN O 60 -28.61 25.44 -49.08
CA ASN O 60 -28.64 26.91 -49.13
C ASN O 60 -27.64 27.48 -48.11
N ALA O 61 -26.47 26.84 -48.01
CA ALA O 61 -25.37 27.21 -47.13
C ALA O 61 -24.59 28.41 -47.66
N LYS O 62 -23.98 29.18 -46.76
CA LYS O 62 -23.18 30.34 -47.08
C LYS O 62 -21.82 29.86 -47.61
N VAL O 63 -21.16 28.95 -46.85
CA VAL O 63 -19.86 28.38 -47.17
C VAL O 63 -19.72 26.95 -46.56
N VAL O 64 -19.04 26.04 -47.29
CA VAL O 64 -18.82 24.64 -46.89
C VAL O 64 -17.31 24.33 -46.95
N PHE O 65 -16.78 23.66 -45.92
CA PHE O 65 -15.38 23.26 -45.81
C PHE O 65 -15.24 21.78 -45.46
N LEU O 66 -14.17 21.16 -45.95
CA LEU O 66 -13.82 19.78 -45.63
C LEU O 66 -12.40 19.80 -45.07
N VAL O 67 -12.28 19.52 -43.76
CA VAL O 67 -11.02 19.60 -43.03
C VAL O 67 -10.60 18.23 -42.49
N ASP O 68 -9.31 17.88 -42.60
CA ASP O 68 -8.76 16.65 -42.04
C ASP O 68 -8.51 16.92 -40.56
N LYS O 69 -8.62 15.90 -39.70
CA LYS O 69 -8.41 16.01 -38.25
C LYS O 69 -7.01 16.51 -37.87
N ASN O 70 -6.04 16.43 -38.80
CA ASN O 70 -4.66 16.91 -38.60
C ASN O 70 -4.51 18.43 -38.88
N GLY O 71 -5.61 19.05 -39.33
CA GLY O 71 -5.65 20.48 -39.62
C GLY O 71 -5.51 20.89 -41.08
N GLN O 72 -5.39 19.90 -41.98
CA GLN O 72 -5.25 20.18 -43.42
C GLN O 72 -6.60 20.38 -44.08
N LEU O 73 -6.72 21.45 -44.90
CA LEU O 73 -7.95 21.73 -45.64
C LEU O 73 -7.95 20.85 -46.88
N ILE O 74 -9.02 20.04 -47.05
CA ILE O 74 -9.18 19.12 -48.17
C ILE O 74 -9.93 19.83 -49.32
N SER O 75 -11.10 20.39 -49.03
CA SER O 75 -11.96 21.07 -50.00
C SER O 75 -12.73 22.23 -49.37
N SER O 76 -13.19 23.16 -50.22
CA SER O 76 -13.98 24.33 -49.84
C SER O 76 -14.88 24.78 -50.98
N ALA O 77 -16.13 25.19 -50.65
CA ALA O 77 -17.13 25.65 -51.61
C ALA O 77 -17.95 26.80 -51.02
N GLY O 78 -18.43 27.68 -51.89
CA GLY O 78 -19.24 28.83 -51.49
C GLY O 78 -18.49 30.13 -51.35
N GLN O 79 -18.97 30.99 -50.43
CA GLN O 79 -18.38 32.31 -50.15
C GLN O 79 -17.09 32.20 -49.30
N THR O 80 -16.03 31.61 -49.92
CA THR O 80 -14.70 31.40 -49.32
C THR O 80 -13.84 32.67 -49.27
N GLN O 81 -14.23 33.70 -50.04
CA GLN O 81 -13.57 34.99 -50.07
C GLN O 81 -13.82 35.63 -48.72
N ASN O 82 -12.83 36.37 -48.24
CA ASN O 82 -12.73 37.07 -46.95
C ASN O 82 -12.66 36.14 -45.71
N ILE O 83 -12.52 34.80 -45.93
CA ILE O 83 -12.33 33.81 -44.86
C ILE O 83 -10.98 33.13 -45.06
N ASP O 84 -10.12 33.16 -44.00
CA ASP O 84 -8.81 32.51 -43.99
C ASP O 84 -9.07 31.01 -43.82
N THR O 85 -9.10 30.29 -44.96
CA THR O 85 -9.37 28.84 -45.04
C THR O 85 -8.38 28.00 -44.23
N THR O 86 -7.08 28.35 -44.29
CA THR O 86 -6.01 27.66 -43.57
C THR O 86 -6.16 27.78 -42.06
N SER O 87 -6.47 29.00 -41.56
CA SER O 87 -6.68 29.28 -40.14
C SER O 87 -7.96 28.62 -39.62
N LEU O 88 -9.02 28.57 -40.46
CA LEU O 88 -10.31 27.95 -40.14
C LEU O 88 -10.10 26.43 -39.93
N ALA O 89 -9.32 25.80 -40.82
CA ALA O 89 -9.00 24.37 -40.79
C ALA O 89 -8.22 24.01 -39.51
N SER O 90 -7.27 24.88 -39.10
CA SER O 90 -6.44 24.72 -37.90
C SER O 90 -7.27 24.81 -36.62
N LEU O 91 -8.21 25.78 -36.55
CA LEU O 91 -9.08 25.98 -35.40
C LEU O 91 -10.15 24.89 -35.30
N THR O 92 -10.59 24.34 -36.46
CA THR O 92 -11.56 23.23 -36.53
C THR O 92 -10.93 22.00 -35.88
N ALA O 93 -9.68 21.66 -36.28
CA ALA O 93 -8.90 20.54 -35.77
C ALA O 93 -8.69 20.62 -34.24
N GLY O 94 -8.38 21.82 -33.75
CA GLY O 94 -8.18 22.10 -32.33
C GLY O 94 -9.44 21.90 -31.52
N ASN O 95 -10.59 22.30 -32.08
CA ASN O 95 -11.90 22.14 -31.46
C ASN O 95 -12.35 20.67 -31.44
N VAL O 96 -12.21 19.97 -32.59
CA VAL O 96 -12.60 18.56 -32.75
C VAL O 96 -11.77 17.66 -31.81
N ALA O 97 -10.46 17.95 -31.66
CA ALA O 97 -9.56 17.22 -30.77
C ALA O 97 -9.97 17.39 -29.30
N ALA O 98 -10.32 18.63 -28.90
CA ALA O 98 -10.77 18.95 -27.55
C ALA O 98 -12.13 18.28 -27.27
N MET O 99 -13.01 18.23 -28.29
CA MET O 99 -14.32 17.59 -28.22
C MET O 99 -14.20 16.08 -28.11
N GLY O 100 -13.21 15.51 -28.80
CA GLY O 100 -12.92 14.07 -28.80
C GLY O 100 -12.51 13.59 -27.42
N GLY O 101 -11.65 14.37 -26.75
CA GLY O 101 -11.18 14.08 -25.40
C GLY O 101 -12.25 14.26 -24.35
N LEU O 102 -13.16 15.21 -24.61
CA LEU O 102 -14.29 15.54 -23.76
C LEU O 102 -15.35 14.41 -23.81
N ALA O 103 -15.58 13.87 -25.03
CA ALA O 103 -16.49 12.73 -25.27
C ALA O 103 -16.01 11.49 -24.53
N LYS O 104 -14.68 11.21 -24.60
CA LYS O 104 -14.02 10.08 -23.94
C LYS O 104 -14.10 10.18 -22.42
N LEU O 105 -14.11 11.42 -21.88
CA LEU O 105 -14.21 11.70 -20.46
C LEU O 105 -15.59 11.34 -19.88
N ILE O 106 -16.66 11.50 -20.69
CA ILE O 106 -18.02 11.19 -20.29
C ILE O 106 -18.42 9.73 -20.69
N GLY O 107 -17.44 8.94 -21.14
CA GLY O 107 -17.63 7.55 -21.53
C GLY O 107 -18.50 7.42 -22.77
N GLU O 108 -18.29 8.34 -23.72
CA GLU O 108 -19.04 8.41 -24.96
C GLU O 108 -18.07 8.39 -26.15
N ASN O 109 -18.52 7.86 -27.29
CA ASN O 109 -17.72 7.86 -28.52
C ASN O 109 -17.77 9.29 -29.07
N GLU O 110 -16.80 9.67 -29.93
CA GLU O 110 -16.72 10.99 -30.55
C GLU O 110 -18.10 11.46 -31.05
N PHE O 111 -18.49 12.70 -30.70
CA PHE O 111 -19.78 13.29 -31.10
C PHE O 111 -19.80 13.44 -32.63
N PRO O 112 -20.69 12.69 -33.34
CA PRO O 112 -20.70 12.78 -34.82
C PRO O 112 -21.12 14.14 -35.35
N ASN O 113 -22.07 14.81 -34.69
CA ASN O 113 -22.60 16.12 -35.12
C ASN O 113 -22.48 17.18 -34.03
N GLN O 114 -21.92 18.33 -34.41
CA GLN O 114 -21.70 19.47 -33.52
C GLN O 114 -22.39 20.71 -34.11
N PHE O 115 -23.36 21.28 -33.38
CA PHE O 115 -24.11 22.46 -33.81
C PHE O 115 -23.81 23.66 -32.95
N HIS O 116 -23.46 24.79 -33.58
CA HIS O 116 -23.15 26.04 -32.88
C HIS O 116 -24.05 27.12 -33.47
N GLU O 117 -25.03 27.59 -32.67
CA GLU O 117 -26.01 28.60 -33.06
C GLU O 117 -25.49 30.01 -32.79
N GLY O 118 -25.63 30.88 -33.77
CA GLY O 118 -25.22 32.28 -33.69
C GLY O 118 -26.38 33.22 -33.81
N ALA O 119 -26.09 34.53 -33.92
CA ALA O 119 -27.10 35.59 -34.05
C ALA O 119 -27.65 35.72 -35.47
N LYS O 120 -26.77 35.71 -36.48
CA LYS O 120 -27.12 35.84 -37.89
C LYS O 120 -26.85 34.52 -38.64
N ASP O 121 -25.67 33.92 -38.38
CA ASP O 121 -25.24 32.67 -39.02
C ASP O 121 -24.96 31.57 -37.99
N SER O 122 -25.25 30.32 -38.36
CA SER O 122 -25.02 29.13 -37.54
C SER O 122 -23.96 28.24 -38.19
N LEU O 123 -23.36 27.35 -37.39
CA LEU O 123 -22.30 26.46 -37.84
C LEU O 123 -22.63 25.00 -37.51
N TYR O 124 -22.33 24.10 -38.46
CA TYR O 124 -22.55 22.66 -38.30
C TYR O 124 -21.29 21.89 -38.64
N MET O 125 -20.91 20.95 -37.77
CA MET O 125 -19.74 20.10 -37.98
C MET O 125 -20.11 18.64 -37.90
N THR O 126 -19.68 17.87 -38.91
CA THR O 126 -19.96 16.44 -38.98
C THR O 126 -18.70 15.66 -39.25
N ILE O 127 -18.42 14.66 -38.39
CA ILE O 127 -17.25 13.80 -38.55
C ILE O 127 -17.58 12.68 -39.54
N VAL O 128 -16.81 12.63 -40.63
CA VAL O 128 -16.95 11.66 -41.72
C VAL O 128 -15.83 10.61 -41.62
N GLY O 129 -16.21 9.39 -41.23
CA GLY O 129 -15.32 8.24 -41.09
C GLY O 129 -14.19 8.37 -40.08
N SER O 130 -14.41 9.16 -39.01
CA SER O 130 -13.46 9.43 -37.91
C SER O 130 -12.04 9.82 -38.38
N ARG O 131 -11.95 10.66 -39.44
CA ARG O 131 -10.69 11.16 -40.01
C ARG O 131 -10.88 12.54 -40.65
N VAL O 132 -12.09 12.82 -41.16
CA VAL O 132 -12.44 14.05 -41.86
C VAL O 132 -13.61 14.76 -41.15
N VAL O 133 -13.63 16.11 -41.20
CA VAL O 133 -14.65 16.98 -40.61
C VAL O 133 -15.30 17.84 -41.71
N LEU O 134 -16.63 17.75 -41.83
CA LEU O 134 -17.42 18.53 -42.78
C LEU O 134 -17.99 19.74 -42.04
N VAL O 135 -17.53 20.95 -42.39
CA VAL O 135 -17.94 22.21 -41.77
C VAL O 135 -18.93 22.94 -42.70
N VAL O 136 -20.14 23.24 -42.19
CA VAL O 136 -21.20 23.91 -42.95
C VAL O 136 -21.63 25.18 -42.20
N ILE O 137 -21.47 26.34 -42.85
CA ILE O 137 -21.87 27.64 -42.31
C ILE O 137 -23.08 28.12 -43.12
N PHE O 138 -24.18 28.46 -42.42
CA PHE O 138 -25.44 28.85 -43.04
C PHE O 138 -26.16 29.94 -42.26
N ASP O 139 -27.03 30.70 -42.94
CA ASP O 139 -27.84 31.77 -42.36
C ASP O 139 -28.96 31.14 -41.51
N ASN O 140 -29.27 31.74 -40.34
CA ASN O 140 -30.29 31.29 -39.39
C ASN O 140 -31.70 31.19 -39.99
N ARG O 141 -31.96 31.92 -41.09
CA ARG O 141 -33.26 31.91 -41.75
C ARG O 141 -33.54 30.58 -42.47
N THR O 142 -32.49 29.81 -42.79
CA THR O 142 -32.58 28.49 -43.43
C THR O 142 -33.04 27.46 -42.40
N SER O 143 -33.96 26.55 -42.80
CA SER O 143 -34.51 25.49 -41.96
C SER O 143 -33.43 24.54 -41.44
N LEU O 144 -33.45 24.28 -40.13
CA LEU O 144 -32.49 23.39 -39.47
C LEU O 144 -32.66 21.94 -39.95
N GLY O 145 -33.91 21.54 -40.21
CA GLY O 145 -34.25 20.22 -40.71
C GLY O 145 -33.72 19.99 -42.11
N LEU O 146 -33.75 21.04 -42.95
CA LEU O 146 -33.27 21.04 -44.34
C LEU O 146 -31.74 20.87 -44.40
N VAL O 147 -30.99 21.70 -43.65
CA VAL O 147 -29.52 21.63 -43.61
C VAL O 147 -29.04 20.27 -43.11
N ARG O 148 -29.65 19.75 -42.01
CA ARG O 148 -29.33 18.46 -41.40
C ARG O 148 -29.55 17.28 -42.33
N LEU O 149 -30.66 17.31 -43.12
CA LEU O 149 -31.01 16.27 -44.08
C LEU O 149 -29.99 16.22 -45.23
N ARG O 150 -29.56 17.40 -45.72
CA ARG O 150 -28.59 17.55 -46.80
C ARG O 150 -27.18 17.16 -46.34
N ILE O 151 -26.81 17.51 -45.09
CA ILE O 151 -25.51 17.20 -44.47
C ILE O 151 -25.33 15.68 -44.36
N LYS O 152 -26.39 14.98 -43.93
CA LYS O 152 -26.44 13.52 -43.77
C LYS O 152 -26.17 12.83 -45.10
N LYS O 153 -26.83 13.33 -46.18
CA LYS O 153 -26.67 12.83 -47.54
C LYS O 153 -25.26 13.06 -48.07
N ALA O 154 -24.68 14.24 -47.77
CA ALA O 154 -23.32 14.62 -48.15
C ALA O 154 -22.28 13.76 -47.42
N SER O 155 -22.48 13.52 -46.10
CA SER O 155 -21.62 12.70 -45.25
C SER O 155 -21.60 11.24 -45.74
N ASP O 156 -22.78 10.68 -46.08
CA ASP O 156 -22.93 9.32 -46.61
C ASP O 156 -22.23 9.17 -47.96
N GLU O 157 -22.34 10.21 -48.82
CA GLU O 157 -21.69 10.27 -50.14
C GLU O 157 -20.17 10.34 -49.97
N LEU O 158 -19.69 11.13 -48.99
CA LEU O 158 -18.27 11.29 -48.70
C LEU O 158 -17.65 10.01 -48.11
N THR O 159 -18.37 9.33 -47.19
CA THR O 159 -17.94 8.07 -46.57
C THR O 159 -17.65 7.00 -47.64
N LYS O 160 -18.55 6.89 -48.66
CA LYS O 160 -18.40 5.94 -49.77
C LYS O 160 -17.17 6.26 -50.65
N ILE O 161 -16.83 7.57 -50.78
CA ILE O 161 -15.67 8.04 -51.55
C ILE O 161 -14.36 7.70 -50.81
N PHE O 162 -14.31 7.98 -49.49
CA PHE O 162 -13.13 7.80 -48.65
C PHE O 162 -12.73 6.33 -48.40
N GLU O 163 -12.43 5.59 -49.46
CA GLU O 163 -11.88 4.26 -49.29
C GLU O 163 -10.34 4.33 -49.27
N TYR P 41 -11.32 35.27 -3.62
CA TYR P 41 -11.30 35.61 -5.03
C TYR P 41 -12.58 36.28 -5.52
N GLU P 42 -13.73 35.57 -5.48
CA GLU P 42 -15.06 36.05 -5.89
C GLU P 42 -16.19 35.30 -5.15
N GLU P 43 -16.15 35.36 -3.80
CA GLU P 43 -17.06 34.69 -2.87
C GLU P 43 -18.11 35.67 -2.29
N GLU P 44 -19.41 35.29 -2.17
CA GLU P 44 -20.08 34.01 -2.46
C GLU P 44 -21.31 34.11 -3.46
N PHE P 45 -21.62 33.12 -4.37
CA PHE P 45 -21.13 31.77 -4.71
C PHE P 45 -22.17 30.69 -4.43
N THR P 46 -22.93 30.82 -3.32
CA THR P 46 -23.97 29.87 -2.91
C THR P 46 -25.14 29.92 -3.92
N LYS P 47 -25.44 31.12 -4.45
CA LYS P 47 -26.49 31.36 -5.45
C LYS P 47 -26.14 30.67 -6.76
N ILE P 48 -24.83 30.67 -7.14
CA ILE P 48 -24.30 30.04 -8.35
C ILE P 48 -24.49 28.51 -8.29
N ASN P 49 -24.14 27.88 -7.14
CA ASN P 49 -24.30 26.44 -6.92
C ASN P 49 -25.77 26.03 -6.93
N ALA P 50 -26.65 26.91 -6.42
CA ALA P 50 -28.11 26.71 -6.36
C ALA P 50 -28.69 26.65 -7.77
N VAL P 51 -28.17 27.49 -8.70
CA VAL P 51 -28.57 27.53 -10.12
C VAL P 51 -28.19 26.20 -10.79
N CYS P 52 -26.95 25.72 -10.55
CA CYS P 52 -26.41 24.46 -11.07
C CYS P 52 -27.19 23.24 -10.56
N ASP P 53 -27.56 23.24 -9.27
CA ASP P 53 -28.32 22.18 -8.62
C ASP P 53 -29.75 22.09 -9.17
N ARG P 54 -30.40 23.25 -9.36
CA ARG P 54 -31.75 23.38 -9.91
C ARG P 54 -31.76 22.92 -11.37
N LEU P 55 -30.71 23.29 -12.14
CA LEU P 55 -30.56 22.94 -13.56
C LEU P 55 -30.44 21.43 -13.75
N THR P 56 -29.67 20.74 -12.89
CA THR P 56 -29.48 19.29 -12.96
C THR P 56 -30.81 18.56 -12.74
N LYS P 57 -31.62 19.03 -11.78
CA LYS P 57 -32.91 18.45 -11.43
C LYS P 57 -34.01 18.78 -12.46
N ASP P 58 -34.20 20.09 -12.76
CA ASP P 58 -35.23 20.58 -13.68
C ASP P 58 -35.01 20.16 -15.13
N ALA P 59 -33.79 20.33 -15.68
CA ALA P 59 -33.49 19.93 -17.06
C ALA P 59 -33.26 18.41 -17.18
N ASN P 60 -33.32 17.68 -16.05
CA ASN P 60 -33.10 16.24 -15.92
C ASN P 60 -31.73 15.84 -16.49
N ALA P 61 -30.73 16.68 -16.21
CA ALA P 61 -29.34 16.52 -16.64
C ALA P 61 -28.62 15.48 -15.81
N LYS P 62 -27.60 14.85 -16.40
CA LYS P 62 -26.76 13.85 -15.75
C LYS P 62 -25.79 14.59 -14.82
N VAL P 63 -25.08 15.59 -15.36
CA VAL P 63 -24.09 16.40 -14.66
C VAL P 63 -24.00 17.82 -15.28
N VAL P 64 -23.79 18.85 -14.42
CA VAL P 64 -23.69 20.26 -14.81
C VAL P 64 -22.38 20.85 -14.25
N PHE P 65 -21.65 21.62 -15.09
CA PHE P 65 -20.39 22.26 -14.73
C PHE P 65 -20.39 23.73 -15.11
N LEU P 66 -19.68 24.54 -14.33
CA LEU P 66 -19.48 25.96 -14.59
C LEU P 66 -17.97 26.17 -14.64
N VAL P 67 -17.46 26.47 -15.84
CA VAL P 67 -16.03 26.62 -16.12
C VAL P 67 -15.70 28.04 -16.57
N ASP P 68 -14.60 28.61 -16.06
CA ASP P 68 -14.11 29.92 -16.48
C ASP P 68 -13.33 29.69 -17.78
N LYS P 69 -13.32 30.69 -18.69
CA LYS P 69 -12.62 30.64 -19.97
C LYS P 69 -11.10 30.38 -19.84
N ASN P 70 -10.54 30.62 -18.63
CA ASN P 70 -9.12 30.40 -18.33
C ASN P 70 -8.81 28.94 -17.93
N GLY P 71 -9.86 28.12 -17.85
CA GLY P 71 -9.77 26.70 -17.52
C GLY P 71 -10.06 26.32 -16.09
N GLN P 72 -10.42 27.30 -15.25
CA GLN P 72 -10.72 27.05 -13.83
C GLN P 72 -12.17 26.61 -13.63
N LEU P 73 -12.38 25.55 -12.84
CA LEU P 73 -13.71 25.07 -12.52
C LEU P 73 -14.29 25.95 -11.39
N ILE P 74 -15.47 26.55 -11.63
CA ILE P 74 -16.16 27.43 -10.69
C ILE P 74 -17.12 26.61 -9.81
N SER P 75 -18.01 25.84 -10.45
CA SER P 75 -19.03 25.03 -9.77
C SER P 75 -19.32 23.74 -10.55
N SER P 76 -19.89 22.74 -9.85
CA SER P 76 -20.30 21.45 -10.43
C SER P 76 -21.47 20.86 -9.63
N ALA P 77 -22.43 20.25 -10.33
CA ALA P 77 -23.62 19.60 -9.74
C ALA P 77 -23.96 18.32 -10.50
N GLY P 78 -24.55 17.36 -9.79
CA GLY P 78 -24.96 16.08 -10.36
C GLY P 78 -23.99 14.94 -10.17
N GLN P 79 -23.96 14.00 -11.13
CA GLN P 79 -23.09 12.82 -11.12
C GLN P 79 -21.64 13.17 -11.48
N THR P 80 -20.97 13.92 -10.59
CA THR P 80 -19.57 14.39 -10.73
C THR P 80 -18.54 13.27 -10.45
N GLN P 81 -18.97 12.20 -9.77
CA GLN P 81 -18.18 11.01 -9.46
C GLN P 81 -17.87 10.38 -10.81
N ASN P 82 -16.69 9.78 -10.92
CA ASN P 82 -16.10 9.10 -12.10
C ASN P 82 -15.75 10.05 -13.27
N ILE P 83 -15.91 11.39 -13.09
CA ILE P 83 -15.55 12.39 -14.09
C ILE P 83 -14.46 13.32 -13.50
N ASP P 84 -13.33 13.42 -14.21
CA ASP P 84 -12.20 14.28 -13.83
C ASP P 84 -12.61 15.72 -14.14
N THR P 85 -13.09 16.44 -13.11
CA THR P 85 -13.58 17.82 -13.19
C THR P 85 -12.53 18.82 -13.69
N THR P 86 -11.27 18.66 -13.24
CA THR P 86 -10.14 19.50 -13.63
C THR P 86 -9.80 19.34 -15.12
N SER P 87 -9.74 18.09 -15.61
CA SER P 87 -9.47 17.77 -17.02
C SER P 87 -10.59 18.24 -17.93
N LEU P 88 -11.85 18.14 -17.46
CA LEU P 88 -13.04 18.57 -18.19
C LEU P 88 -13.01 20.08 -18.40
N ALA P 89 -12.66 20.84 -17.34
CA ALA P 89 -12.59 22.29 -17.35
C ALA P 89 -11.50 22.78 -18.33
N SER P 90 -10.35 22.08 -18.36
CA SER P 90 -9.22 22.37 -19.23
C SER P 90 -9.56 22.16 -20.71
N LEU P 91 -10.24 21.04 -21.04
CA LEU P 91 -10.66 20.72 -22.40
C LEU P 91 -11.78 21.64 -22.90
N THR P 92 -12.66 22.09 -21.97
CA THR P 92 -13.76 23.02 -22.27
C THR P 92 -13.16 24.35 -22.74
N ALA P 93 -12.18 24.89 -21.97
CA ALA P 93 -11.47 26.13 -22.25
C ALA P 93 -10.76 26.10 -23.61
N GLY P 94 -10.10 24.98 -23.91
CA GLY P 94 -9.39 24.76 -25.18
C GLY P 94 -10.33 24.75 -26.38
N ASN P 95 -11.51 24.14 -26.21
CA ASN P 95 -12.54 24.07 -27.23
C ASN P 95 -13.22 25.43 -27.47
N VAL P 96 -13.59 26.13 -26.38
CA VAL P 96 -14.25 27.44 -26.43
C VAL P 96 -13.33 28.49 -27.09
N ALA P 97 -12.00 28.44 -26.79
CA ALA P 97 -11.00 29.34 -27.38
C ALA P 97 -10.87 29.10 -28.89
N ALA P 98 -10.87 27.82 -29.32
CA ALA P 98 -10.80 27.43 -30.73
C ALA P 98 -12.07 27.86 -31.46
N MET P 99 -13.24 27.73 -30.79
CA MET P 99 -14.54 28.13 -31.31
C MET P 99 -14.67 29.64 -31.44
N GLY P 100 -14.08 30.37 -30.48
CA GLY P 100 -14.06 31.83 -30.44
C GLY P 100 -13.33 32.42 -31.62
N GLY P 101 -12.17 31.82 -31.93
CA GLY P 101 -11.33 32.23 -33.05
C GLY P 101 -11.95 31.89 -34.38
N LEU P 102 -12.70 30.78 -34.42
CA LEU P 102 -13.42 30.30 -35.59
C LEU P 102 -14.58 31.23 -35.92
N ALA P 103 -15.32 31.69 -34.88
CA ALA P 103 -16.44 32.64 -35.00
C ALA P 103 -15.94 33.98 -35.58
N LYS P 104 -14.79 34.48 -35.05
CA LYS P 104 -14.15 35.73 -35.48
C LYS P 104 -13.70 35.67 -36.94
N LEU P 105 -13.28 34.47 -37.40
CA LEU P 105 -12.82 34.21 -38.76
C LEU P 105 -13.94 34.34 -39.79
N ILE P 106 -15.17 33.95 -39.39
CA ILE P 106 -16.35 34.01 -40.26
C ILE P 106 -17.13 35.33 -40.10
N GLY P 107 -16.54 36.29 -39.37
CA GLY P 107 -17.13 37.60 -39.13
C GLY P 107 -18.38 37.54 -38.28
N GLU P 108 -18.35 36.66 -37.27
CA GLU P 108 -19.45 36.44 -36.35
C GLU P 108 -18.97 36.62 -34.92
N ASN P 109 -19.88 37.02 -34.01
CA ASN P 109 -19.58 37.14 -32.59
C ASN P 109 -19.54 35.72 -32.03
N GLU P 110 -18.86 35.51 -30.89
CA GLU P 110 -18.72 34.21 -30.23
C GLU P 110 -20.08 33.48 -30.18
N PHE P 111 -20.11 32.19 -30.60
CA PHE P 111 -21.34 31.38 -30.60
C PHE P 111 -21.84 31.20 -29.18
N PRO P 112 -23.02 31.76 -28.82
CA PRO P 112 -23.50 31.64 -27.44
C PRO P 112 -23.81 30.21 -27.00
N ASN P 113 -24.33 29.37 -27.91
CA ASN P 113 -24.71 27.99 -27.61
C ASN P 113 -24.05 26.99 -28.55
N GLN P 114 -23.45 25.95 -27.96
CA GLN P 114 -22.75 24.87 -28.68
C GLN P 114 -23.35 23.51 -28.28
N PHE P 115 -23.92 22.78 -29.24
CA PHE P 115 -24.53 21.48 -29.03
C PHE P 115 -23.75 20.36 -29.68
N HIS P 116 -23.44 19.30 -28.91
CA HIS P 116 -22.70 18.15 -29.40
C HIS P 116 -23.52 16.91 -29.07
N GLU P 117 -24.08 16.26 -30.12
CA GLU P 117 -24.93 15.08 -30.00
C GLU P 117 -24.10 13.80 -30.02
N GLY P 118 -24.40 12.91 -29.08
CA GLY P 118 -23.73 11.61 -28.97
C GLY P 118 -24.69 10.46 -29.17
N ALA P 119 -24.22 9.22 -28.91
CA ALA P 119 -25.03 8.00 -29.07
C ALA P 119 -25.99 7.77 -27.89
N LYS P 120 -25.50 7.92 -26.65
CA LYS P 120 -26.27 7.73 -25.42
C LYS P 120 -26.48 9.07 -24.69
N ASP P 121 -25.41 9.88 -24.58
CA ASP P 121 -25.43 11.18 -23.91
C ASP P 121 -25.02 12.31 -24.84
N SER P 122 -25.64 13.49 -24.66
CA SER P 122 -25.35 14.70 -25.41
C SER P 122 -24.76 15.78 -24.49
N LEU P 123 -24.10 16.78 -25.11
CA LEU P 123 -23.44 17.86 -24.41
C LEU P 123 -23.91 19.23 -24.90
N TYR P 124 -24.12 20.15 -23.96
CA TYR P 124 -24.53 21.52 -24.26
C TYR P 124 -23.61 22.53 -23.56
N MET P 125 -23.14 23.53 -24.32
CA MET P 125 -22.28 24.57 -23.77
C MET P 125 -22.86 25.95 -24.05
N THR P 126 -22.92 26.78 -23.02
CA THR P 126 -23.47 28.12 -23.10
C THR P 126 -22.52 29.13 -22.47
N ILE P 127 -22.16 30.16 -23.24
CA ILE P 127 -21.28 31.23 -22.76
C ILE P 127 -22.12 32.26 -21.99
N VAL P 128 -21.77 32.44 -20.71
CA VAL P 128 -22.44 33.36 -19.80
C VAL P 128 -21.55 34.59 -19.56
N GLY P 129 -21.98 35.72 -20.14
CA GLY P 129 -21.30 37.01 -20.05
C GLY P 129 -19.89 37.09 -20.60
N SER P 130 -19.59 36.28 -21.63
CA SER P 130 -18.30 36.20 -22.34
C SER P 130 -17.07 36.07 -21.40
N ARG P 131 -17.20 35.25 -20.33
CA ARG P 131 -16.15 35.00 -19.34
C ARG P 131 -16.29 33.60 -18.73
N VAL P 132 -17.53 33.10 -18.64
CA VAL P 132 -17.90 31.82 -18.02
C VAL P 132 -18.62 30.92 -19.03
N VAL P 133 -18.41 29.59 -18.92
CA VAL P 133 -19.01 28.55 -19.77
C VAL P 133 -19.84 27.60 -18.90
N LEU P 134 -21.11 27.43 -19.24
CA LEU P 134 -22.03 26.52 -18.56
C LEU P 134 -22.09 25.22 -19.39
N VAL P 135 -21.57 24.12 -18.83
CA VAL P 135 -21.52 22.82 -19.47
C VAL P 135 -22.62 21.91 -18.89
N VAL P 136 -23.50 21.39 -19.76
CA VAL P 136 -24.61 20.52 -19.37
C VAL P 136 -24.52 19.19 -20.14
N ILE P 137 -24.40 18.09 -19.40
CA ILE P 137 -24.35 16.74 -19.96
C ILE P 137 -25.67 16.06 -19.58
N PHE P 138 -26.37 15.51 -20.58
CA PHE P 138 -27.68 14.86 -20.40
C PHE P 138 -27.87 13.67 -21.32
N ASP P 139 -28.78 12.75 -20.92
CA ASP P 139 -29.14 11.57 -21.69
C ASP P 139 -29.99 12.00 -22.88
N ASN P 140 -29.76 11.36 -24.06
CA ASN P 140 -30.47 11.64 -25.32
C ASN P 140 -32.00 11.47 -25.25
N ARG P 141 -32.48 10.68 -24.28
CA ARG P 141 -33.91 10.40 -24.05
C ARG P 141 -34.65 11.64 -23.51
N THR P 142 -33.91 12.61 -22.93
CA THR P 142 -34.47 13.87 -22.42
C THR P 142 -34.75 14.80 -23.62
N SER P 143 -35.90 15.50 -23.61
CA SER P 143 -36.31 16.45 -24.65
C SER P 143 -35.29 17.57 -24.82
N LEU P 144 -34.89 17.82 -26.09
CA LEU P 144 -33.92 18.85 -26.46
C LEU P 144 -34.49 20.25 -26.18
N GLY P 145 -35.79 20.42 -26.38
CA GLY P 145 -36.50 21.67 -26.12
C GLY P 145 -36.53 21.99 -24.65
N LEU P 146 -36.68 20.97 -23.79
CA LEU P 146 -36.70 21.09 -22.34
C LEU P 146 -35.34 21.54 -21.79
N VAL P 147 -34.24 20.85 -22.17
CA VAL P 147 -32.89 21.19 -21.72
C VAL P 147 -32.50 22.62 -22.13
N ARG P 148 -32.76 22.99 -23.41
CA ARG P 148 -32.48 24.32 -23.96
C ARG P 148 -33.20 25.44 -23.23
N LEU P 149 -34.47 25.21 -22.89
CA LEU P 149 -35.30 26.17 -22.19
C LEU P 149 -34.84 26.42 -20.77
N ARG P 150 -34.41 25.35 -20.08
CA ARG P 150 -33.89 25.41 -18.72
C ARG P 150 -32.49 26.03 -18.66
N ILE P 151 -31.64 25.75 -19.68
CA ILE P 151 -30.29 26.29 -19.81
C ILE P 151 -30.35 27.83 -19.96
N LYS P 152 -31.31 28.31 -20.79
CA LYS P 152 -31.55 29.73 -21.02
C LYS P 152 -31.91 30.44 -19.72
N LYS P 153 -32.79 29.83 -18.90
CA LYS P 153 -33.24 30.35 -17.61
C LYS P 153 -32.06 30.39 -16.62
N ALA P 154 -31.21 29.35 -16.63
CA ALA P 154 -30.01 29.23 -15.79
C ALA P 154 -28.97 30.29 -16.17
N SER P 155 -28.73 30.47 -17.49
CA SER P 155 -27.79 31.46 -18.04
C SER P 155 -28.20 32.88 -17.67
N ASP P 156 -29.51 33.20 -17.79
CA ASP P 156 -30.08 34.51 -17.45
C ASP P 156 -29.94 34.78 -15.94
N GLU P 157 -30.14 33.75 -15.10
CA GLU P 157 -29.99 33.82 -13.65
C GLU P 157 -28.53 34.05 -13.29
N LEU P 158 -27.60 33.35 -13.98
CA LEU P 158 -26.15 33.47 -13.76
C LEU P 158 -25.63 34.84 -14.19
N THR P 159 -26.08 35.37 -15.35
CA THR P 159 -25.70 36.69 -15.87
C THR P 159 -26.02 37.79 -14.85
N LYS P 160 -27.20 37.73 -14.20
CA LYS P 160 -27.61 38.69 -13.18
C LYS P 160 -26.72 38.62 -11.92
N ILE P 161 -26.22 37.41 -11.57
CA ILE P 161 -25.34 37.16 -10.42
C ILE P 161 -23.95 37.75 -10.71
N PHE P 162 -23.37 37.42 -11.89
CA PHE P 162 -22.05 37.89 -12.32
C PHE P 162 -21.96 39.40 -12.58
N GLU P 163 -23.10 40.05 -12.90
CA GLU P 163 -23.18 41.49 -13.13
C GLU P 163 -23.17 42.28 -11.81
N SER P 164 -23.59 41.64 -10.71
CA SER P 164 -23.58 42.23 -9.37
C SER P 164 -22.16 42.18 -8.77
N LEU P 165 -21.26 41.38 -9.39
CA LEU P 165 -19.86 41.18 -8.99
C LEU P 165 -18.94 42.16 -9.72
N GLU Q 43 61.08 -15.17 29.43
CA GLU Q 43 60.03 -14.99 28.45
C GLU Q 43 58.76 -14.41 29.05
N GLU Q 44 57.95 -13.72 28.21
CA GLU Q 44 56.69 -13.10 28.63
C GLU Q 44 55.61 -14.16 28.93
N PHE Q 45 55.68 -15.32 28.26
CA PHE Q 45 54.76 -16.44 28.48
C PHE Q 45 54.95 -17.09 29.87
N THR Q 46 56.19 -17.13 30.40
CA THR Q 46 56.51 -17.67 31.72
C THR Q 46 55.89 -16.80 32.80
N LYS Q 47 55.90 -15.47 32.57
CA LYS Q 47 55.34 -14.45 33.46
C LYS Q 47 53.82 -14.61 33.56
N ILE Q 48 53.15 -14.96 32.44
CA ILE Q 48 51.71 -15.19 32.38
C ILE Q 48 51.29 -16.38 33.26
N ASN Q 49 52.04 -17.52 33.14
CA ASN Q 49 51.80 -18.75 33.92
C ASN Q 49 52.05 -18.51 35.40
N ALA Q 50 53.05 -17.65 35.73
CA ALA Q 50 53.40 -17.26 37.10
C ALA Q 50 52.26 -16.50 37.76
N VAL Q 51 51.56 -15.63 37.00
CA VAL Q 51 50.40 -14.83 37.47
C VAL Q 51 49.27 -15.79 37.81
N CYS Q 52 48.99 -16.78 36.93
CA CYS Q 52 47.95 -17.80 37.09
C CYS Q 52 48.20 -18.70 38.29
N ASP Q 53 49.48 -19.11 38.49
CA ASP Q 53 49.91 -19.96 39.59
C ASP Q 53 49.78 -19.24 40.93
N ARG Q 54 50.18 -17.95 40.98
CA ARG Q 54 50.10 -17.10 42.16
C ARG Q 54 48.64 -16.85 42.52
N LEU Q 55 47.78 -16.62 41.50
CA LEU Q 55 46.35 -16.37 41.67
C LEU Q 55 45.62 -17.57 42.28
N THR Q 56 45.96 -18.80 41.84
CA THR Q 56 45.35 -20.03 42.35
C THR Q 56 45.67 -20.21 43.85
N LYS Q 57 46.91 -19.94 44.24
CA LYS Q 57 47.39 -20.09 45.62
C LYS Q 57 46.89 -18.96 46.53
N ASP Q 58 47.12 -17.68 46.13
CA ASP Q 58 46.75 -16.49 46.89
C ASP Q 58 45.23 -16.27 47.04
N ALA Q 59 44.46 -16.36 45.94
CA ALA Q 59 43.00 -16.20 45.99
C ALA Q 59 42.31 -17.48 46.50
N ASN Q 60 43.11 -18.55 46.79
CA ASN Q 60 42.68 -19.87 47.26
C ASN Q 60 41.64 -20.48 46.30
N ALA Q 61 41.90 -20.29 44.99
CA ALA Q 61 41.07 -20.78 43.89
C ALA Q 61 41.29 -22.27 43.67
N LYS Q 62 40.25 -22.95 43.14
CA LYS Q 62 40.28 -24.37 42.82
C LYS Q 62 41.09 -24.55 41.53
N VAL Q 63 40.73 -23.78 40.48
CA VAL Q 63 41.36 -23.80 39.16
C VAL Q 63 41.26 -22.41 38.47
N VAL Q 64 42.32 -22.01 37.73
CA VAL Q 64 42.42 -20.72 37.01
C VAL Q 64 42.77 -21.00 35.53
N PHE Q 65 42.07 -20.31 34.61
CA PHE Q 65 42.27 -20.43 33.16
C PHE Q 65 42.42 -19.08 32.51
N LEU Q 66 43.22 -19.01 31.44
CA LEU Q 66 43.40 -17.82 30.64
C LEU Q 66 43.05 -18.21 29.20
N VAL Q 67 41.92 -17.67 28.72
CA VAL Q 67 41.35 -18.01 27.41
C VAL Q 67 41.33 -16.79 26.48
N ASP Q 68 41.71 -16.98 25.20
CA ASP Q 68 41.64 -15.92 24.19
C ASP Q 68 40.19 -15.87 23.71
N LYS Q 69 39.71 -14.68 23.31
CA LYS Q 69 38.35 -14.49 22.81
C LYS Q 69 38.00 -15.34 21.58
N ASN Q 70 39.02 -15.85 20.86
CA ASN Q 70 38.87 -16.72 19.70
C ASN Q 70 38.67 -18.20 20.07
N GLY Q 71 38.74 -18.50 21.38
CA GLY Q 71 38.54 -19.84 21.92
C GLY Q 71 39.79 -20.63 22.25
N GLN Q 72 40.98 -20.03 22.04
CA GLN Q 72 42.26 -20.68 22.33
C GLN Q 72 42.65 -20.56 23.79
N LEU Q 73 43.06 -21.68 24.41
CA LEU Q 73 43.52 -21.68 25.79
C LEU Q 73 44.97 -21.20 25.81
N ILE Q 74 45.25 -20.14 26.58
CA ILE Q 74 46.58 -19.53 26.70
C ILE Q 74 47.35 -20.19 27.85
N SER Q 75 46.74 -20.21 29.05
CA SER Q 75 47.35 -20.76 30.27
C SER Q 75 46.28 -21.36 31.19
N SER Q 76 46.73 -22.25 32.09
CA SER Q 76 45.89 -22.93 33.09
C SER Q 76 46.71 -23.30 34.32
N ALA Q 77 46.11 -23.14 35.51
CA ALA Q 77 46.74 -23.45 36.80
C ALA Q 77 45.72 -24.04 37.77
N GLY Q 78 46.18 -24.90 38.68
CA GLY Q 78 45.35 -25.54 39.68
C GLY Q 78 44.89 -26.94 39.34
N GLN Q 79 43.69 -27.31 39.83
CA GLN Q 79 43.08 -28.63 39.63
C GLN Q 79 42.48 -28.78 38.22
N THR Q 80 43.35 -28.79 37.20
CA THR Q 80 43.01 -28.90 35.77
C THR Q 80 42.68 -30.33 35.33
N GLN Q 81 43.00 -31.34 36.17
CA GLN Q 81 42.88 -32.78 35.90
C GLN Q 81 41.56 -33.30 35.28
N ASN Q 82 40.41 -33.30 36.00
CA ASN Q 82 39.18 -33.87 35.42
C ASN Q 82 38.34 -32.84 34.63
N ILE Q 83 38.99 -31.78 34.11
CA ILE Q 83 38.34 -30.73 33.33
C ILE Q 83 38.92 -30.68 31.91
N ASP Q 84 38.04 -30.73 30.90
CA ASP Q 84 38.41 -30.63 29.49
C ASP Q 84 38.70 -29.14 29.23
N THR Q 85 39.99 -28.78 29.26
CA THR Q 85 40.49 -27.41 29.09
C THR Q 85 40.11 -26.79 27.73
N THR Q 86 40.19 -27.60 26.65
CA THR Q 86 39.85 -27.18 25.28
C THR Q 86 38.35 -26.84 25.16
N SER Q 87 37.47 -27.69 25.72
CA SER Q 87 36.02 -27.50 25.70
C SER Q 87 35.62 -26.30 26.56
N LEU Q 88 36.31 -26.09 27.70
CA LEU Q 88 36.07 -24.97 28.62
C LEU Q 88 36.37 -23.65 27.92
N ALA Q 89 37.50 -23.59 27.19
CA ALA Q 89 37.95 -22.42 26.45
C ALA Q 89 36.96 -22.05 25.34
N SER Q 90 36.42 -23.05 24.64
CA SER Q 90 35.44 -22.91 23.56
C SER Q 90 34.11 -22.35 24.08
N LEU Q 91 33.62 -22.87 25.23
CA LEU Q 91 32.37 -22.43 25.85
C LEU Q 91 32.51 -21.04 26.47
N THR Q 92 33.72 -20.69 26.97
CA THR Q 92 34.02 -19.36 27.54
C THR Q 92 33.88 -18.32 26.44
N ALA Q 93 34.52 -18.57 25.26
CA ALA Q 93 34.49 -17.71 24.08
C ALA Q 93 33.07 -17.46 23.59
N GLY Q 94 32.26 -18.52 23.54
CA GLY Q 94 30.86 -18.47 23.12
C GLY Q 94 29.99 -17.63 24.04
N ASN Q 95 30.25 -17.73 25.36
CA ASN Q 95 29.54 -16.98 26.40
C ASN Q 95 29.95 -15.49 26.37
N VAL Q 96 31.26 -15.21 26.29
CA VAL Q 96 31.81 -13.85 26.28
C VAL Q 96 31.32 -13.08 25.03
N ALA Q 97 31.26 -13.77 23.87
CA ALA Q 97 30.77 -13.19 22.61
C ALA Q 97 29.26 -12.83 22.70
N ALA Q 98 28.46 -13.71 23.32
CA ALA Q 98 27.02 -13.50 23.53
C ALA Q 98 26.80 -12.35 24.51
N MET Q 99 27.65 -12.27 25.56
CA MET Q 99 27.62 -11.21 26.57
C MET Q 99 28.03 -9.87 26.00
N GLY Q 100 29.01 -9.88 25.09
CA GLY Q 100 29.51 -8.69 24.39
C GLY Q 100 28.46 -8.04 23.53
N GLY Q 101 27.68 -8.87 22.82
CA GLY Q 101 26.59 -8.43 21.96
C GLY Q 101 25.41 -7.92 22.76
N LEU Q 102 25.20 -8.51 23.94
CA LEU Q 102 24.14 -8.15 24.89
C LEU Q 102 24.44 -6.78 25.51
N ALA Q 103 25.72 -6.53 25.86
CA ALA Q 103 26.21 -5.26 26.42
C ALA Q 103 26.00 -4.13 25.40
N LYS Q 104 26.34 -4.38 24.12
CA LYS Q 104 26.19 -3.44 23.00
C LYS Q 104 24.74 -3.08 22.74
N LEU Q 105 23.82 -4.05 22.97
CA LEU Q 105 22.37 -3.89 22.80
C LEU Q 105 21.78 -2.92 23.80
N ILE Q 106 22.32 -2.90 25.04
CA ILE Q 106 21.85 -2.03 26.12
C ILE Q 106 22.64 -0.69 26.18
N GLY Q 107 23.45 -0.44 25.16
CA GLY Q 107 24.26 0.77 25.03
C GLY Q 107 25.33 0.87 26.09
N GLU Q 108 25.95 -0.27 26.40
CA GLU Q 108 27.00 -0.39 27.40
C GLU Q 108 28.23 -1.04 26.77
N ASN Q 109 29.42 -0.70 27.30
CA ASN Q 109 30.67 -1.32 26.84
C ASN Q 109 30.72 -2.72 27.46
N GLU Q 110 31.52 -3.62 26.88
CA GLU Q 110 31.68 -5.00 27.35
C GLU Q 110 31.83 -5.06 28.87
N PHE Q 111 31.05 -5.95 29.53
CA PHE Q 111 31.08 -6.12 30.98
C PHE Q 111 32.47 -6.65 31.41
N PRO Q 112 33.26 -5.85 32.17
CA PRO Q 112 34.61 -6.30 32.53
C PRO Q 112 34.64 -7.52 33.44
N ASN Q 113 33.68 -7.63 34.37
CA ASN Q 113 33.60 -8.73 35.34
C ASN Q 113 32.26 -9.43 35.31
N GLN Q 114 32.29 -10.77 35.22
CA GLN Q 114 31.12 -11.64 35.18
C GLN Q 114 31.20 -12.65 36.33
N PHE Q 115 30.23 -12.62 37.26
CA PHE Q 115 30.17 -13.51 38.41
C PHE Q 115 29.01 -14.48 38.32
N HIS Q 116 29.29 -15.78 38.47
CA HIS Q 116 28.27 -16.83 38.43
C HIS Q 116 28.37 -17.64 39.72
N GLU Q 117 27.37 -17.49 40.60
CA GLU Q 117 27.31 -18.16 41.90
C GLU Q 117 26.67 -19.52 41.81
N GLY Q 118 27.29 -20.50 42.45
CA GLY Q 118 26.78 -21.86 42.50
C GLY Q 118 26.53 -22.34 43.91
N ALA Q 119 26.19 -23.62 44.04
CA ALA Q 119 26.07 -24.34 45.29
C ALA Q 119 27.50 -24.87 45.23
N LYS Q 120 28.15 -25.02 46.35
CA LYS Q 120 29.53 -25.47 46.50
C LYS Q 120 30.62 -24.58 45.83
N ASP Q 121 30.67 -24.44 44.49
CA ASP Q 121 31.69 -23.64 43.80
C ASP Q 121 31.11 -22.49 42.96
N SER Q 122 31.84 -21.36 42.90
CA SER Q 122 31.47 -20.19 42.12
C SER Q 122 32.48 -19.93 41.00
N LEU Q 123 32.08 -19.14 39.99
CA LEU Q 123 32.89 -18.82 38.82
C LEU Q 123 33.02 -17.30 38.61
N TYR Q 124 34.22 -16.85 38.26
CA TYR Q 124 34.51 -15.44 37.98
C TYR Q 124 35.22 -15.28 36.65
N MET Q 125 34.76 -14.34 35.82
CA MET Q 125 35.35 -14.05 34.52
C MET Q 125 35.71 -12.58 34.40
N THR Q 126 36.94 -12.30 33.98
CA THR Q 126 37.44 -10.94 33.84
C THR Q 126 38.09 -10.75 32.47
N ILE Q 127 37.65 -9.74 31.74
CA ILE Q 127 38.21 -9.42 30.43
C ILE Q 127 39.46 -8.55 30.60
N VAL Q 128 40.60 -9.06 30.11
CA VAL Q 128 41.92 -8.42 30.19
C VAL Q 128 42.29 -7.86 28.81
N GLY Q 129 42.26 -6.53 28.70
CA GLY Q 129 42.61 -5.79 27.49
C GLY Q 129 41.76 -6.04 26.27
N SER Q 130 40.47 -6.40 26.47
CA SER Q 130 39.46 -6.69 25.44
C SER Q 130 39.95 -7.67 24.34
N ARG Q 131 40.67 -8.73 24.75
CA ARG Q 131 41.22 -9.76 23.87
C ARG Q 131 41.36 -11.11 24.60
N VAL Q 132 41.59 -11.06 25.92
CA VAL Q 132 41.84 -12.21 26.77
C VAL Q 132 40.80 -12.26 27.93
N VAL Q 133 40.42 -13.48 28.35
CA VAL Q 133 39.45 -13.75 29.43
C VAL Q 133 40.14 -14.56 30.53
N LEU Q 134 40.11 -14.04 31.77
CA LEU Q 134 40.66 -14.70 32.95
C LEU Q 134 39.50 -15.38 33.69
N VAL Q 135 39.50 -16.73 33.69
CA VAL Q 135 38.47 -17.56 34.33
C VAL Q 135 39.00 -18.09 35.67
N VAL Q 136 38.28 -17.82 36.77
CA VAL Q 136 38.63 -18.24 38.12
C VAL Q 136 37.48 -19.04 38.74
N ILE Q 137 37.75 -20.30 39.11
CA ILE Q 137 36.78 -21.19 39.75
C ILE Q 137 37.25 -21.39 41.20
N PHE Q 138 36.37 -21.12 42.16
CA PHE Q 138 36.68 -21.18 43.60
C PHE Q 138 35.54 -21.69 44.44
N ASP Q 139 35.86 -22.23 45.63
CA ASP Q 139 34.88 -22.73 46.60
C ASP Q 139 34.18 -21.54 47.26
N ASN Q 140 32.85 -21.66 47.48
CA ASN Q 140 32.00 -20.63 48.09
C ASN Q 140 32.43 -20.21 49.50
N ARG Q 141 33.21 -21.07 50.20
CA ARG Q 141 33.73 -20.81 51.55
C ARG Q 141 34.79 -19.70 51.55
N THR Q 142 35.44 -19.45 50.38
CA THR Q 142 36.45 -18.39 50.21
C THR Q 142 35.74 -17.04 50.10
N SER Q 143 36.29 -16.00 50.75
CA SER Q 143 35.74 -14.64 50.76
C SER Q 143 35.66 -14.06 49.34
N LEU Q 144 34.49 -13.50 48.98
CA LEU Q 144 34.24 -12.89 47.66
C LEU Q 144 35.11 -11.64 47.47
N GLY Q 145 35.33 -10.90 48.55
CA GLY Q 145 36.18 -9.71 48.56
C GLY Q 145 37.64 -10.04 48.31
N LEU Q 146 38.09 -11.19 48.86
CA LEU Q 146 39.45 -11.69 48.70
C LEU Q 146 39.76 -12.13 47.26
N VAL Q 147 38.87 -12.95 46.65
CA VAL Q 147 39.05 -13.41 45.27
C VAL Q 147 39.04 -12.22 44.29
N ARG Q 148 38.11 -11.26 44.46
CA ARG Q 148 37.98 -10.06 43.63
C ARG Q 148 39.21 -9.16 43.69
N LEU Q 149 39.81 -9.00 44.89
CA LEU Q 149 41.01 -8.18 45.12
C LEU Q 149 42.21 -8.80 44.42
N ARG Q 150 42.35 -10.14 44.48
CA ARG Q 150 43.45 -10.87 43.86
C ARG Q 150 43.30 -10.91 42.33
N ILE Q 151 42.05 -11.05 41.82
CA ILE Q 151 41.73 -11.07 40.38
C ILE Q 151 42.12 -9.73 39.74
N LYS Q 152 41.81 -8.61 40.42
CA LYS Q 152 42.12 -7.24 39.99
C LYS Q 152 43.63 -7.07 39.84
N LYS Q 153 44.41 -7.56 40.83
CA LYS Q 153 45.87 -7.52 40.84
C LYS Q 153 46.46 -8.35 39.72
N ALA Q 154 45.86 -9.54 39.46
CA ALA Q 154 46.26 -10.47 38.39
C ALA Q 154 45.98 -9.86 37.02
N SER Q 155 44.79 -9.24 36.85
CA SER Q 155 44.36 -8.58 35.61
C SER Q 155 45.27 -7.41 35.26
N ASP Q 156 45.63 -6.58 36.27
CA ASP Q 156 46.53 -5.44 36.11
C ASP Q 156 47.94 -5.90 35.72
N GLU Q 157 48.42 -7.00 36.32
CA GLU Q 157 49.71 -7.62 36.03
C GLU Q 157 49.72 -8.18 34.60
N LEU Q 158 48.62 -8.82 34.18
CA LEU Q 158 48.46 -9.38 32.83
C LEU Q 158 48.38 -8.30 31.76
N THR Q 159 47.63 -7.20 32.01
CA THR Q 159 47.48 -6.06 31.09
C THR Q 159 48.86 -5.46 30.74
N LYS Q 160 49.74 -5.31 31.75
CA LYS Q 160 51.11 -4.79 31.58
C LYS Q 160 51.98 -5.73 30.74
N ILE Q 161 51.75 -7.06 30.85
CA ILE Q 161 52.48 -8.09 30.10
C ILE Q 161 52.05 -8.06 28.62
N PHE Q 162 50.72 -8.07 28.36
CA PHE Q 162 50.15 -8.06 27.02
C PHE Q 162 50.43 -6.75 26.24
N GLU Q 163 50.63 -5.63 26.95
CA GLU Q 163 50.94 -4.33 26.35
C GLU Q 163 52.41 -4.25 25.87
N SER Q 164 53.30 -5.07 26.47
CA SER Q 164 54.71 -5.11 26.11
C SER Q 164 54.91 -6.01 24.89
N LEU R 38 4.23 -23.48 16.16
CA LEU R 38 3.01 -23.35 16.95
C LEU R 38 3.00 -22.09 17.83
N VAL R 39 1.82 -21.43 17.94
CA VAL R 39 1.63 -20.20 18.73
C VAL R 39 0.31 -20.29 19.57
N MET R 40 0.34 -19.65 20.79
CA MET R 40 -0.68 -19.59 21.87
C MET R 40 -0.50 -20.77 22.85
N TYR R 41 0.05 -20.50 24.05
CA TYR R 41 0.36 -21.53 25.05
C TYR R 41 -0.06 -21.19 26.47
N GLU R 42 -0.20 -19.89 26.78
CA GLU R 42 -0.51 -19.39 28.11
C GLU R 42 -1.90 -18.79 28.20
N GLU R 43 -2.70 -19.29 29.14
CA GLU R 43 -4.05 -18.78 29.36
C GLU R 43 -3.93 -17.60 30.34
N GLU R 44 -3.11 -17.76 31.41
CA GLU R 44 -2.86 -16.77 32.44
C GLU R 44 -2.00 -15.63 31.91
N PHE R 45 -0.65 -15.64 32.12
CA PHE R 45 0.28 -14.67 31.51
C PHE R 45 0.20 -13.27 32.11
N THR R 46 -0.97 -12.81 32.58
CA THR R 46 -1.18 -11.49 33.19
C THR R 46 -0.43 -11.41 34.53
N LYS R 47 -0.40 -12.53 35.27
CA LYS R 47 0.29 -12.66 36.56
C LYS R 47 1.80 -12.54 36.38
N ILE R 48 2.33 -13.11 35.27
CA ILE R 48 3.74 -13.08 34.90
C ILE R 48 4.21 -11.63 34.63
N ASN R 49 3.41 -10.87 33.85
CA ASN R 49 3.68 -9.47 33.51
C ASN R 49 3.63 -8.58 34.76
N ALA R 50 2.71 -8.90 35.70
CA ALA R 50 2.54 -8.19 36.97
C ALA R 50 3.79 -8.33 37.85
N VAL R 51 4.42 -9.53 37.84
CA VAL R 51 5.66 -9.82 38.58
C VAL R 51 6.80 -8.94 38.01
N CYS R 52 6.92 -8.89 36.66
CA CYS R 52 7.91 -8.11 35.93
C CYS R 52 7.76 -6.61 36.17
N ASP R 53 6.50 -6.11 36.19
CA ASP R 53 6.18 -4.70 36.43
C ASP R 53 6.52 -4.28 37.85
N ARG R 54 6.19 -5.14 38.83
CA ARG R 54 6.48 -4.92 40.25
C ARG R 54 7.99 -4.93 40.49
N LEU R 55 8.72 -5.85 39.83
CA LEU R 55 10.17 -5.98 39.93
C LEU R 55 10.91 -4.74 39.42
N THR R 56 10.46 -4.16 38.31
CA THR R 56 11.04 -2.95 37.72
C THR R 56 10.93 -1.77 38.69
N LYS R 57 9.75 -1.62 39.34
CA LYS R 57 9.47 -0.54 40.27
C LYS R 57 10.15 -0.75 41.63
N ASP R 58 9.95 -1.92 42.26
CA ASP R 58 10.49 -2.26 43.58
C ASP R 58 12.02 -2.38 43.62
N ALA R 59 12.63 -3.12 42.67
CA ALA R 59 14.09 -3.25 42.62
C ALA R 59 14.77 -2.03 41.99
N ASN R 60 13.96 -1.03 41.56
CA ASN R 60 14.37 0.21 40.92
C ASN R 60 15.23 -0.08 39.66
N ALA R 61 14.81 -1.11 38.91
CA ALA R 61 15.46 -1.58 37.70
C ALA R 61 15.14 -0.67 36.53
N LYS R 62 16.05 -0.62 35.55
CA LYS R 62 15.90 0.17 34.34
C LYS R 62 14.90 -0.57 33.42
N VAL R 63 15.15 -1.87 33.19
CA VAL R 63 14.34 -2.75 32.34
C VAL R 63 14.44 -4.22 32.82
N VAL R 64 13.33 -4.97 32.72
CA VAL R 64 13.20 -6.38 33.13
C VAL R 64 12.66 -7.22 31.96
N PHE R 65 13.27 -8.38 31.72
CA PHE R 65 12.89 -9.31 30.65
C PHE R 65 12.73 -10.73 31.17
N LEU R 66 11.82 -11.47 30.57
CA LEU R 66 11.59 -12.88 30.87
C LEU R 66 11.77 -13.63 29.55
N VAL R 67 12.85 -14.41 29.46
CA VAL R 67 13.27 -15.12 28.25
C VAL R 67 13.22 -16.64 28.46
N ASP R 68 12.70 -17.39 27.48
CA ASP R 68 12.69 -18.85 27.51
C ASP R 68 14.08 -19.29 27.04
N LYS R 69 14.57 -20.44 27.53
CA LYS R 69 15.88 -20.99 27.17
C LYS R 69 16.05 -21.26 25.66
N ASN R 70 14.94 -21.33 24.91
CA ASN R 70 14.93 -21.54 23.45
C ASN R 70 15.12 -20.21 22.67
N GLY R 71 15.16 -19.09 23.39
CA GLY R 71 15.35 -17.77 22.82
C GLY R 71 14.11 -16.92 22.65
N GLN R 72 12.94 -17.45 23.03
CA GLN R 72 11.69 -16.71 22.90
C GLN R 72 11.48 -15.75 24.08
N LEU R 73 11.09 -14.50 23.78
CA LEU R 73 10.79 -13.50 24.79
C LEU R 73 9.36 -13.77 25.28
N ILE R 74 9.21 -13.98 26.60
CA ILE R 74 7.92 -14.27 27.24
C ILE R 74 7.26 -12.95 27.67
N SER R 75 7.99 -12.12 28.43
CA SER R 75 7.52 -10.85 28.97
C SER R 75 8.65 -9.82 29.05
N SER R 76 8.28 -8.53 29.12
CA SER R 76 9.19 -7.40 29.26
C SER R 76 8.50 -6.23 29.96
N ALA R 77 9.24 -5.54 30.84
CA ALA R 77 8.75 -4.39 31.60
C ALA R 77 9.85 -3.33 31.73
N GLY R 78 9.45 -2.07 31.84
CA GLY R 78 10.36 -0.94 32.00
C GLY R 78 10.70 -0.20 30.73
N GLN R 79 11.92 0.36 30.68
CA GLN R 79 12.43 1.14 29.54
C GLN R 79 12.86 0.23 28.38
N THR R 80 11.87 -0.44 27.75
CA THR R 80 12.06 -1.36 26.64
C THR R 80 12.25 -0.67 25.28
N GLN R 81 11.97 0.65 25.21
CA GLN R 81 12.00 1.48 24.00
C GLN R 81 13.25 1.40 23.08
N ASN R 82 14.45 1.81 23.51
CA ASN R 82 15.62 1.81 22.63
C ASN R 82 16.40 0.47 22.64
N ILE R 83 15.74 -0.63 23.06
CA ILE R 83 16.35 -1.96 23.16
C ILE R 83 15.63 -2.96 22.24
N ASP R 84 16.41 -3.69 21.41
CA ASP R 84 15.89 -4.76 20.54
C ASP R 84 15.65 -5.98 21.44
N THR R 85 14.38 -6.14 21.88
CA THR R 85 13.91 -7.20 22.77
C THR R 85 14.16 -8.61 22.22
N THR R 86 13.89 -8.80 20.92
CA THR R 86 14.06 -10.08 20.23
C THR R 86 15.53 -10.50 20.17
N SER R 87 16.43 -9.56 19.84
CA SER R 87 17.87 -9.81 19.77
C SER R 87 18.47 -10.08 21.16
N LEU R 88 17.96 -9.37 22.19
CA LEU R 88 18.38 -9.53 23.58
C LEU R 88 18.04 -10.94 24.08
N ALA R 89 16.82 -11.43 23.77
CA ALA R 89 16.33 -12.75 24.13
C ALA R 89 17.19 -13.86 23.49
N SER R 90 17.59 -13.66 22.22
CA SER R 90 18.40 -14.60 21.44
C SER R 90 19.81 -14.73 22.02
N LEU R 91 20.43 -13.59 22.39
CA LEU R 91 21.78 -13.53 22.97
C LEU R 91 21.79 -14.05 24.41
N THR R 92 20.68 -13.88 25.15
CA THR R 92 20.51 -14.39 26.53
C THR R 92 20.55 -15.92 26.48
N ALA R 93 19.77 -16.52 25.57
CA ALA R 93 19.69 -17.96 25.35
C ALA R 93 21.06 -18.57 25.00
N GLY R 94 21.81 -17.89 24.13
CA GLY R 94 23.15 -18.29 23.71
C GLY R 94 24.14 -18.30 24.85
N ASN R 95 24.05 -17.29 25.74
CA ASN R 95 24.89 -17.14 26.92
C ASN R 95 24.55 -18.18 27.99
N VAL R 96 23.25 -18.37 28.29
CA VAL R 96 22.75 -19.33 29.28
C VAL R 96 23.12 -20.78 28.88
N ALA R 97 23.03 -21.11 27.57
CA ALA R 97 23.38 -22.43 27.05
C ALA R 97 24.87 -22.70 27.21
N ALA R 98 25.73 -21.69 26.93
CA ALA R 98 27.19 -21.78 27.09
C ALA R 98 27.55 -21.91 28.56
N MET R 99 26.83 -21.20 29.44
CA MET R 99 27.02 -21.25 30.89
C MET R 99 26.59 -22.59 31.48
N GLY R 100 25.53 -23.16 30.93
CA GLY R 100 24.98 -24.45 31.34
C GLY R 100 25.96 -25.59 31.08
N GLY R 101 26.59 -25.55 29.91
CA GLY R 101 27.60 -26.52 29.49
C GLY R 101 28.89 -26.38 30.27
N LEU R 102 29.21 -25.14 30.66
CA LEU R 102 30.38 -24.79 31.46
C LEU R 102 30.22 -25.29 32.89
N ALA R 103 29.00 -25.16 33.47
CA ALA R 103 28.65 -25.64 34.80
C ALA R 103 28.79 -27.16 34.87
N LYS R 104 28.30 -27.87 33.84
CA LYS R 104 28.36 -29.33 33.71
C LYS R 104 29.80 -29.83 33.60
N LEU R 105 30.68 -29.03 32.98
CA LEU R 105 32.10 -29.34 32.79
C LEU R 105 32.88 -29.31 34.12
N ILE R 106 32.48 -28.44 35.06
CA ILE R 106 33.10 -28.28 36.38
C ILE R 106 32.41 -29.19 37.44
N GLY R 107 31.49 -30.05 36.99
CA GLY R 107 30.75 -30.98 37.83
C GLY R 107 29.80 -30.26 38.78
N GLU R 108 29.17 -29.20 38.27
CA GLU R 108 28.26 -28.36 39.02
C GLU R 108 26.91 -28.28 38.30
N ASN R 109 25.83 -28.08 39.06
CA ASN R 109 24.49 -27.89 38.50
C ASN R 109 24.45 -26.47 37.93
N GLU R 110 23.54 -26.21 36.98
CA GLU R 110 23.39 -24.89 36.34
C GLU R 110 23.43 -23.77 37.38
N PHE R 111 24.24 -22.71 37.12
CA PHE R 111 24.38 -21.56 38.01
C PHE R 111 23.04 -20.81 38.09
N PRO R 112 22.38 -20.79 39.28
CA PRO R 112 21.07 -20.13 39.37
C PRO R 112 21.10 -18.63 39.11
N ASN R 113 22.16 -17.94 39.56
CA ASN R 113 22.32 -16.49 39.43
C ASN R 113 23.60 -16.10 38.74
N GLN R 114 23.51 -15.22 37.73
CA GLN R 114 24.63 -14.72 36.93
C GLN R 114 24.64 -13.19 36.98
N PHE R 115 25.74 -12.61 37.49
CA PHE R 115 25.90 -11.17 37.63
C PHE R 115 26.99 -10.63 36.70
N HIS R 116 26.67 -9.59 35.93
CA HIS R 116 27.60 -8.97 35.01
C HIS R 116 27.63 -7.47 35.31
N GLU R 117 28.76 -7.00 35.86
CA GLU R 117 28.96 -5.61 36.27
C GLU R 117 29.51 -4.77 35.10
N GLY R 118 28.91 -3.61 34.89
CA GLY R 118 29.30 -2.67 33.85
C GLY R 118 29.77 -1.35 34.42
N ALA R 119 30.00 -0.35 33.55
CA ALA R 119 30.46 0.98 33.94
C ALA R 119 29.36 1.87 34.51
N LYS R 120 28.19 1.90 33.84
CA LYS R 120 27.02 2.70 34.23
C LYS R 120 25.87 1.80 34.67
N ASP R 121 25.61 0.73 33.89
CA ASP R 121 24.54 -0.24 34.16
C ASP R 121 25.07 -1.65 34.33
N SER R 122 24.43 -2.42 35.24
CA SER R 122 24.76 -3.82 35.51
C SER R 122 23.62 -4.73 35.08
N LEU R 123 23.92 -6.03 34.92
CA LEU R 123 22.97 -7.03 34.47
C LEU R 123 22.91 -8.22 35.43
N TYR R 124 21.69 -8.71 35.68
CA TYR R 124 21.46 -9.87 36.54
C TYR R 124 20.57 -10.89 35.83
N MET R 125 20.97 -12.15 35.88
CA MET R 125 20.23 -13.26 35.26
C MET R 125 19.94 -14.34 36.26
N THR R 126 18.67 -14.76 36.33
CA THR R 126 18.22 -15.79 37.25
C THR R 126 17.42 -16.86 36.52
N ILE R 127 17.83 -18.13 36.68
CA ILE R 127 17.12 -19.24 36.06
C ILE R 127 15.94 -19.65 36.94
N VAL R 128 14.73 -19.58 36.37
CA VAL R 128 13.47 -19.91 37.03
C VAL R 128 12.94 -21.26 36.51
N GLY R 129 13.00 -22.28 37.36
CA GLY R 129 12.54 -23.65 37.07
C GLY R 129 13.24 -24.37 35.93
N SER R 130 14.53 -24.04 35.68
CA SER R 130 15.40 -24.61 34.65
C SER R 130 14.76 -24.67 33.23
N ARG R 131 14.03 -23.60 32.85
CA ARG R 131 13.35 -23.45 31.56
C ARG R 131 13.24 -21.99 31.14
N VAL R 132 13.14 -21.09 32.13
CA VAL R 132 12.95 -19.65 31.95
C VAL R 132 14.10 -18.87 32.60
N VAL R 133 14.49 -17.73 32.00
CA VAL R 133 15.56 -16.83 32.45
C VAL R 133 14.97 -15.44 32.72
N LEU R 134 15.17 -14.93 33.94
CA LEU R 134 14.74 -13.61 34.36
C LEU R 134 15.93 -12.66 34.25
N VAL R 135 15.88 -11.71 33.31
CA VAL R 135 16.93 -10.74 33.03
C VAL R 135 16.55 -9.39 33.65
N VAL R 136 17.42 -8.85 34.50
CA VAL R 136 17.23 -7.57 35.18
C VAL R 136 18.41 -6.64 34.89
N ILE R 137 18.13 -5.49 34.27
CA ILE R 137 19.11 -4.46 33.94
C ILE R 137 18.83 -3.27 34.86
N PHE R 138 19.86 -2.81 35.58
CA PHE R 138 19.76 -1.73 36.55
C PHE R 138 20.99 -0.85 36.58
N ASP R 139 20.83 0.40 37.05
CA ASP R 139 21.92 1.38 37.20
C ASP R 139 22.78 0.95 38.39
N ASN R 140 24.11 1.10 38.27
CA ASN R 140 25.10 0.76 39.30
C ASN R 140 24.89 1.46 40.65
N ARG R 141 24.19 2.61 40.64
CA ARG R 141 23.88 3.41 41.83
C ARG R 141 22.86 2.72 42.74
N THR R 142 22.08 1.75 42.20
CA THR R 142 21.09 0.97 42.96
C THR R 142 21.84 -0.10 43.78
N SER R 143 21.39 -0.31 45.04
CA SER R 143 21.98 -1.29 45.97
C SER R 143 21.89 -2.70 45.39
N LEU R 144 23.03 -3.42 45.40
CA LEU R 144 23.15 -4.79 44.90
C LEU R 144 22.34 -5.75 45.76
N GLY R 145 22.30 -5.48 47.07
CA GLY R 145 21.54 -6.25 48.06
C GLY R 145 20.05 -6.13 47.83
N LEU R 146 19.59 -4.92 47.44
CA LEU R 146 18.18 -4.61 47.17
C LEU R 146 17.70 -5.36 45.92
N VAL R 147 18.43 -5.26 44.79
CA VAL R 147 18.07 -5.92 43.53
C VAL R 147 18.00 -7.44 43.70
N ARG R 148 19.02 -8.03 44.37
CA ARG R 148 19.13 -9.47 44.65
C ARG R 148 17.96 -10.01 45.48
N LEU R 149 17.55 -9.23 46.51
CA LEU R 149 16.45 -9.59 47.41
C LEU R 149 15.12 -9.58 46.68
N ARG R 150 14.91 -8.58 45.80
CA ARG R 150 13.68 -8.46 45.01
C ARG R 150 13.60 -9.50 43.89
N ILE R 151 14.75 -9.83 43.28
CA ILE R 151 14.86 -10.84 42.21
C ILE R 151 14.47 -12.23 42.78
N LYS R 152 14.92 -12.54 44.00
CA LYS R 152 14.62 -13.79 44.72
C LYS R 152 13.10 -13.91 44.95
N LYS R 153 12.45 -12.82 45.38
CA LYS R 153 11.00 -12.76 45.61
C LYS R 153 10.22 -12.94 44.29
N ALA R 154 10.73 -12.32 43.19
CA ALA R 154 10.14 -12.42 41.85
C ALA R 154 10.28 -13.83 41.29
N SER R 155 11.46 -14.46 41.46
CA SER R 155 11.76 -15.82 41.02
C SER R 155 10.87 -16.84 41.73
N ASP R 156 10.68 -16.68 43.06
CA ASP R 156 9.82 -17.53 43.89
C ASP R 156 8.36 -17.41 43.46
N GLU R 157 7.91 -16.17 43.14
CA GLU R 157 6.56 -15.87 42.65
C GLU R 157 6.35 -16.51 41.28
N LEU R 158 7.36 -16.43 40.38
CA LEU R 158 7.32 -17.00 39.05
C LEU R 158 7.31 -18.53 39.07
N THR R 159 8.14 -19.15 39.94
CA THR R 159 8.23 -20.61 40.12
C THR R 159 6.86 -21.18 40.50
N LYS R 160 6.11 -20.51 41.41
CA LYS R 160 4.76 -20.92 41.83
C LYS R 160 3.75 -20.82 40.68
N ILE R 161 3.92 -19.84 39.76
CA ILE R 161 3.05 -19.65 38.59
C ILE R 161 3.31 -20.77 37.57
N PHE R 162 4.60 -21.02 37.23
CA PHE R 162 5.02 -22.04 36.27
C PHE R 162 4.75 -23.49 36.74
N GLU R 163 4.68 -23.72 38.06
CA GLU R 163 4.39 -25.04 38.65
C GLU R 163 2.91 -25.37 38.58
N SER R 164 2.03 -24.34 38.49
CA SER R 164 0.59 -24.52 38.35
C SER R 164 0.23 -24.86 36.89
N LEU R 165 1.19 -24.62 35.96
CA LEU R 165 1.08 -24.89 34.53
C LEU R 165 1.51 -26.33 34.17
N VAL R 166 1.70 -27.19 35.18
CA VAL R 166 2.08 -28.59 34.99
C VAL R 166 0.78 -29.39 35.00
N LYS R 167 0.59 -30.21 33.96
CA LYS R 167 -0.63 -31.00 33.78
C LYS R 167 -0.35 -32.50 33.59
N LYS R 168 -1.42 -33.27 33.43
CA LYS R 168 -1.39 -34.70 33.12
C LYS R 168 -1.15 -34.78 31.60
N THR R 169 -0.50 -35.88 31.12
CA THR R 169 -0.08 -36.12 29.72
C THR R 169 0.65 -34.86 29.18
N ASP R 170 1.64 -34.39 29.96
CA ASP R 170 2.47 -33.22 29.69
C ASP R 170 3.95 -33.59 29.65
N LEU S 38 15.77 -24.46 -4.98
CA LEU S 38 16.34 -23.15 -5.31
C LEU S 38 17.75 -22.99 -4.72
N VAL S 39 18.59 -24.04 -4.88
CA VAL S 39 19.93 -24.10 -4.31
C VAL S 39 21.01 -24.57 -5.30
N MET S 40 22.26 -24.14 -5.06
CA MET S 40 23.51 -24.48 -5.74
C MET S 40 24.39 -25.06 -4.62
N TYR S 41 25.32 -26.00 -4.94
CA TYR S 41 26.12 -26.63 -3.88
C TYR S 41 27.63 -26.81 -4.16
N GLU S 42 28.46 -26.60 -3.10
CA GLU S 42 29.93 -26.81 -2.93
C GLU S 42 30.86 -26.22 -3.98
N GLU S 43 32.07 -25.81 -3.57
CA GLU S 43 33.07 -25.23 -4.49
C GLU S 43 34.32 -26.12 -4.75
N GLU S 44 34.47 -26.95 -5.84
CA GLU S 44 33.68 -27.41 -7.00
C GLU S 44 33.02 -26.28 -7.84
N PHE S 45 32.28 -25.38 -7.19
CA PHE S 45 31.64 -24.22 -7.80
C PHE S 45 32.65 -23.21 -8.35
N THR S 46 33.80 -23.03 -7.67
CA THR S 46 34.86 -22.11 -8.11
C THR S 46 35.49 -22.62 -9.42
N LYS S 47 35.61 -23.96 -9.55
CA LYS S 47 36.13 -24.63 -10.74
C LYS S 47 35.23 -24.42 -11.94
N ILE S 48 33.88 -24.41 -11.72
CA ILE S 48 32.86 -24.19 -12.74
C ILE S 48 32.97 -22.75 -13.32
N ASN S 49 33.10 -21.74 -12.44
CA ASN S 49 33.25 -20.34 -12.82
C ASN S 49 34.55 -20.11 -13.58
N ALA S 50 35.63 -20.84 -13.19
CA ALA S 50 36.95 -20.78 -13.81
C ALA S 50 36.88 -21.28 -15.26
N VAL S 51 36.07 -22.33 -15.52
CA VAL S 51 35.86 -22.91 -16.86
C VAL S 51 35.16 -21.85 -17.74
N CYS S 52 34.11 -21.19 -17.21
CA CYS S 52 33.33 -20.14 -17.87
C CYS S 52 34.18 -18.91 -18.20
N ASP S 53 35.05 -18.50 -17.25
CA ASP S 53 35.96 -17.36 -17.40
C ASP S 53 37.02 -17.61 -18.45
N ARG S 54 37.61 -18.84 -18.45
CA ARG S 54 38.62 -19.27 -19.40
C ARG S 54 38.01 -19.37 -20.80
N LEU S 55 36.77 -19.89 -20.91
CA LEU S 55 36.03 -20.04 -22.16
C LEU S 55 35.77 -18.68 -22.82
N THR S 56 35.37 -17.67 -22.03
CA THR S 56 35.08 -16.32 -22.54
C THR S 56 36.35 -15.70 -23.14
N LYS S 57 37.50 -15.88 -22.47
CA LYS S 57 38.79 -15.33 -22.91
C LYS S 57 39.40 -16.13 -24.08
N ASP S 58 39.53 -17.47 -23.94
CA ASP S 58 40.13 -18.36 -24.95
C ASP S 58 39.31 -18.49 -26.24
N ALA S 59 37.98 -18.72 -26.15
CA ALA S 59 37.12 -18.80 -27.36
C ALA S 59 36.79 -17.41 -27.92
N ASN S 60 37.27 -16.35 -27.24
CA ASN S 60 37.13 -14.92 -27.52
C ASN S 60 35.68 -14.45 -27.37
N ALA S 61 34.78 -15.26 -26.76
CA ALA S 61 33.33 -15.07 -26.56
C ALA S 61 32.93 -13.75 -25.95
N LYS S 62 31.72 -13.26 -26.31
CA LYS S 62 31.16 -12.01 -25.80
C LYS S 62 30.67 -12.27 -24.38
N VAL S 63 29.86 -13.33 -24.19
CA VAL S 63 29.28 -13.74 -22.91
C VAL S 63 29.03 -15.26 -22.88
N VAL S 64 29.24 -15.88 -21.70
CA VAL S 64 29.07 -17.33 -21.46
C VAL S 64 28.13 -17.53 -20.26
N PHE S 65 27.16 -18.46 -20.40
CA PHE S 65 26.19 -18.81 -19.36
C PHE S 65 26.12 -20.30 -19.14
N LEU S 66 25.84 -20.70 -17.90
CA LEU S 66 25.64 -22.09 -17.52
C LEU S 66 24.26 -22.16 -16.87
N VAL S 67 23.30 -22.81 -17.56
CA VAL S 67 21.90 -22.90 -17.17
C VAL S 67 21.50 -24.35 -16.88
N ASP S 68 20.74 -24.58 -15.79
CA ASP S 68 20.21 -25.90 -15.46
C ASP S 68 18.95 -26.08 -16.30
N LYS S 69 18.63 -27.33 -16.68
CA LYS S 69 17.44 -27.66 -17.48
C LYS S 69 16.11 -27.24 -16.84
N ASN S 70 16.12 -26.98 -15.51
CA ASN S 70 14.94 -26.52 -14.76
C ASN S 70 14.74 -24.99 -14.85
N GLY S 71 15.66 -24.30 -15.52
CA GLY S 71 15.62 -22.85 -15.74
C GLY S 71 16.45 -22.00 -14.80
N GLN S 72 17.21 -22.65 -13.88
CA GLN S 72 18.06 -21.95 -12.92
C GLN S 72 19.42 -21.62 -13.51
N LEU S 73 19.88 -20.37 -13.32
CA LEU S 73 21.19 -19.94 -13.79
C LEU S 73 22.24 -20.41 -12.76
N ILE S 74 23.24 -21.17 -13.21
CA ILE S 74 24.31 -21.72 -12.37
C ILE S 74 25.50 -20.74 -12.32
N SER S 75 26.02 -20.35 -13.49
CA SER S 75 27.17 -19.46 -13.63
C SER S 75 27.04 -18.58 -14.87
N SER S 76 27.78 -17.46 -14.89
CA SER S 76 27.83 -16.52 -16.00
C SER S 76 29.18 -15.79 -16.01
N ALA S 77 29.74 -15.57 -17.21
CA ALA S 77 31.03 -14.88 -17.41
C ALA S 77 30.94 -13.99 -18.66
N GLY S 78 31.70 -12.89 -18.65
CA GLY S 78 31.76 -11.95 -19.76
C GLY S 78 30.86 -10.73 -19.63
N GLN S 79 30.42 -10.21 -20.77
CA GLN S 79 29.55 -9.03 -20.87
C GLN S 79 28.08 -9.34 -20.51
N THR S 80 27.86 -9.65 -19.22
CA THR S 80 26.55 -10.00 -18.65
C THR S 80 25.64 -8.80 -18.39
N GLN S 81 26.20 -7.57 -18.40
CA GLN S 81 25.53 -6.32 -18.04
C GLN S 81 24.15 -6.02 -18.71
N ASN S 82 24.05 -5.81 -20.02
CA ASN S 82 22.75 -5.43 -20.61
C ASN S 82 21.88 -6.65 -21.01
N ILE S 83 22.13 -7.81 -20.39
CA ILE S 83 21.40 -9.05 -20.64
C ILE S 83 20.70 -9.54 -19.37
N ASP S 84 19.38 -9.76 -19.44
CA ASP S 84 18.57 -10.27 -18.34
C ASP S 84 18.90 -11.77 -18.22
N THR S 85 19.79 -12.11 -17.27
CA THR S 85 20.28 -13.47 -17.01
C THR S 85 19.17 -14.45 -16.64
N THR S 86 18.20 -14.01 -15.82
CA THR S 86 17.04 -14.79 -15.37
C THR S 86 16.13 -15.17 -16.56
N SER S 87 15.82 -14.18 -17.44
CA SER S 87 14.99 -14.37 -18.63
C SER S 87 15.67 -15.28 -19.65
N LEU S 88 17.01 -15.14 -19.79
CA LEU S 88 17.83 -15.93 -20.70
C LEU S 88 17.79 -17.40 -20.30
N ALA S 89 17.94 -17.67 -18.99
CA ALA S 89 17.96 -19.00 -18.40
C ALA S 89 16.60 -19.71 -18.61
N SER S 90 15.50 -18.96 -18.44
CA SER S 90 14.12 -19.43 -18.60
C SER S 90 13.81 -19.80 -20.06
N LEU S 91 14.24 -18.96 -21.03
CA LEU S 91 14.04 -19.20 -22.46
C LEU S 91 14.91 -20.34 -22.96
N THR S 92 16.12 -20.51 -22.38
CA THR S 92 17.04 -21.60 -22.71
C THR S 92 16.38 -22.93 -22.36
N ALA S 93 15.84 -23.04 -21.12
CA ALA S 93 15.16 -24.22 -20.59
C ALA S 93 13.95 -24.62 -21.46
N GLY S 94 13.15 -23.62 -21.87
CA GLY S 94 11.98 -23.81 -22.72
C GLY S 94 12.33 -24.33 -24.10
N ASN S 95 13.43 -23.83 -24.67
CA ASN S 95 13.95 -24.23 -25.98
C ASN S 95 14.54 -25.65 -25.95
N VAL S 96 15.37 -25.94 -24.93
CA VAL S 96 16.04 -27.23 -24.75
C VAL S 96 14.99 -28.34 -24.51
N ALA S 97 13.90 -28.05 -23.75
CA ALA S 97 12.81 -29.00 -23.50
C ALA S 97 12.04 -29.31 -24.77
N ALA S 98 11.78 -28.29 -25.62
CA ALA S 98 11.10 -28.43 -26.91
C ALA S 98 11.98 -29.25 -27.89
N MET S 99 13.30 -29.01 -27.84
CA MET S 99 14.29 -29.72 -28.65
C MET S 99 14.43 -31.18 -28.23
N GLY S 100 14.34 -31.42 -26.91
CA GLY S 100 14.43 -32.76 -26.33
C GLY S 100 13.29 -33.64 -26.77
N GLY S 101 12.08 -33.06 -26.79
CA GLY S 101 10.85 -33.74 -27.20
C GLY S 101 10.83 -34.00 -28.70
N LEU S 102 11.44 -33.10 -29.46
CA LEU S 102 11.57 -33.18 -30.91
C LEU S 102 12.54 -34.31 -31.30
N ALA S 103 13.66 -34.43 -30.56
CA ALA S 103 14.66 -35.48 -30.75
C ALA S 103 14.05 -36.86 -30.48
N LYS S 104 13.26 -36.99 -29.39
CA LYS S 104 12.57 -38.21 -28.99
C LYS S 104 11.53 -38.65 -30.01
N LEU S 105 10.88 -37.67 -30.69
CA LEU S 105 9.87 -37.90 -31.72
C LEU S 105 10.46 -38.56 -32.96
N ILE S 106 11.72 -38.21 -33.30
CA ILE S 106 12.42 -38.75 -34.47
C ILE S 106 13.28 -40.00 -34.12
N GLY S 107 13.09 -40.52 -32.89
CA GLY S 107 13.80 -41.69 -32.38
C GLY S 107 15.29 -41.46 -32.23
N GLU S 108 15.64 -40.27 -31.77
CA GLU S 108 17.03 -39.83 -31.58
C GLU S 108 17.23 -39.35 -30.14
N ASN S 109 18.47 -39.47 -29.63
CA ASN S 109 18.83 -38.98 -28.32
C ASN S 109 18.95 -37.45 -28.44
N GLU S 110 18.80 -36.73 -27.32
CA GLU S 110 18.90 -35.28 -27.24
C GLU S 110 20.09 -34.75 -28.05
N PHE S 111 19.86 -33.71 -28.88
CA PHE S 111 20.90 -33.07 -29.71
C PHE S 111 21.94 -32.40 -28.80
N PRO S 112 23.20 -32.89 -28.77
CA PRO S 112 24.20 -32.32 -27.85
C PRO S 112 24.58 -30.88 -28.13
N ASN S 113 24.64 -30.49 -29.41
CA ASN S 113 25.04 -29.14 -29.83
C ASN S 113 23.99 -28.47 -30.70
N GLN S 114 23.67 -27.20 -30.37
CA GLN S 114 22.70 -26.37 -31.08
C GLN S 114 23.36 -25.04 -31.48
N PHE S 115 23.45 -24.76 -32.79
CA PHE S 115 24.05 -23.53 -33.32
C PHE S 115 23.00 -22.64 -33.98
N HIS S 116 22.97 -21.35 -33.58
CA HIS S 116 22.05 -20.36 -34.12
C HIS S 116 22.87 -19.16 -34.63
N GLU S 117 22.89 -18.98 -35.95
CA GLU S 117 23.66 -17.93 -36.62
C GLU S 117 22.86 -16.65 -36.77
N GLY S 118 23.50 -15.52 -36.44
CA GLY S 118 22.91 -14.19 -36.55
C GLY S 118 23.66 -13.30 -37.53
N ALA S 119 23.30 -12.00 -37.58
CA ALA S 119 23.94 -11.04 -38.49
C ALA S 119 25.28 -10.51 -37.97
N LYS S 120 25.36 -10.17 -36.68
CA LYS S 120 26.56 -9.65 -36.02
C LYS S 120 27.10 -10.66 -35.00
N ASP S 121 26.20 -11.25 -34.19
CA ASP S 121 26.56 -12.23 -33.15
C ASP S 121 25.84 -13.57 -33.36
N SER S 122 26.52 -14.68 -33.03
CA SER S 122 25.99 -16.03 -33.10
C SER S 122 25.86 -16.66 -31.70
N LEU S 123 25.03 -17.71 -31.59
CA LEU S 123 24.76 -18.41 -30.33
C LEU S 123 25.04 -19.90 -30.44
N TYR S 124 25.64 -20.47 -29.38
CA TYR S 124 25.97 -21.89 -29.30
C TYR S 124 25.48 -22.47 -27.99
N MET S 125 24.79 -23.63 -28.06
CA MET S 125 24.28 -24.33 -26.88
C MET S 125 24.76 -25.77 -26.84
N THR S 126 25.31 -26.18 -25.69
CA THR S 126 25.84 -27.52 -25.50
C THR S 126 25.30 -28.14 -24.21
N ILE S 127 24.70 -29.34 -24.33
CA ILE S 127 24.18 -30.07 -23.18
C ILE S 127 25.32 -30.83 -22.50
N VAL S 128 25.53 -30.53 -21.21
CA VAL S 128 26.58 -31.12 -20.38
C VAL S 128 25.93 -32.10 -19.38
N GLY S 129 26.14 -33.40 -19.60
CA GLY S 129 25.66 -34.48 -18.76
C GLY S 129 24.15 -34.62 -18.62
N SER S 130 23.42 -34.21 -19.67
CA SER S 130 21.94 -34.24 -19.78
C SER S 130 21.20 -33.65 -18.55
N ARG S 131 21.73 -32.55 -18.00
CA ARG S 131 21.17 -31.84 -16.83
C ARG S 131 21.47 -30.34 -16.90
N VAL S 132 22.61 -29.97 -17.51
CA VAL S 132 23.12 -28.61 -17.61
C VAL S 132 23.30 -28.19 -19.08
N VAL S 133 23.08 -26.89 -19.39
CA VAL S 133 23.20 -26.29 -20.72
C VAL S 133 24.26 -25.17 -20.68
N LEU S 134 25.27 -25.26 -21.55
CA LEU S 134 26.34 -24.28 -21.68
C LEU S 134 25.98 -23.38 -22.88
N VAL S 135 25.67 -22.12 -22.60
CA VAL S 135 25.30 -21.11 -23.60
C VAL S 135 26.50 -20.19 -23.87
N VAL S 136 26.91 -20.09 -25.15
CA VAL S 136 28.05 -19.28 -25.59
C VAL S 136 27.59 -18.30 -26.68
N ILE S 137 27.75 -17.00 -26.42
CA ILE S 137 27.42 -15.94 -27.37
C ILE S 137 28.74 -15.30 -27.82
N PHE S 138 28.94 -15.26 -29.16
CA PHE S 138 30.13 -14.70 -29.74
C PHE S 138 29.91 -13.95 -31.07
N ASP S 139 30.86 -13.04 -31.42
CA ASP S 139 30.85 -12.24 -32.64
C ASP S 139 31.18 -13.13 -33.83
N ASN S 140 30.46 -12.92 -34.94
CA ASN S 140 30.60 -13.67 -36.19
C ASN S 140 32.01 -13.61 -36.81
N ARG S 141 32.81 -12.58 -36.45
CA ARG S 141 34.17 -12.44 -36.96
C ARG S 141 35.15 -13.49 -36.39
N THR S 142 34.80 -14.10 -35.25
CA THR S 142 35.60 -15.15 -34.60
C THR S 142 35.39 -16.47 -35.35
N SER S 143 36.47 -17.25 -35.50
CA SER S 143 36.47 -18.55 -36.18
C SER S 143 35.48 -19.54 -35.52
N LEU S 144 34.62 -20.17 -36.34
CA LEU S 144 33.62 -21.15 -35.89
C LEU S 144 34.31 -22.41 -35.36
N GLY S 145 35.43 -22.77 -35.98
CA GLY S 145 36.25 -23.92 -35.59
C GLY S 145 36.88 -23.73 -34.23
N LEU S 146 37.30 -22.47 -33.93
CA LEU S 146 37.92 -22.07 -32.66
C LEU S 146 36.92 -22.15 -31.51
N VAL S 147 35.73 -21.52 -31.66
CA VAL S 147 34.69 -21.53 -30.62
C VAL S 147 34.23 -22.96 -30.29
N ARG S 148 33.99 -23.80 -31.34
CA ARG S 148 33.56 -25.19 -31.22
C ARG S 148 34.57 -26.08 -30.50
N LEU S 149 35.88 -25.87 -30.78
CA LEU S 149 36.98 -26.61 -30.16
C LEU S 149 37.09 -26.28 -28.68
N ARG S 150 36.92 -25.00 -28.32
CA ARG S 150 36.98 -24.53 -26.95
C ARG S 150 35.76 -24.95 -26.13
N ILE S 151 34.56 -24.96 -26.76
CA ILE S 151 33.30 -25.39 -26.14
C ILE S 151 33.38 -26.87 -25.73
N LYS S 152 33.94 -27.71 -26.63
CA LYS S 152 34.15 -29.15 -26.42
C LYS S 152 35.04 -29.39 -25.20
N LYS S 153 36.15 -28.62 -25.09
CA LYS S 153 37.11 -28.69 -23.98
C LYS S 153 36.45 -28.27 -22.67
N ALA S 154 35.62 -27.21 -22.72
CA ALA S 154 34.88 -26.68 -21.57
C ALA S 154 33.82 -27.67 -21.09
N SER S 155 33.07 -28.29 -22.03
CA SER S 155 32.04 -29.30 -21.77
C SER S 155 32.64 -30.53 -21.10
N ASP S 156 33.80 -31.02 -21.60
CA ASP S 156 34.52 -32.17 -21.06
C ASP S 156 35.02 -31.88 -19.64
N GLU S 157 35.51 -30.64 -19.40
CA GLU S 157 35.98 -30.18 -18.10
C GLU S 157 34.81 -30.10 -17.11
N LEU S 158 33.64 -29.60 -17.58
CA LEU S 158 32.44 -29.48 -16.77
C LEU S 158 31.84 -30.84 -16.40
N THR S 159 31.80 -31.80 -17.36
CA THR S 159 31.30 -33.17 -17.17
C THR S 159 32.06 -33.87 -16.03
N LYS S 160 33.40 -33.71 -15.99
CA LYS S 160 34.26 -34.29 -14.95
C LYS S 160 33.99 -33.67 -13.57
N ILE S 161 33.62 -32.37 -13.52
CA ILE S 161 33.30 -31.64 -12.29
C ILE S 161 31.95 -32.12 -11.74
N PHE S 162 30.90 -32.18 -12.61
CA PHE S 162 29.55 -32.60 -12.25
C PHE S 162 29.46 -34.09 -11.84
N GLU S 163 30.38 -34.94 -12.34
CA GLU S 163 30.42 -36.36 -12.02
C GLU S 163 31.03 -36.61 -10.63
N SER S 164 31.85 -35.65 -10.13
CA SER S 164 32.47 -35.73 -8.81
C SER S 164 31.49 -35.28 -7.73
N VAL T 39 -13.02 -19.23 -55.95
CA VAL T 39 -12.16 -20.41 -55.90
C VAL T 39 -11.06 -20.28 -54.83
N MET T 40 -10.51 -21.43 -54.39
CA MET T 40 -9.45 -21.49 -53.38
C MET T 40 -8.18 -22.14 -53.94
N TYR T 41 -7.02 -21.87 -53.30
CA TYR T 41 -5.70 -22.36 -53.72
C TYR T 41 -4.93 -22.99 -52.53
N GLU T 42 -4.73 -24.34 -52.46
CA GLU T 42 -5.04 -25.49 -53.33
C GLU T 42 -4.01 -25.64 -54.46
N GLU T 43 -3.99 -24.75 -55.47
CA GLU T 43 -3.00 -24.85 -56.54
C GLU T 43 -1.62 -24.45 -56.05
N GLU T 44 -1.55 -23.44 -55.17
CA GLU T 44 -0.29 -22.97 -54.58
C GLU T 44 0.21 -23.97 -53.53
N PHE T 45 -0.73 -24.70 -52.89
CA PHE T 45 -0.42 -25.74 -51.91
C PHE T 45 0.29 -26.95 -52.55
N THR T 46 -0.05 -27.31 -53.80
CA THR T 46 0.56 -28.43 -54.54
C THR T 46 2.03 -28.09 -54.85
N LYS T 47 2.31 -26.79 -55.14
CA LYS T 47 3.64 -26.26 -55.44
C LYS T 47 4.54 -26.36 -54.20
N ILE T 48 3.97 -26.12 -53.00
CA ILE T 48 4.64 -26.20 -51.70
C ILE T 48 5.11 -27.63 -51.41
N ASN T 49 4.22 -28.63 -51.63
CA ASN T 49 4.51 -30.06 -51.44
C ASN T 49 5.59 -30.53 -52.41
N ALA T 50 5.58 -29.99 -53.65
CA ALA T 50 6.54 -30.29 -54.71
C ALA T 50 7.95 -29.83 -54.30
N VAL T 51 8.06 -28.66 -53.63
CA VAL T 51 9.32 -28.10 -53.12
C VAL T 51 9.89 -29.04 -52.04
N CYS T 52 9.02 -29.48 -51.10
CA CYS T 52 9.37 -30.40 -50.00
C CYS T 52 9.81 -31.77 -50.51
N ASP T 53 9.13 -32.30 -51.55
CA ASP T 53 9.44 -33.59 -52.17
C ASP T 53 10.80 -33.55 -52.88
N ARG T 54 11.06 -32.45 -53.63
CA ARG T 54 12.31 -32.22 -54.35
C ARG T 54 13.46 -32.07 -53.37
N LEU T 55 13.23 -31.35 -52.24
CA LEU T 55 14.23 -31.11 -51.19
C LEU T 55 14.67 -32.41 -50.52
N THR T 56 13.73 -33.33 -50.24
CA THR T 56 14.01 -34.62 -49.61
C THR T 56 14.92 -35.48 -50.51
N LYS T 57 14.63 -35.48 -51.83
CA LYS T 57 15.39 -36.25 -52.82
C LYS T 57 16.76 -35.61 -53.13
N ASP T 58 16.77 -34.31 -53.51
CA ASP T 58 17.98 -33.57 -53.88
C ASP T 58 18.98 -33.39 -52.74
N ALA T 59 18.52 -32.92 -51.56
CA ALA T 59 19.39 -32.73 -50.39
C ALA T 59 19.72 -34.06 -49.68
N ASN T 60 19.13 -35.18 -50.17
CA ASN T 60 19.25 -36.54 -49.63
C ASN T 60 18.85 -36.58 -48.15
N ALA T 61 17.78 -35.84 -47.82
CA ALA T 61 17.22 -35.73 -46.47
C ALA T 61 16.40 -36.96 -46.13
N LYS T 62 16.31 -37.25 -44.81
CA LYS T 62 15.54 -38.38 -44.27
C LYS T 62 14.05 -37.99 -44.33
N VAL T 63 13.72 -36.81 -43.78
CA VAL T 63 12.36 -36.26 -43.71
C VAL T 63 12.39 -34.72 -43.70
N VAL T 64 11.41 -34.08 -44.38
CA VAL T 64 11.26 -32.63 -44.50
C VAL T 64 9.86 -32.21 -44.04
N PHE T 65 9.78 -31.12 -43.24
CA PHE T 65 8.54 -30.58 -42.71
C PHE T 65 8.45 -29.08 -42.93
N LEU T 66 7.23 -28.58 -43.12
CA LEU T 66 6.94 -27.15 -43.26
C LEU T 66 5.91 -26.82 -42.18
N VAL T 67 6.35 -26.05 -41.17
CA VAL T 67 5.56 -25.72 -39.99
C VAL T 67 5.31 -24.21 -39.90
N ASP T 68 4.07 -23.81 -39.58
CA ASP T 68 3.72 -22.40 -39.37
C ASP T 68 4.16 -22.06 -37.94
N LYS T 69 4.56 -20.80 -37.70
CA LYS T 69 5.00 -20.34 -36.37
C LYS T 69 3.95 -20.52 -35.26
N ASN T 70 2.66 -20.70 -35.64
CA ASN T 70 1.55 -20.92 -34.71
C ASN T 70 1.41 -22.39 -34.30
N GLY T 71 2.24 -23.27 -34.88
CA GLY T 71 2.26 -24.70 -34.59
C GLY T 71 1.56 -25.60 -35.57
N GLN T 72 0.98 -25.03 -36.63
CA GLN T 72 0.25 -25.80 -37.64
C GLN T 72 1.19 -26.39 -38.67
N LEU T 73 1.04 -27.69 -38.98
CA LEU T 73 1.82 -28.37 -40.01
C LEU T 73 1.21 -28.01 -41.35
N ILE T 74 2.03 -27.45 -42.25
CA ILE T 74 1.62 -27.04 -43.59
C ILE T 74 1.85 -28.21 -44.57
N SER T 75 3.08 -28.74 -44.60
CA SER T 75 3.47 -29.82 -45.49
C SER T 75 4.53 -30.73 -44.87
N SER T 76 4.66 -31.96 -45.40
CA SER T 76 5.63 -32.96 -44.97
C SER T 76 5.99 -33.91 -46.13
N ALA T 77 7.27 -34.30 -46.21
CA ALA T 77 7.79 -35.20 -47.24
C ALA T 77 8.88 -36.11 -46.67
N GLY T 78 9.03 -37.29 -47.26
CA GLY T 78 10.03 -38.28 -46.85
C GLY T 78 9.52 -39.35 -45.93
N GLN T 79 10.39 -39.85 -45.03
CA GLN T 79 10.09 -40.91 -44.07
C GLN T 79 9.25 -40.37 -42.88
N THR T 80 8.00 -39.96 -43.16
CA THR T 80 7.05 -39.40 -42.20
C THR T 80 6.34 -40.47 -41.37
N GLN T 81 6.45 -41.76 -41.76
CA GLN T 81 5.75 -42.91 -41.16
C GLN T 81 5.79 -43.05 -39.62
N ASN T 82 6.93 -43.33 -38.97
CA ASN T 82 6.95 -43.53 -37.52
C ASN T 82 7.17 -42.22 -36.72
N ILE T 83 6.80 -41.07 -37.32
CA ILE T 83 6.95 -39.75 -36.68
C ILE T 83 5.58 -39.08 -36.52
N ASP T 84 5.26 -38.60 -35.29
CA ASP T 84 4.05 -37.85 -34.99
C ASP T 84 4.28 -36.42 -35.53
N THR T 85 3.77 -36.16 -36.75
CA THR T 85 3.90 -34.91 -37.48
C THR T 85 3.30 -33.72 -36.73
N THR T 86 2.12 -33.92 -36.11
CA THR T 86 1.41 -32.90 -35.36
C THR T 86 2.19 -32.45 -34.12
N SER T 87 2.74 -33.43 -33.37
CA SER T 87 3.55 -33.18 -32.17
C SER T 87 4.89 -32.51 -32.52
N LEU T 88 5.48 -32.89 -33.66
CA LEU T 88 6.74 -32.32 -34.16
C LEU T 88 6.55 -30.84 -34.48
N ALA T 89 5.43 -30.48 -35.14
CA ALA T 89 5.06 -29.12 -35.52
C ALA T 89 4.88 -28.24 -34.28
N SER T 90 4.24 -28.79 -33.22
CA SER T 90 3.98 -28.11 -31.95
C SER T 90 5.28 -27.79 -31.21
N LEU T 91 6.21 -28.76 -31.17
CA LEU T 91 7.52 -28.61 -30.50
C LEU T 91 8.45 -27.68 -31.29
N THR T 92 8.33 -27.64 -32.64
CA THR T 92 9.09 -26.75 -33.51
C THR T 92 8.70 -25.29 -33.19
N ALA T 93 7.38 -25.01 -33.12
CA ALA T 93 6.83 -23.70 -32.81
C ALA T 93 7.29 -23.20 -31.44
N GLY T 94 7.31 -24.08 -30.45
CA GLY T 94 7.76 -23.79 -29.10
C GLY T 94 9.23 -23.40 -29.05
N ASN T 95 10.06 -24.10 -29.83
CA ASN T 95 11.49 -23.85 -29.94
C ASN T 95 11.78 -22.54 -30.68
N VAL T 96 11.11 -22.30 -31.83
CA VAL T 96 11.28 -21.10 -32.66
C VAL T 96 10.87 -19.84 -31.88
N ALA T 97 9.79 -19.92 -31.08
CA ALA T 97 9.31 -18.82 -30.25
C ALA T 97 10.33 -18.47 -29.16
N ALA T 98 10.91 -19.50 -28.50
CA ALA T 98 11.93 -19.35 -27.47
C ALA T 98 13.22 -18.79 -28.07
N MET T 99 13.56 -19.21 -29.30
CA MET T 99 14.72 -18.75 -30.04
C MET T 99 14.57 -17.29 -30.48
N GLY T 100 13.34 -16.90 -30.85
CA GLY T 100 13.00 -15.54 -31.26
C GLY T 100 13.19 -14.55 -30.13
N GLY T 101 12.76 -14.93 -28.93
CA GLY T 101 12.89 -14.13 -27.71
C GLY T 101 14.33 -14.04 -27.23
N LEU T 102 15.09 -15.10 -27.48
CA LEU T 102 16.51 -15.22 -27.13
C LEU T 102 17.35 -14.33 -28.05
N ALA T 103 17.00 -14.28 -29.35
CA ALA T 103 17.65 -13.42 -30.35
C ALA T 103 17.46 -11.94 -29.98
N LYS T 104 16.22 -11.56 -29.59
CA LYS T 104 15.85 -10.21 -29.17
C LYS T 104 16.60 -9.77 -27.92
N LEU T 105 16.89 -10.74 -27.01
CA LEU T 105 17.61 -10.51 -25.76
C LEU T 105 19.07 -10.13 -26.00
N ILE T 106 19.69 -10.69 -27.05
CA ILE T 106 21.09 -10.43 -27.40
C ILE T 106 21.23 -9.28 -28.43
N GLY T 107 20.12 -8.58 -28.68
CA GLY T 107 20.05 -7.44 -29.60
C GLY T 107 20.28 -7.85 -31.04
N GLU T 108 19.73 -9.00 -31.42
CA GLU T 108 19.85 -9.59 -32.74
C GLU T 108 18.47 -9.86 -33.33
N ASN T 109 18.34 -9.81 -34.65
CA ASN T 109 17.10 -10.14 -35.35
C ASN T 109 16.97 -11.67 -35.32
N GLU T 110 15.74 -12.21 -35.50
CA GLU T 110 15.46 -13.64 -35.50
C GLU T 110 16.51 -14.40 -36.33
N PHE T 111 17.10 -15.47 -35.75
CA PHE T 111 18.11 -16.29 -36.43
C PHE T 111 17.48 -16.98 -37.65
N PRO T 112 17.93 -16.65 -38.89
CA PRO T 112 17.33 -17.27 -40.08
C PRO T 112 17.52 -18.77 -40.20
N ASN T 113 18.71 -19.26 -39.78
CA ASN T 113 19.08 -20.67 -39.84
C ASN T 113 19.53 -21.21 -38.49
N GLN T 114 18.94 -22.34 -38.08
CA GLN T 114 19.22 -23.02 -36.82
C GLN T 114 19.68 -24.45 -37.10
N PHE T 115 20.91 -24.78 -36.70
CA PHE T 115 21.49 -26.10 -36.90
C PHE T 115 21.67 -26.84 -35.60
N HIS T 116 21.17 -28.08 -35.52
CA HIS T 116 21.29 -28.92 -34.34
C HIS T 116 21.93 -30.24 -34.77
N GLU T 117 23.18 -30.46 -34.33
CA GLU T 117 23.97 -31.65 -34.67
C GLU T 117 23.68 -32.79 -33.67
N GLY T 118 23.50 -34.00 -34.17
CA GLY T 118 23.04 -35.10 -33.31
C GLY T 118 23.54 -36.51 -32.98
N ALA T 119 24.66 -37.06 -33.52
CA ALA T 119 25.19 -38.42 -33.25
C ALA T 119 24.33 -39.55 -33.88
N LYS T 120 24.08 -39.40 -35.18
CA LYS T 120 23.45 -40.21 -36.23
C LYS T 120 22.77 -39.28 -37.22
N ASP T 121 21.77 -38.52 -36.76
CA ASP T 121 21.01 -37.58 -37.58
C ASP T 121 21.10 -36.16 -37.07
N SER T 122 21.12 -35.19 -38.00
CA SER T 122 21.16 -33.77 -37.70
C SER T 122 19.87 -33.08 -38.14
N LEU T 123 19.62 -31.90 -37.60
CA LEU T 123 18.41 -31.13 -37.87
C LEU T 123 18.75 -29.71 -38.31
N TYR T 124 18.00 -29.22 -39.31
CA TYR T 124 18.16 -27.87 -39.84
C TYR T 124 16.82 -27.17 -39.89
N MET T 125 16.78 -25.92 -39.39
CA MET T 125 15.57 -25.10 -39.39
C MET T 125 15.82 -23.76 -40.05
N THR T 126 14.95 -23.40 -41.00
CA THR T 126 15.08 -22.16 -41.75
C THR T 126 13.76 -21.40 -41.74
N ILE T 127 13.81 -20.13 -41.32
CA ILE T 127 12.62 -19.29 -41.26
C ILE T 127 12.39 -18.67 -42.65
N VAL T 128 11.22 -18.96 -43.24
CA VAL T 128 10.79 -18.51 -44.57
C VAL T 128 9.74 -17.39 -44.40
N GLY T 129 10.14 -16.16 -44.72
CA GLY T 129 9.31 -14.96 -44.65
C GLY T 129 8.75 -14.58 -43.29
N SER T 130 9.50 -14.93 -42.20
CA SER T 130 9.17 -14.68 -40.79
C SER T 130 7.71 -15.06 -40.40
N ARG T 131 7.25 -16.23 -40.90
CA ARG T 131 5.91 -16.77 -40.66
C ARG T 131 5.89 -18.31 -40.71
N VAL T 132 6.79 -18.87 -41.54
CA VAL T 132 6.89 -20.31 -41.81
C VAL T 132 8.31 -20.81 -41.47
N VAL T 133 8.40 -22.07 -40.98
CA VAL T 133 9.65 -22.74 -40.59
C VAL T 133 9.82 -24.01 -41.43
N LEU T 134 10.95 -24.11 -42.13
CA LEU T 134 11.30 -25.28 -42.95
C LEU T 134 12.24 -26.15 -42.12
N VAL T 135 11.76 -27.34 -41.73
CA VAL T 135 12.50 -28.32 -40.91
C VAL T 135 13.03 -29.44 -41.81
N VAL T 136 14.35 -29.65 -41.78
CA VAL T 136 15.03 -30.68 -42.57
C VAL T 136 15.83 -31.60 -41.64
N ILE T 137 15.50 -32.89 -41.65
CA ILE T 137 16.18 -33.92 -40.87
C ILE T 137 16.96 -34.79 -41.85
N PHE T 138 18.26 -34.95 -41.60
CA PHE T 138 19.16 -35.70 -42.48
C PHE T 138 20.23 -36.46 -41.71
N ASP T 139 20.76 -37.52 -42.33
CA ASP T 139 21.82 -38.35 -41.76
C ASP T 139 23.14 -37.56 -41.80
N ASN T 140 23.96 -37.67 -40.75
CA ASN T 140 25.26 -36.98 -40.61
C ASN T 140 26.26 -37.28 -41.74
N ARG T 141 26.08 -38.42 -42.43
CA ARG T 141 26.92 -38.87 -43.54
C ARG T 141 26.76 -37.96 -44.79
N THR T 142 25.61 -37.26 -44.90
CA THR T 142 25.31 -36.33 -46.00
C THR T 142 26.08 -35.03 -45.78
N SER T 143 26.62 -34.46 -46.88
CA SER T 143 27.39 -33.21 -46.87
C SER T 143 26.56 -32.03 -46.33
N LEU T 144 27.13 -31.29 -45.37
CA LEU T 144 26.50 -30.13 -44.75
C LEU T 144 26.35 -28.99 -45.76
N GLY T 145 27.32 -28.86 -46.67
CA GLY T 145 27.30 -27.87 -47.73
C GLY T 145 26.21 -28.12 -48.73
N LEU T 146 25.94 -29.41 -49.03
CA LEU T 146 24.91 -29.86 -49.97
C LEU T 146 23.51 -29.56 -49.43
N VAL T 147 23.22 -29.96 -48.16
CA VAL T 147 21.92 -29.72 -47.52
C VAL T 147 21.60 -28.22 -47.46
N ARG T 148 22.59 -27.40 -47.02
CA ARG T 148 22.47 -25.94 -46.90
C ARG T 148 22.18 -25.24 -48.23
N LEU T 149 22.83 -25.69 -49.32
CA LEU T 149 22.66 -25.14 -50.66
C LEU T 149 21.26 -25.45 -51.20
N ARG T 150 20.75 -26.66 -50.94
CA ARG T 150 19.41 -27.08 -51.37
C ARG T 150 18.32 -26.42 -50.55
N ILE T 151 18.54 -26.23 -49.23
CA ILE T 151 17.61 -25.56 -48.30
C ILE T 151 17.39 -24.11 -48.75
N LYS T 152 18.48 -23.41 -49.13
CA LYS T 152 18.45 -22.02 -49.61
C LYS T 152 17.58 -21.90 -50.88
N LYS T 153 17.75 -22.85 -51.83
CA LYS T 153 16.98 -22.92 -53.07
C LYS T 153 15.50 -23.18 -52.79
N ALA T 154 15.20 -24.06 -51.82
CA ALA T 154 13.85 -24.42 -51.38
C ALA T 154 13.17 -23.22 -50.70
N SER T 155 13.91 -22.52 -49.81
CA SER T 155 13.45 -21.33 -49.08
C SER T 155 13.08 -20.19 -50.05
N ASP T 156 13.95 -19.95 -51.07
CA ASP T 156 13.73 -18.93 -52.10
C ASP T 156 12.50 -19.25 -52.95
N GLU T 157 12.30 -20.55 -53.28
CA GLU T 157 11.15 -21.05 -54.03
C GLU T 157 9.88 -20.87 -53.21
N LEU T 158 9.94 -21.16 -51.90
CA LEU T 158 8.81 -21.03 -50.97
C LEU T 158 8.42 -19.57 -50.75
N THR T 159 9.42 -18.67 -50.58
CA THR T 159 9.19 -17.22 -50.40
C THR T 159 8.39 -16.63 -51.57
N LYS T 160 8.72 -17.03 -52.82
CA LYS T 160 8.02 -16.58 -54.03
C LYS T 160 6.58 -17.09 -54.07
N ILE T 161 6.31 -18.30 -53.53
CA ILE T 161 4.97 -18.90 -53.46
C ILE T 161 4.11 -18.17 -52.43
N PHE T 162 4.65 -17.94 -51.21
CA PHE T 162 3.95 -17.26 -50.11
C PHE T 162 3.66 -15.78 -50.39
N GLU T 163 4.49 -15.14 -51.24
CA GLU T 163 4.31 -13.73 -51.63
C GLU T 163 3.18 -13.56 -52.66
N SER T 164 2.85 -14.62 -53.41
CA SER T 164 1.78 -14.59 -54.41
C SER T 164 0.43 -14.83 -53.74
#